data_2WGR
# 
_entry.id   2WGR 
# 
_audit_conform.dict_name       mmcif_pdbx.dic 
_audit_conform.dict_version    5.382 
_audit_conform.dict_location   http://mmcif.pdb.org/dictionaries/ascii/mmcif_pdbx.dic 
# 
loop_
_database_2.database_id 
_database_2.database_code 
_database_2.pdbx_database_accession 
_database_2.pdbx_DOI 
PDB   2WGR         pdb_00002wgr 10.2210/pdb2wgr/pdb 
PDBE  EBI-39587    ?            ?                   
WWPDB D_1290039587 ?            ?                   
# 
_pdbx_database_related.db_name        PDB 
_pdbx_database_related.db_id          2V1M 
_pdbx_database_related.content_type   unspecified 
_pdbx_database_related.details        'CRYSTAL STRUCTURE OF SCHISTOSOMA MANSONI GLUTATHIONE PEROXIDASE' 
# 
_pdbx_database_status.status_code                     REL 
_pdbx_database_status.entry_id                        2WGR 
_pdbx_database_status.deposit_site                    PDBE 
_pdbx_database_status.process_site                    PDBE 
_pdbx_database_status.SG_entry                        . 
_pdbx_database_status.recvd_initial_deposition_date   2009-04-24 
_pdbx_database_status.pdb_format_compatible           Y 
_pdbx_database_status.status_code_sf                  REL 
_pdbx_database_status.status_code_mr                  ? 
_pdbx_database_status.status_code_cs                  ? 
_pdbx_database_status.methods_development_category    ? 
_pdbx_database_status.status_code_nmr_data            ? 
# 
loop_
_audit_author.name 
_audit_author.pdbx_ordinal 
'Dimastrogiovanni, D.' 1 
'Anselmi, M.'          2 
'Miele, A.E.'          3 
'Boumis, G.'           4 
'Angelucci, F.'        5 
'Di Nola, A.'          6 
'Brunori, M.'          7 
'Bellelli, A.'         8 
# 
_citation.id                        primary 
_citation.title                     
'Combining Crystallography and Molecular Dynamics: The Case of Schistosoma Mansoni Phospholipid Glutathione Peroxidase.' 
_citation.journal_abbrev            Proteins 
_citation.journal_volume            78 
_citation.page_first                259 
_citation.page_last                 ? 
_citation.year                      2010 
_citation.journal_id_ASTM           PSFGEY 
_citation.country                   US 
_citation.journal_id_ISSN           0887-3585 
_citation.journal_id_CSD            0867 
_citation.book_publisher            ? 
_citation.pdbx_database_id_PubMed   19714775 
_citation.pdbx_database_id_DOI      10.1002/PROT.22536 
# 
loop_
_citation_author.citation_id 
_citation_author.name 
_citation_author.ordinal 
_citation_author.identifier_ORCID 
primary 'Dimastrogiovanni, D.' 1 ? 
primary 'Anselmi, M.'          2 ? 
primary 'Miele, A.E.'          3 ? 
primary 'Boumis, G.'           4 ? 
primary 'Petersson, L.'        5 ? 
primary 'Angelucci, F.'        6 ? 
primary 'Nola, A.D.'           7 ? 
primary 'Brunori, M.'          8 ? 
primary 'Bellelli, A.'         9 ? 
# 
_cell.entry_id           2WGR 
_cell.length_a           39.913 
_cell.length_b           51.170 
_cell.length_c           90.622 
_cell.angle_alpha        90.00 
_cell.angle_beta         90.00 
_cell.angle_gamma        90.00 
_cell.Z_PDB              4 
_cell.pdbx_unique_axis   ? 
# 
_symmetry.entry_id                         2WGR 
_symmetry.space_group_name_H-M             'P 21 21 21' 
_symmetry.pdbx_full_space_group_name_H-M   ? 
_symmetry.cell_setting                     ? 
_symmetry.Int_Tables_number                19 
# 
loop_
_entity.id 
_entity.type 
_entity.src_method 
_entity.pdbx_description 
_entity.formula_weight 
_entity.pdbx_number_of_molecules 
_entity.pdbx_ec 
_entity.pdbx_mutation 
_entity.pdbx_fragment 
_entity.details 
1 polymer     man 'GLUTATHIONE PEROXIDASE' 19437.193 1   1.11.1.9 YES ? ? 
2 non-polymer syn 'PYROPHOSPHATE 2-'       175.959   1   ?        ?   ? ? 
3 water       nat water                    18.015    140 ?        ?   ? ? 
# 
_entity_name_com.entity_id   1 
_entity_name_com.name        'PHOSPHOLIPID-HYDROPEROXIDE GLUTATHIONE PEROXIDASE, GPX' 
# 
_entity_poly.entity_id                      1 
_entity_poly.type                           'polypeptide(L)' 
_entity_poly.nstd_linkage                   no 
_entity_poly.nstd_monomer                   no 
_entity_poly.pdbx_seq_one_letter_code       
;MSSSHKSWNSIYEFTVKDINGVDVSLEKYRGHVCLIVNVACKSGATDKNYRQLQEMHTRLVGKGLRILAFPCNQFGGQEP
WAEAEIKKFVTEKYGVQFDMFSKIKVNGSDADDLYKFLKSRQHGTLTNNIKWNFSKFLVDRQGQPVKRYSPTTAPYDIEG
DIMELLEKK
;
_entity_poly.pdbx_seq_one_letter_code_can   
;MSSSHKSWNSIYEFTVKDINGVDVSLEKYRGHVCLIVNVACKSGATDKNYRQLQEMHTRLVGKGLRILAFPCNQFGGQEP
WAEAEIKKFVTEKYGVQFDMFSKIKVNGSDADDLYKFLKSRQHGTLTNNIKWNFSKFLVDRQGQPVKRYSPTTAPYDIEG
DIMELLEKK
;
_entity_poly.pdbx_strand_id                 A 
_entity_poly.pdbx_target_identifier         ? 
# 
loop_
_entity_poly_seq.entity_id 
_entity_poly_seq.num 
_entity_poly_seq.mon_id 
_entity_poly_seq.hetero 
1 1   MET n 
1 2   SER n 
1 3   SER n 
1 4   SER n 
1 5   HIS n 
1 6   LYS n 
1 7   SER n 
1 8   TRP n 
1 9   ASN n 
1 10  SER n 
1 11  ILE n 
1 12  TYR n 
1 13  GLU n 
1 14  PHE n 
1 15  THR n 
1 16  VAL n 
1 17  LYS n 
1 18  ASP n 
1 19  ILE n 
1 20  ASN n 
1 21  GLY n 
1 22  VAL n 
1 23  ASP n 
1 24  VAL n 
1 25  SER n 
1 26  LEU n 
1 27  GLU n 
1 28  LYS n 
1 29  TYR n 
1 30  ARG n 
1 31  GLY n 
1 32  HIS n 
1 33  VAL n 
1 34  CYS n 
1 35  LEU n 
1 36  ILE n 
1 37  VAL n 
1 38  ASN n 
1 39  VAL n 
1 40  ALA n 
1 41  CYS n 
1 42  LYS n 
1 43  SER n 
1 44  GLY n 
1 45  ALA n 
1 46  THR n 
1 47  ASP n 
1 48  LYS n 
1 49  ASN n 
1 50  TYR n 
1 51  ARG n 
1 52  GLN n 
1 53  LEU n 
1 54  GLN n 
1 55  GLU n 
1 56  MET n 
1 57  HIS n 
1 58  THR n 
1 59  ARG n 
1 60  LEU n 
1 61  VAL n 
1 62  GLY n 
1 63  LYS n 
1 64  GLY n 
1 65  LEU n 
1 66  ARG n 
1 67  ILE n 
1 68  LEU n 
1 69  ALA n 
1 70  PHE n 
1 71  PRO n 
1 72  CYS n 
1 73  ASN n 
1 74  GLN n 
1 75  PHE n 
1 76  GLY n 
1 77  GLY n 
1 78  GLN n 
1 79  GLU n 
1 80  PRO n 
1 81  TRP n 
1 82  ALA n 
1 83  GLU n 
1 84  ALA n 
1 85  GLU n 
1 86  ILE n 
1 87  LYS n 
1 88  LYS n 
1 89  PHE n 
1 90  VAL n 
1 91  THR n 
1 92  GLU n 
1 93  LYS n 
1 94  TYR n 
1 95  GLY n 
1 96  VAL n 
1 97  GLN n 
1 98  PHE n 
1 99  ASP n 
1 100 MET n 
1 101 PHE n 
1 102 SER n 
1 103 LYS n 
1 104 ILE n 
1 105 LYS n 
1 106 VAL n 
1 107 ASN n 
1 108 GLY n 
1 109 SER n 
1 110 ASP n 
1 111 ALA n 
1 112 ASP n 
1 113 ASP n 
1 114 LEU n 
1 115 TYR n 
1 116 LYS n 
1 117 PHE n 
1 118 LEU n 
1 119 LYS n 
1 120 SER n 
1 121 ARG n 
1 122 GLN n 
1 123 HIS n 
1 124 GLY n 
1 125 THR n 
1 126 LEU n 
1 127 THR n 
1 128 ASN n 
1 129 ASN n 
1 130 ILE n 
1 131 LYS n 
1 132 TRP n 
1 133 ASN n 
1 134 PHE n 
1 135 SER n 
1 136 LYS n 
1 137 PHE n 
1 138 LEU n 
1 139 VAL n 
1 140 ASP n 
1 141 ARG n 
1 142 GLN n 
1 143 GLY n 
1 144 GLN n 
1 145 PRO n 
1 146 VAL n 
1 147 LYS n 
1 148 ARG n 
1 149 TYR n 
1 150 SER n 
1 151 PRO n 
1 152 THR n 
1 153 THR n 
1 154 ALA n 
1 155 PRO n 
1 156 TYR n 
1 157 ASP n 
1 158 ILE n 
1 159 GLU n 
1 160 GLY n 
1 161 ASP n 
1 162 ILE n 
1 163 MET n 
1 164 GLU n 
1 165 LEU n 
1 166 LEU n 
1 167 GLU n 
1 168 LYS n 
1 169 LYS n 
# 
_entity_src_gen.entity_id                          1 
_entity_src_gen.pdbx_src_id                        1 
_entity_src_gen.pdbx_alt_source_flag               sample 
_entity_src_gen.pdbx_seq_type                      ? 
_entity_src_gen.pdbx_beg_seq_num                   ? 
_entity_src_gen.pdbx_end_seq_num                   ? 
_entity_src_gen.gene_src_common_name               ? 
_entity_src_gen.gene_src_genus                     ? 
_entity_src_gen.pdbx_gene_src_gene                 ? 
_entity_src_gen.gene_src_species                   ? 
_entity_src_gen.gene_src_strain                    ? 
_entity_src_gen.gene_src_tissue                    ? 
_entity_src_gen.gene_src_tissue_fraction           ? 
_entity_src_gen.gene_src_details                   ? 
_entity_src_gen.pdbx_gene_src_fragment             ? 
_entity_src_gen.pdbx_gene_src_scientific_name      'SCHISTOSOMA MANSONI' 
_entity_src_gen.pdbx_gene_src_ncbi_taxonomy_id     6183 
_entity_src_gen.pdbx_gene_src_variant              ? 
_entity_src_gen.pdbx_gene_src_cell_line            ? 
_entity_src_gen.pdbx_gene_src_atcc                 ? 
_entity_src_gen.pdbx_gene_src_organ                ? 
_entity_src_gen.pdbx_gene_src_organelle            ? 
_entity_src_gen.pdbx_gene_src_cell                 ? 
_entity_src_gen.pdbx_gene_src_cellular_location    ? 
_entity_src_gen.host_org_common_name               ? 
_entity_src_gen.pdbx_host_org_scientific_name      'ESCHERICHIA COLI' 
_entity_src_gen.pdbx_host_org_ncbi_taxonomy_id     469008 
_entity_src_gen.host_org_genus                     ? 
_entity_src_gen.pdbx_host_org_gene                 ? 
_entity_src_gen.pdbx_host_org_organ                ? 
_entity_src_gen.host_org_species                   ? 
_entity_src_gen.pdbx_host_org_tissue               ? 
_entity_src_gen.pdbx_host_org_tissue_fraction      ? 
_entity_src_gen.pdbx_host_org_strain               'BL21(DE3)' 
_entity_src_gen.pdbx_host_org_variant              ? 
_entity_src_gen.pdbx_host_org_cell_line            ? 
_entity_src_gen.pdbx_host_org_atcc                 ? 
_entity_src_gen.pdbx_host_org_culture_collection   ? 
_entity_src_gen.pdbx_host_org_cell                 ? 
_entity_src_gen.pdbx_host_org_organelle            ? 
_entity_src_gen.pdbx_host_org_cellular_location    ? 
_entity_src_gen.pdbx_host_org_vector_type          PLASMID 
_entity_src_gen.pdbx_host_org_vector               ? 
_entity_src_gen.host_org_details                   ? 
_entity_src_gen.expression_system_id               ? 
_entity_src_gen.plasmid_name                       PGEX-4T1 
_entity_src_gen.plasmid_details                    ? 
_entity_src_gen.pdbx_description                   ? 
# 
_struct_ref.id                         1 
_struct_ref.db_name                    UNP 
_struct_ref.db_code                    GPX1_SCHMA 
_struct_ref.entity_id                  1 
_struct_ref.pdbx_seq_one_letter_code   ? 
_struct_ref.pdbx_align_begin           ? 
_struct_ref.pdbx_db_accession          Q00277 
_struct_ref.pdbx_db_isoform            ? 
# 
_struct_ref_seq.align_id                      1 
_struct_ref_seq.ref_id                        1 
_struct_ref_seq.pdbx_PDB_id_code              2WGR 
_struct_ref_seq.pdbx_strand_id                A 
_struct_ref_seq.seq_align_beg                 1 
_struct_ref_seq.pdbx_seq_align_beg_ins_code   ? 
_struct_ref_seq.seq_align_end                 169 
_struct_ref_seq.pdbx_seq_align_end_ins_code   ? 
_struct_ref_seq.pdbx_db_accession             Q00277 
_struct_ref_seq.db_align_beg                  1 
_struct_ref_seq.pdbx_db_align_beg_ins_code    ? 
_struct_ref_seq.db_align_end                  169 
_struct_ref_seq.pdbx_db_align_end_ins_code    ? 
_struct_ref_seq.pdbx_auth_seq_align_beg       1 
_struct_ref_seq.pdbx_auth_seq_align_end       169 
# 
_struct_ref_seq_dif.align_id                     1 
_struct_ref_seq_dif.pdbx_pdb_id_code             2WGR 
_struct_ref_seq_dif.mon_id                       SER 
_struct_ref_seq_dif.pdbx_pdb_strand_id           A 
_struct_ref_seq_dif.seq_num                      43 
_struct_ref_seq_dif.pdbx_pdb_ins_code            ? 
_struct_ref_seq_dif.pdbx_seq_db_name             UNP 
_struct_ref_seq_dif.pdbx_seq_db_accession_code   Q00277 
_struct_ref_seq_dif.db_mon_id                    SEC 
_struct_ref_seq_dif.pdbx_seq_db_seq_num          43 
_struct_ref_seq_dif.details                      'engineered mutation' 
_struct_ref_seq_dif.pdbx_auth_seq_num            43 
_struct_ref_seq_dif.pdbx_ordinal                 1 
# 
loop_
_chem_comp.id 
_chem_comp.type 
_chem_comp.mon_nstd_flag 
_chem_comp.name 
_chem_comp.pdbx_synonyms 
_chem_comp.formula 
_chem_comp.formula_weight 
ALA 'L-peptide linking' y ALANINE            ? 'C3 H7 N O2'     89.093  
ARG 'L-peptide linking' y ARGININE           ? 'C6 H15 N4 O2 1' 175.209 
ASN 'L-peptide linking' y ASPARAGINE         ? 'C4 H8 N2 O3'    132.118 
ASP 'L-peptide linking' y 'ASPARTIC ACID'    ? 'C4 H7 N O4'     133.103 
CYS 'L-peptide linking' y CYSTEINE           ? 'C3 H7 N O2 S'   121.158 
GLN 'L-peptide linking' y GLUTAMINE          ? 'C5 H10 N2 O3'   146.144 
GLU 'L-peptide linking' y 'GLUTAMIC ACID'    ? 'C5 H9 N O4'     147.129 
GLY 'peptide linking'   y GLYCINE            ? 'C2 H5 N O2'     75.067  
HIS 'L-peptide linking' y HISTIDINE          ? 'C6 H10 N3 O2 1' 156.162 
HOH non-polymer         . WATER              ? 'H2 O'           18.015  
ILE 'L-peptide linking' y ISOLEUCINE         ? 'C6 H13 N O2'    131.173 
LEU 'L-peptide linking' y LEUCINE            ? 'C6 H13 N O2'    131.173 
LYS 'L-peptide linking' y LYSINE             ? 'C6 H15 N2 O2 1' 147.195 
MET 'L-peptide linking' y METHIONINE         ? 'C5 H11 N O2 S'  149.211 
PHE 'L-peptide linking' y PHENYLALANINE      ? 'C9 H11 N O2'    165.189 
POP non-polymer         . 'PYROPHOSPHATE 2-' ? 'H2 O7 P2 -2'    175.959 
PRO 'L-peptide linking' y PROLINE            ? 'C5 H9 N O2'     115.130 
SEC 'L-peptide linking' y SELENOCYSTEINE     ? 'C3 H7 N O2 Se'  168.053 
SER 'L-peptide linking' y SERINE             ? 'C3 H7 N O3'     105.093 
THR 'L-peptide linking' y THREONINE          ? 'C4 H9 N O3'     119.119 
TRP 'L-peptide linking' y TRYPTOPHAN         ? 'C11 H12 N2 O2'  204.225 
TYR 'L-peptide linking' y TYROSINE           ? 'C9 H11 N O3'    181.189 
VAL 'L-peptide linking' y VALINE             ? 'C5 H11 N O2'    117.146 
# 
_exptl.entry_id          2WGR 
_exptl.method            'X-RAY DIFFRACTION' 
_exptl.crystals_number   1 
# 
_exptl_crystal.id                    1 
_exptl_crystal.density_meas          ? 
_exptl_crystal.density_Matthews      2.4 
_exptl_crystal.density_percent_sol   48.5 
_exptl_crystal.description           NONE 
# 
_exptl_crystal_grow.crystal_id      1 
_exptl_crystal_grow.method          ? 
_exptl_crystal_grow.temp            ? 
_exptl_crystal_grow.temp_details    ? 
_exptl_crystal_grow.pH              6.0 
_exptl_crystal_grow.pdbx_pH_range   ? 
_exptl_crystal_grow.pdbx_details    '0.2M NAH2PO4, 0.1M MES, 32% PEG-MME 5000, PH 6.0' 
# 
_diffrn.id                     1 
_diffrn.ambient_temp           199 
_diffrn.ambient_temp_details   ? 
_diffrn.crystal_id             1 
# 
_diffrn_detector.diffrn_id              1 
_diffrn_detector.detector               CCD 
_diffrn_detector.type                   MARRESEARCH 
_diffrn_detector.pdbx_collection_date   2009-03-05 
_diffrn_detector.details                ? 
# 
_diffrn_radiation.diffrn_id                        1 
_diffrn_radiation.wavelength_id                    1 
_diffrn_radiation.pdbx_monochromatic_or_laue_m_l   M 
_diffrn_radiation.monochromator                    ? 
_diffrn_radiation.pdbx_diffrn_protocol             'SINGLE WAVELENGTH' 
_diffrn_radiation.pdbx_scattering_type             x-ray 
# 
_diffrn_radiation_wavelength.id           1 
_diffrn_radiation_wavelength.wavelength   0.9185 
_diffrn_radiation_wavelength.wt           1.0 
# 
_diffrn_source.diffrn_id                   1 
_diffrn_source.source                      SYNCHROTRON 
_diffrn_source.type                        'BESSY BEAMLINE 14.1' 
_diffrn_source.pdbx_synchrotron_site       BESSY 
_diffrn_source.pdbx_synchrotron_beamline   14.1 
_diffrn_source.pdbx_wavelength             0.9185 
_diffrn_source.pdbx_wavelength_list        ? 
# 
_reflns.pdbx_diffrn_id               1 
_reflns.pdbx_ordinal                 1 
_reflns.entry_id                     2WGR 
_reflns.observed_criterion_sigma_I   2.0 
_reflns.observed_criterion_sigma_F   ? 
_reflns.d_resolution_low             45.31 
_reflns.d_resolution_high            1.70 
_reflns.number_obs                   21068 
_reflns.number_all                   ? 
_reflns.percent_possible_obs         99.7 
_reflns.pdbx_Rmerge_I_obs            0.08 
_reflns.pdbx_Rsym_value              ? 
_reflns.pdbx_netI_over_sigmaI        17.30 
_reflns.B_iso_Wilson_estimate        12.7 
_reflns.pdbx_redundancy              5.3 
# 
_reflns_shell.pdbx_diffrn_id         1 
_reflns_shell.pdbx_ordinal           1 
_reflns_shell.d_res_high             1.70 
_reflns_shell.d_res_low              1.79 
_reflns_shell.percent_possible_all   100.0 
_reflns_shell.Rmerge_I_obs           0.16 
_reflns_shell.pdbx_Rsym_value        ? 
_reflns_shell.meanI_over_sigI_obs    9.30 
_reflns_shell.pdbx_redundancy        5.4 
# 
_refine.pdbx_refine_id                           'X-RAY DIFFRACTION' 
_refine.entry_id                                 2WGR 
_refine.pdbx_diffrn_id                           1 
_refine.pdbx_TLS_residual_ADP_flag               ? 
_refine.ls_number_reflns_obs                     19983 
_refine.ls_number_reflns_all                     ? 
_refine.pdbx_ls_sigma_I                          ? 
_refine.pdbx_ls_sigma_F                          . 
_refine.pdbx_data_cutoff_high_absF               ? 
_refine.pdbx_data_cutoff_low_absF                ? 
_refine.pdbx_data_cutoff_high_rms_absF           ? 
_refine.ls_d_res_low                             90.54 
_refine.ls_d_res_high                            1.70 
_refine.ls_percent_reflns_obs                    99.54 
_refine.ls_R_factor_obs                          0.18355 
_refine.ls_R_factor_all                          ? 
_refine.ls_R_factor_R_work                       0.18203 
_refine.ls_R_factor_R_free                       0.21112 
_refine.ls_R_factor_R_free_error                 ? 
_refine.ls_R_factor_R_free_error_details         ? 
_refine.ls_percent_reflns_R_free                 5.1 
_refine.ls_number_reflns_R_free                  1085 
_refine.ls_number_parameters                     ? 
_refine.ls_number_restraints                     ? 
_refine.occupancy_min                            ? 
_refine.occupancy_max                            ? 
_refine.correlation_coeff_Fo_to_Fc               0.943 
_refine.correlation_coeff_Fo_to_Fc_free          0.918 
_refine.B_iso_mean                               10.591 
_refine.aniso_B[1][1]                            0.26 
_refine.aniso_B[2][2]                            -0.38 
_refine.aniso_B[3][3]                            0.12 
_refine.aniso_B[1][2]                            0.00 
_refine.aniso_B[1][3]                            0.00 
_refine.aniso_B[2][3]                            0.00 
_refine.solvent_model_details                    MASK 
_refine.solvent_model_param_ksol                 ? 
_refine.solvent_model_param_bsol                 ? 
_refine.pdbx_solvent_vdw_probe_radii             1.20 
_refine.pdbx_solvent_ion_probe_radii             0.80 
_refine.pdbx_solvent_shrinkage_radii             0.80 
_refine.pdbx_ls_cross_valid_method               THROUGHOUT 
_refine.details                                  'HYDROGENS HAVE BEEN ADDED IN THE RIDING POSITIONS.' 
_refine.pdbx_starting_model                      'PDB ENTRY 2V1M' 
_refine.pdbx_method_to_determine_struct          'MOLECULAR REPLACEMENT' 
_refine.pdbx_isotropic_thermal_model             ? 
_refine.pdbx_stereochemistry_target_values       'MAXIMUM LIKELIHOOD' 
_refine.pdbx_stereochem_target_val_spec_case     ? 
_refine.pdbx_R_Free_selection_details            RANDOM 
_refine.pdbx_overall_ESU_R                       0.103 
_refine.pdbx_overall_ESU_R_Free                  0.100 
_refine.overall_SU_ML                            0.060 
_refine.pdbx_overall_phase_error                 ? 
_refine.overall_SU_B                             1.737 
_refine.overall_SU_R_Cruickshank_DPI             ? 
_refine.pdbx_overall_SU_R_free_Cruickshank_DPI   ? 
_refine.pdbx_overall_SU_R_Blow_DPI               ? 
_refine.pdbx_overall_SU_R_free_Blow_DPI          ? 
# 
_refine_hist.pdbx_refine_id                   'X-RAY DIFFRACTION' 
_refine_hist.cycle_id                         LAST 
_refine_hist.pdbx_number_atoms_protein        1317 
_refine_hist.pdbx_number_atoms_nucleic_acid   0 
_refine_hist.pdbx_number_atoms_ligand         9 
_refine_hist.number_atoms_solvent             140 
_refine_hist.number_atoms_total               1466 
_refine_hist.d_res_high                       1.70 
_refine_hist.d_res_low                        90.54 
# 
loop_
_refine_ls_restr.type 
_refine_ls_restr.dev_ideal 
_refine_ls_restr.dev_ideal_target 
_refine_ls_restr.weight 
_refine_ls_restr.number 
_refine_ls_restr.pdbx_refine_id 
_refine_ls_restr.pdbx_restraint_function 
r_bond_refined_d             0.015  0.022  ? 1376 'X-RAY DIFFRACTION' ? 
r_bond_other_d               ?      ?      ? ?    'X-RAY DIFFRACTION' ? 
r_angle_refined_deg          1.406  1.957  ? 1859 'X-RAY DIFFRACTION' ? 
r_angle_other_deg            ?      ?      ? ?    'X-RAY DIFFRACTION' ? 
r_dihedral_angle_1_deg       5.847  5.000  ? 166  'X-RAY DIFFRACTION' ? 
r_dihedral_angle_2_deg       39.551 24.545 ? 66   'X-RAY DIFFRACTION' ? 
r_dihedral_angle_3_deg       12.529 15.000 ? 250  'X-RAY DIFFRACTION' ? 
r_dihedral_angle_4_deg       13.178 15.000 ? 7    'X-RAY DIFFRACTION' ? 
r_chiral_restr               0.101  0.200  ? 195  'X-RAY DIFFRACTION' ? 
r_gen_planes_refined         0.007  0.020  ? 1034 'X-RAY DIFFRACTION' ? 
r_gen_planes_other           ?      ?      ? ?    'X-RAY DIFFRACTION' ? 
r_nbd_refined                0.208  0.200  ? 605  'X-RAY DIFFRACTION' ? 
r_nbd_other                  ?      ?      ? ?    'X-RAY DIFFRACTION' ? 
r_nbtor_refined              0.309  0.200  ? 934  'X-RAY DIFFRACTION' ? 
r_nbtor_other                ?      ?      ? ?    'X-RAY DIFFRACTION' ? 
r_xyhbond_nbd_refined        0.150  0.200  ? 99   'X-RAY DIFFRACTION' ? 
r_xyhbond_nbd_other          ?      ?      ? ?    'X-RAY DIFFRACTION' ? 
r_metal_ion_refined          ?      ?      ? ?    'X-RAY DIFFRACTION' ? 
r_metal_ion_other            ?      ?      ? ?    'X-RAY DIFFRACTION' ? 
r_symmetry_vdw_refined       0.320  0.200  ? 37   'X-RAY DIFFRACTION' ? 
r_symmetry_vdw_other         ?      ?      ? ?    'X-RAY DIFFRACTION' ? 
r_symmetry_hbond_refined     0.177  0.200  ? 7    'X-RAY DIFFRACTION' ? 
r_symmetry_hbond_other       ?      ?      ? ?    'X-RAY DIFFRACTION' ? 
r_symmetry_metal_ion_refined ?      ?      ? ?    'X-RAY DIFFRACTION' ? 
r_symmetry_metal_ion_other   ?      ?      ? ?    'X-RAY DIFFRACTION' ? 
r_mcbond_it                  0.950  1.500  ? 839  'X-RAY DIFFRACTION' ? 
r_mcbond_other               ?      ?      ? ?    'X-RAY DIFFRACTION' ? 
r_mcangle_it                 1.368  2.000  ? 1331 'X-RAY DIFFRACTION' ? 
r_mcangle_other              ?      ?      ? ?    'X-RAY DIFFRACTION' ? 
r_scbond_it                  2.254  3.000  ? 607  'X-RAY DIFFRACTION' ? 
r_scbond_other               ?      ?      ? ?    'X-RAY DIFFRACTION' ? 
r_scangle_it                 3.266  4.500  ? 528  'X-RAY DIFFRACTION' ? 
r_scangle_other              ?      ?      ? ?    'X-RAY DIFFRACTION' ? 
r_long_range_B_refined       ?      ?      ? ?    'X-RAY DIFFRACTION' ? 
r_long_range_B_other         ?      ?      ? ?    'X-RAY DIFFRACTION' ? 
r_rigid_bond_restr           ?      ?      ? ?    'X-RAY DIFFRACTION' ? 
r_sphericity_free            ?      ?      ? ?    'X-RAY DIFFRACTION' ? 
r_sphericity_bonded          ?      ?      ? ?    'X-RAY DIFFRACTION' ? 
# 
_refine_ls_shell.pdbx_refine_id                   'X-RAY DIFFRACTION' 
_refine_ls_shell.pdbx_total_number_of_bins_used   20 
_refine_ls_shell.d_res_high                       1.700 
_refine_ls_shell.d_res_low                        1.744 
_refine_ls_shell.number_reflns_R_work             1474 
_refine_ls_shell.R_factor_R_work                  0.204 
_refine_ls_shell.percent_reflns_obs               100.00 
_refine_ls_shell.R_factor_R_free                  0.246 
_refine_ls_shell.R_factor_R_free_error            ? 
_refine_ls_shell.percent_reflns_R_free            ? 
_refine_ls_shell.number_reflns_R_free             83 
_refine_ls_shell.number_reflns_all                ? 
_refine_ls_shell.R_factor_all                     ? 
# 
_struct.entry_id                  2WGR 
_struct.title                     
'Combining crystallography and molecular dynamics: The case of Schistosoma mansoni phospholipid glutathione peroxidase' 
_struct.pdbx_model_details        ? 
_struct.pdbx_CASP_flag            ? 
_struct.pdbx_model_type_details   ? 
# 
_struct_keywords.entry_id        2WGR 
_struct_keywords.pdbx_keywords   OXIDOREDUCTASE 
_struct_keywords.text            
;SELENIUM, OXIDOREDUCTASE, SELENOCYSTEINE, SCHISTOSOMIASIS, LIPID GSH PEROXIDASE, MOLECULAR DYNAMICS SIMULATIONS, ROS DETOXIFICATION PATHWAY
;
# 
loop_
_struct_asym.id 
_struct_asym.pdbx_blank_PDB_chainid_flag 
_struct_asym.pdbx_modified 
_struct_asym.entity_id 
_struct_asym.details 
A N N 1 ? 
B N N 2 ? 
C N N 3 ? 
# 
_struct_biol.id   1 
# 
loop_
_struct_conf.conf_type_id 
_struct_conf.id 
_struct_conf.pdbx_PDB_helix_id 
_struct_conf.beg_label_comp_id 
_struct_conf.beg_label_asym_id 
_struct_conf.beg_label_seq_id 
_struct_conf.pdbx_beg_PDB_ins_code 
_struct_conf.end_label_comp_id 
_struct_conf.end_label_asym_id 
_struct_conf.end_label_seq_id 
_struct_conf.pdbx_end_PDB_ins_code 
_struct_conf.beg_auth_comp_id 
_struct_conf.beg_auth_asym_id 
_struct_conf.beg_auth_seq_id 
_struct_conf.end_auth_comp_id 
_struct_conf.end_auth_asym_id 
_struct_conf.end_auth_seq_id 
_struct_conf.pdbx_PDB_helix_class 
_struct_conf.details 
_struct_conf.pdbx_PDB_helix_length 
HELX_P HELX_P1 1 SER A 10  ? GLU A 13  ? SER A 10  GLU A 13  5 ? 4  
HELX_P HELX_P2 2 GLU A 27  ? ARG A 30  ? GLU A 27  ARG A 30  5 ? 4  
HELX_P HELX_P3 3 ALA A 45  ? VAL A 61  ? ALA A 45  VAL A 61  1 ? 17 
HELX_P HELX_P4 4 ALA A 82  ? GLY A 95  ? ALA A 82  GLY A 95  1 ? 14 
HELX_P HELX_P5 5 ASP A 112 ? GLN A 122 ? ASP A 112 GLN A 122 1 ? 11 
HELX_P HELX_P6 6 ALA A 154 ? ASP A 157 ? ALA A 154 ASP A 157 5 ? 4  
HELX_P HELX_P7 7 ILE A 158 ? GLU A 167 ? ILE A 158 GLU A 167 1 ? 10 
# 
_struct_conf_type.id          HELX_P 
_struct_conf_type.criteria    ? 
_struct_conf_type.reference   ? 
# 
loop_
_struct_sheet.id 
_struct_sheet.type 
_struct_sheet.number_strands 
_struct_sheet.details 
AA ? 2 ? 
AB ? 5 ? 
# 
loop_
_struct_sheet_order.sheet_id 
_struct_sheet_order.range_id_1 
_struct_sheet_order.range_id_2 
_struct_sheet_order.offset 
_struct_sheet_order.sense 
AA 1 2 ? anti-parallel 
AB 1 2 ? parallel      
AB 2 3 ? parallel      
AB 3 4 ? anti-parallel 
AB 4 5 ? anti-parallel 
# 
loop_
_struct_sheet_range.sheet_id 
_struct_sheet_range.id 
_struct_sheet_range.beg_label_comp_id 
_struct_sheet_range.beg_label_asym_id 
_struct_sheet_range.beg_label_seq_id 
_struct_sheet_range.pdbx_beg_PDB_ins_code 
_struct_sheet_range.end_label_comp_id 
_struct_sheet_range.end_label_asym_id 
_struct_sheet_range.end_label_seq_id 
_struct_sheet_range.pdbx_end_PDB_ins_code 
_struct_sheet_range.beg_auth_comp_id 
_struct_sheet_range.beg_auth_asym_id 
_struct_sheet_range.beg_auth_seq_id 
_struct_sheet_range.end_auth_comp_id 
_struct_sheet_range.end_auth_asym_id 
_struct_sheet_range.end_auth_seq_id 
AA 1 THR A 15  ? LYS A 17  ? THR A 15  LYS A 17  
AA 2 ASP A 23  ? SER A 25  ? ASP A 23  SER A 25  
AB 1 ASP A 99  ? MET A 100 ? ASP A 99  MET A 100 
AB 2 LEU A 65  ? PRO A 71  ? LEU A 65  PRO A 71  
AB 3 VAL A 33  ? VAL A 39  ? VAL A 33  VAL A 39  
AB 4 LYS A 136 ? VAL A 139 ? LYS A 136 VAL A 139 
AB 5 PRO A 145 ? TYR A 149 ? PRO A 145 TYR A 149 
# 
loop_
_pdbx_struct_sheet_hbond.sheet_id 
_pdbx_struct_sheet_hbond.range_id_1 
_pdbx_struct_sheet_hbond.range_id_2 
_pdbx_struct_sheet_hbond.range_1_label_atom_id 
_pdbx_struct_sheet_hbond.range_1_label_comp_id 
_pdbx_struct_sheet_hbond.range_1_label_asym_id 
_pdbx_struct_sheet_hbond.range_1_label_seq_id 
_pdbx_struct_sheet_hbond.range_1_PDB_ins_code 
_pdbx_struct_sheet_hbond.range_1_auth_atom_id 
_pdbx_struct_sheet_hbond.range_1_auth_comp_id 
_pdbx_struct_sheet_hbond.range_1_auth_asym_id 
_pdbx_struct_sheet_hbond.range_1_auth_seq_id 
_pdbx_struct_sheet_hbond.range_2_label_atom_id 
_pdbx_struct_sheet_hbond.range_2_label_comp_id 
_pdbx_struct_sheet_hbond.range_2_label_asym_id 
_pdbx_struct_sheet_hbond.range_2_label_seq_id 
_pdbx_struct_sheet_hbond.range_2_PDB_ins_code 
_pdbx_struct_sheet_hbond.range_2_auth_atom_id 
_pdbx_struct_sheet_hbond.range_2_auth_comp_id 
_pdbx_struct_sheet_hbond.range_2_auth_asym_id 
_pdbx_struct_sheet_hbond.range_2_auth_seq_id 
AA 1 2 N VAL A 16  ? N VAL A 16  O VAL A 24  ? O VAL A 24  
AB 1 2 N ASP A 99  ? N ASP A 99  O ILE A 67  ? O ILE A 67  
AB 2 3 N ARG A 66  ? N ARG A 66  O VAL A 33  ? O VAL A 33  
AB 3 4 N ILE A 36  ? N ILE A 36  O PHE A 137 ? O PHE A 137 
AB 4 5 O LEU A 138 ? O LEU A 138 N VAL A 146 ? N VAL A 146 
# 
_struct_site.id                   AC1 
_struct_site.pdbx_evidence_code   Software 
_struct_site.pdbx_auth_asym_id    A 
_struct_site.pdbx_auth_comp_id    POP 
_struct_site.pdbx_auth_seq_id     1170 
_struct_site.pdbx_auth_ins_code   ? 
_struct_site.pdbx_num_residues    12 
_struct_site.details              'BINDING SITE FOR RESIDUE POP A 1170' 
# 
loop_
_struct_site_gen.id 
_struct_site_gen.site_id 
_struct_site_gen.pdbx_num_res 
_struct_site_gen.label_comp_id 
_struct_site_gen.label_asym_id 
_struct_site_gen.label_seq_id 
_struct_site_gen.pdbx_auth_ins_code 
_struct_site_gen.auth_comp_id 
_struct_site_gen.auth_asym_id 
_struct_site_gen.auth_seq_id 
_struct_site_gen.label_atom_id 
_struct_site_gen.label_alt_id 
_struct_site_gen.symmetry 
_struct_site_gen.details 
1  AC1 12 ARG A 59  ? ARG A 59   . ? 3_645 ? 
2  AC1 12 GLY A 124 ? GLY A 124  . ? 1_555 ? 
3  AC1 12 THR A 125 ? THR A 125  . ? 1_555 ? 
4  AC1 12 ASN A 129 ? ASN A 129  . ? 1_555 ? 
5  AC1 12 ILE A 130 ? ILE A 130  . ? 1_555 ? 
6  AC1 12 LYS A 131 ? LYS A 131  . ? 1_555 ? 
7  AC1 12 SER A 135 ? SER A 135  . ? 1_555 ? 
8  AC1 12 ARG A 148 ? ARG A 148  . ? 1_555 ? 
9  AC1 12 TYR A 149 ? TYR A 149  . ? 1_555 ? 
10 AC1 12 SER A 150 ? SER A 150  . ? 1_555 ? 
11 AC1 12 PRO A 151 ? PRO A 151  . ? 1_555 ? 
12 AC1 12 HOH C .   ? HOH A 2140 . ? 1_555 ? 
# 
_atom_sites.entry_id                    2WGR 
_atom_sites.fract_transf_matrix[1][1]   -0.00293966 
_atom_sites.fract_transf_matrix[1][2]   -0.01923492 
_atom_sites.fract_transf_matrix[1][3]   0.01578224 
_atom_sites.fract_transf_matrix[2][1]   -0.00690490 
_atom_sites.fract_transf_matrix[2][2]   0.01221594 
_atom_sites.fract_transf_matrix[2][3]   0.01360228 
_atom_sites.fract_transf_matrix[3][1]   -0.01024176 
_atom_sites.fract_transf_matrix[3][2]   -0.00155482 
_atom_sites.fract_transf_matrix[3][3]   -0.00380265 
_atom_sites.fract_transf_vector[1]      0.304484 
_atom_sites.fract_transf_vector[2]      0.165827 
_atom_sites.fract_transf_vector[3]      0.155488 
# 
loop_
_atom_type.symbol 
C 
N 
O 
P 
S 
# 
loop_
_atom_site.group_PDB 
_atom_site.id 
_atom_site.type_symbol 
_atom_site.label_atom_id 
_atom_site.label_alt_id 
_atom_site.label_comp_id 
_atom_site.label_asym_id 
_atom_site.label_entity_id 
_atom_site.label_seq_id 
_atom_site.pdbx_PDB_ins_code 
_atom_site.Cartn_x 
_atom_site.Cartn_y 
_atom_site.Cartn_z 
_atom_site.occupancy 
_atom_site.B_iso_or_equiv 
_atom_site.pdbx_formal_charge 
_atom_site.auth_seq_id 
_atom_site.auth_comp_id 
_atom_site.auth_asym_id 
_atom_site.auth_atom_id 
_atom_site.pdbx_PDB_model_num 
ATOM   1    N N   . SER A 1 7   ? 20.334  -5.260  7.988   1.00 22.50 ? 7    SER A N   1 
ATOM   2    C CA  . SER A 1 7   ? 20.520  -3.801  8.170   1.00 21.73 ? 7    SER A CA  1 
ATOM   3    C C   . SER A 1 7   ? 19.207  -3.004  8.078   1.00 19.42 ? 7    SER A C   1 
ATOM   4    O O   . SER A 1 7   ? 19.152  -1.877  8.544   1.00 20.78 ? 7    SER A O   1 
ATOM   5    C CB  . SER A 1 7   ? 21.545  -3.260  7.159   1.00 22.63 ? 7    SER A CB  1 
ATOM   6    O OG  . SER A 1 7   ? 21.065  -3.425  5.829   1.00 26.97 ? 7    SER A OG  1 
ATOM   7    N N   . TRP A 1 8   ? 18.178  -3.569  7.449   1.00 15.85 ? 8    TRP A N   1 
ATOM   8    C CA  . TRP A 1 8   ? 16.851  -2.922  7.375   1.00 13.67 ? 8    TRP A CA  1 
ATOM   9    C C   . TRP A 1 8   ? 15.975  -3.288  8.590   1.00 11.81 ? 8    TRP A C   1 
ATOM   10   O O   . TRP A 1 8   ? 15.839  -4.481  8.921   1.00 11.83 ? 8    TRP A O   1 
ATOM   11   C CB  . TRP A 1 8   ? 16.118  -3.346  6.109   1.00 13.67 ? 8    TRP A CB  1 
ATOM   12   C CG  . TRP A 1 8   ? 16.724  -2.923  4.797   1.00 16.61 ? 8    TRP A CG  1 
ATOM   13   C CD1 . TRP A 1 8   ? 17.633  -1.923  4.570   1.00 19.37 ? 8    TRP A CD1 1 
ATOM   14   C CD2 . TRP A 1 8   ? 16.386  -3.461  3.524   1.00 16.04 ? 8    TRP A CD2 1 
ATOM   15   N NE1 . TRP A 1 8   ? 17.904  -1.827  3.210   1.00 20.55 ? 8    TRP A NE1 1 
ATOM   16   C CE2 . TRP A 1 8   ? 17.143  -2.761  2.551   1.00 18.18 ? 8    TRP A CE2 1 
ATOM   17   C CE3 . TRP A 1 8   ? 15.524  -4.489  3.108   1.00 17.26 ? 8    TRP A CE3 1 
ATOM   18   C CZ2 . TRP A 1 8   ? 17.060  -3.055  1.180   1.00 16.63 ? 8    TRP A CZ2 1 
ATOM   19   C CZ3 . TRP A 1 8   ? 15.444  -4.780  1.734   1.00 18.01 ? 8    TRP A CZ3 1 
ATOM   20   C CH2 . TRP A 1 8   ? 16.215  -4.062  0.800   1.00 18.98 ? 8    TRP A CH2 1 
ATOM   21   N N   . ASN A 1 9   ? 15.370  -2.282  9.226   1.00 9.45  ? 9    ASN A N   1 
ATOM   22   C CA  . ASN A 1 9   ? 14.593  -2.534  10.461  1.00 8.53  ? 9    ASN A CA  1 
ATOM   23   C C   . ASN A 1 9   ? 13.182  -1.979  10.502  1.00 7.04  ? 9    ASN A C   1 
ATOM   24   O O   . ASN A 1 9   ? 12.349  -2.495  11.240  1.00 6.92  ? 9    ASN A O   1 
ATOM   25   C CB  . ASN A 1 9   ? 15.338  -2.022  11.685  1.00 8.42  ? 9    ASN A CB  1 
ATOM   26   C CG  . ASN A 1 9   ? 16.457  -2.974  12.096  1.00 10.16 ? 9    ASN A CG  1 
ATOM   27   O OD1 . ASN A 1 9   ? 16.194  -4.069  12.573  1.00 10.55 ? 9    ASN A OD1 1 
ATOM   28   N ND2 . ASN A 1 9   ? 17.701  -2.568  11.870  1.00 13.15 ? 9    ASN A ND2 1 
ATOM   29   N N   . SER A 1 10  ? 12.922  -0.902  9.773   1.00 6.24  ? 10   SER A N   1 
ATOM   30   C CA  . SER A 1 10  ? 11.542  -0.333  9.777   1.00 6.52  ? 10   SER A CA  1 
ATOM   31   C C   . SER A 1 10  ? 11.241  0.392   8.469   1.00 6.74  ? 10   SER A C   1 
ATOM   32   O O   . SER A 1 10  ? 12.148  0.731   7.724   1.00 6.61  ? 10   SER A O   1 
ATOM   33   C CB  . SER A 1 10  ? 11.365  0.622   10.956  1.00 7.49  ? 10   SER A CB  1 
ATOM   34   O OG  . SER A 1 10  ? 11.662  1.947   10.583  1.00 10.21 ? 10   SER A OG  1 
ATOM   35   N N   . ILE A 1 11  ? 9.961   0.644   8.193   1.00 6.93  ? 11   ILE A N   1 
ATOM   36   C CA  . ILE A 1 11  ? 9.646   1.317   6.921   1.00 5.99  ? 11   ILE A CA  1 
ATOM   37   C C   . ILE A 1 11  ? 10.113  2.769   6.914   1.00 6.50  ? 11   ILE A C   1 
ATOM   38   O O   . ILE A 1 11  ? 10.243  3.365   5.850   1.00 5.62  ? 11   ILE A O   1 
ATOM   39   C CB  . ILE A 1 11  ? 8.130   1.232   6.568   1.00 6.45  ? 11   ILE A CB  1 
ATOM   40   C CG1 . ILE A 1 11  ? 7.301   2.105   7.519   1.00 6.47  ? 11   ILE A CG1 1 
ATOM   41   C CG2 . ILE A 1 11  ? 7.672   -0.265  6.509   1.00 7.12  ? 11   ILE A CG2 1 
ATOM   42   C CD1 . ILE A 1 11  ? 5.899   2.434   6.970   1.00 6.85  ? 11   ILE A CD1 1 
ATOM   43   N N   . TYR A 1 12  ? 10.363  3.339   8.103   1.00 6.08  ? 12   TYR A N   1 
ATOM   44   C CA  . TYR A 1 12  ? 10.680  4.776   8.161   1.00 7.40  ? 12   TYR A CA  1 
ATOM   45   C C   . TYR A 1 12  ? 12.041  5.076   7.506   1.00 7.51  ? 12   TYR A C   1 
ATOM   46   O O   . TYR A 1 12  ? 12.356  6.231   7.190   1.00 8.90  ? 12   TYR A O   1 
ATOM   47   C CB  . TYR A 1 12  ? 10.660  5.261   9.610   1.00 7.52  ? 12   TYR A CB  1 
ATOM   48   C CG  . TYR A 1 12  ? 9.350   5.015   10.311  1.00 6.73  ? 12   TYR A CG  1 
ATOM   49   C CD1 . TYR A 1 12  ? 8.127   5.117   9.616   1.00 6.46  ? 12   TYR A CD1 1 
ATOM   50   C CD2 . TYR A 1 12  ? 9.312   4.639   11.656  1.00 10.08 ? 12   TYR A CD2 1 
ATOM   51   C CE1 . TYR A 1 12  ? 6.909   4.894   10.247  1.00 10.31 ? 12   TYR A CE1 1 
ATOM   52   C CE2 . TYR A 1 12  ? 8.086   4.429   12.302  1.00 8.38  ? 12   TYR A CE2 1 
ATOM   53   C CZ  . TYR A 1 12  ? 6.895   4.553   11.606  1.00 9.35  ? 12   TYR A CZ  1 
ATOM   54   O OH  . TYR A 1 12  ? 5.693   4.329   12.228  1.00 11.72 ? 12   TYR A OH  1 
ATOM   55   N N   . GLU A 1 13  ? 12.838  4.034   7.298   1.00 8.60  ? 13   GLU A N   1 
ATOM   56   C CA  . GLU A 1 13  ? 14.170  4.177   6.701   1.00 8.71  ? 13   GLU A CA  1 
ATOM   57   C C   . GLU A 1 13  ? 14.181  4.294   5.164   1.00 9.07  ? 13   GLU A C   1 
ATOM   58   O O   . GLU A 1 13  ? 15.248  4.555   4.564   1.00 8.20  ? 13   GLU A O   1 
ATOM   59   C CB  . GLU A 1 13  ? 15.034  2.979   7.078   1.00 10.14 ? 13   GLU A CB  1 
ATOM   60   C CG  . GLU A 1 13  ? 15.204  2.751   8.589   1.00 12.48 ? 13   GLU A CG  1 
ATOM   61   C CD  . GLU A 1 13  ? 16.071  1.541   8.841   1.00 15.28 ? 13   GLU A CD  1 
ATOM   62   O OE1 . GLU A 1 13  ? 15.538  0.417   8.874   1.00 11.45 ? 13   GLU A OE1 1 
ATOM   63   O OE2 . GLU A 1 13  ? 17.298  1.717   9.013   1.00 17.30 ? 13   GLU A OE2 1 
ATOM   64   N N   . PHE A 1 14  ? 13.013  4.097   4.540   1.00 7.38  ? 14   PHE A N   1 
ATOM   65   C CA  . PHE A 1 14  ? 12.917  4.048   3.079   1.00 8.00  ? 14   PHE A CA  1 
ATOM   66   C C   . PHE A 1 14  ? 12.341  5.342   2.513   1.00 7.99  ? 14   PHE A C   1 
ATOM   67   O O   . PHE A 1 14  ? 11.510  6.002   3.153   1.00 8.39  ? 14   PHE A O   1 
ATOM   68   C CB  . PHE A 1 14  ? 12.048  2.853   2.648   1.00 8.56  ? 14   PHE A CB  1 
ATOM   69   C CG  . PHE A 1 14  ? 12.645  1.534   3.017   1.00 7.20  ? 14   PHE A CG  1 
ATOM   70   C CD1 . PHE A 1 14  ? 13.527  0.895   2.139   1.00 9.58  ? 14   PHE A CD1 1 
ATOM   71   C CD2 . PHE A 1 14  ? 12.406  0.972   4.268   1.00 9.80  ? 14   PHE A CD2 1 
ATOM   72   C CE1 . PHE A 1 14  ? 14.113  -0.310  2.473   1.00 10.77 ? 14   PHE A CE1 1 
ATOM   73   C CE2 . PHE A 1 14  ? 13.013  -0.213  4.650   1.00 9.57  ? 14   PHE A CE2 1 
ATOM   74   C CZ  . PHE A 1 14  ? 13.868  -0.885  3.748   1.00 9.06  ? 14   PHE A CZ  1 
ATOM   75   N N   . THR A 1 15  ? 12.786  5.676   1.298   1.00 7.63  ? 15   THR A N   1 
ATOM   76   C CA  . THR A 1 15  ? 12.311  6.842   0.554   1.00 7.73  ? 15   THR A CA  1 
ATOM   77   C C   . THR A 1 15  ? 11.737  6.346   -0.766  1.00 7.43  ? 15   THR A C   1 
ATOM   78   O O   . THR A 1 15  ? 12.330  5.480   -1.405  1.00 6.85  ? 15   THR A O   1 
ATOM   79   C CB  . THR A 1 15  ? 13.461  7.820   0.292   1.00 8.26  ? 15   THR A CB  1 
ATOM   80   O OG1 . THR A 1 15  ? 13.933  8.299   1.561   1.00 8.45  ? 15   THR A OG1 1 
ATOM   81   C CG2 . THR A 1 15  ? 13.037  9.034   -0.625  1.00 6.62  ? 15   THR A CG2 1 
ATOM   82   N N   . VAL A 1 16  ? 10.562  6.849   -1.112  1.00 6.74  ? 16   VAL A N   1 
ATOM   83   C CA  . VAL A 1 16  ? 9.876   6.518   -2.367  1.00 7.35  ? 16   VAL A CA  1 
ATOM   84   C C   . VAL A 1 16  ? 9.367   7.825   -3.027  1.00 7.38  ? 16   VAL A C   1 
ATOM   85   O O   . VAL A 1 16  ? 9.084   8.802   -2.324  1.00 8.03  ? 16   VAL A O   1 
ATOM   86   C CB  . VAL A 1 16  ? 8.667   5.565   -2.079  1.00 7.21  ? 16   VAL A CB  1 
ATOM   87   C CG1 . VAL A 1 16  ? 9.189   4.193   -1.700  1.00 7.77  ? 16   VAL A CG1 1 
ATOM   88   C CG2 . VAL A 1 16  ? 7.765   6.123   -0.944  1.00 9.05  ? 16   VAL A CG2 1 
ATOM   89   N N   . LYS A 1 17  ? 9.214   7.836   -4.351  1.00 7.73  ? 17   LYS A N   1 
ATOM   90   C CA  . LYS A 1 17  ? 8.582   8.999   -4.983  1.00 7.37  ? 17   LYS A CA  1 
ATOM   91   C C   . LYS A 1 17  ? 7.061   8.919   -4.884  1.00 7.76  ? 17   LYS A C   1 
ATOM   92   O O   . LYS A 1 17  ? 6.459   7.846   -5.156  1.00 7.25  ? 17   LYS A O   1 
ATOM   93   C CB  . LYS A 1 17  ? 8.978   9.160   -6.467  1.00 8.18  ? 17   LYS A CB  1 
ATOM   94   C CG  . LYS A 1 17  ? 10.333  9.808   -6.650  1.00 10.81 ? 17   LYS A CG  1 
ATOM   95   C CD  . LYS A 1 17  ? 10.732  9.894   -8.112  1.00 12.99 ? 17   LYS A CD  1 
ATOM   96   C CE  . LYS A 1 17  ? 12.079  10.643  -8.232  1.00 16.95 ? 17   LYS A CE  1 
ATOM   97   N NZ  . LYS A 1 17  ? 13.202  9.971   -7.529  1.00 17.78 ? 17   LYS A NZ  1 
ATOM   98   N N   . ASP A 1 18  ? 6.450   10.041  -4.520  1.00 6.90  ? 18   ASP A N   1 
ATOM   99   C CA  . ASP A 1 18  ? 4.978   10.139  -4.576  1.00 7.30  ? 18   ASP A CA  1 
ATOM   100  C C   . ASP A 1 18  ? 4.500   10.263  -6.022  1.00 6.94  ? 18   ASP A C   1 
ATOM   101  O O   . ASP A 1 18  ? 5.294   10.311  -6.951  1.00 7.11  ? 18   ASP A O   1 
ATOM   102  C CB  . ASP A 1 18  ? 4.422   11.238  -3.646  1.00 7.91  ? 18   ASP A CB  1 
ATOM   103  C CG  . ASP A 1 18  ? 4.620   12.663  -4.163  1.00 9.41  ? 18   ASP A CG  1 
ATOM   104  O OD1 . ASP A 1 18  ? 4.986   12.886  -5.347  1.00 9.30  ? 18   ASP A OD1 1 
ATOM   105  O OD2 . ASP A 1 18  ? 4.379   13.592  -3.345  1.00 11.32 ? 18   ASP A OD2 1 
ATOM   106  N N   . ILE A 1 19  ? 3.191   10.302  -6.210  1.00 7.33  ? 19   ILE A N   1 
ATOM   107  C CA  . ILE A 1 19  ? 2.667   10.228  -7.581  1.00 7.25  ? 19   ILE A CA  1 
ATOM   108  C C   . ILE A 1 19  ? 2.969   11.507  -8.394  1.00 8.55  ? 19   ILE A C   1 
ATOM   109  O O   . ILE A 1 19  ? 2.873   11.496  -9.608  1.00 8.75  ? 19   ILE A O   1 
ATOM   110  C CB  . ILE A 1 19  ? 1.152   9.933   -7.558  1.00 7.09  ? 19   ILE A CB  1 
ATOM   111  C CG1 . ILE A 1 19  ? 0.720   9.400   -8.928  1.00 6.11  ? 19   ILE A CG1 1 
ATOM   112  C CG2 . ILE A 1 19  ? 0.351   11.125  -7.019  1.00 7.78  ? 19   ILE A CG2 1 
ATOM   113  C CD1 . ILE A 1 19  ? -0.582  8.576   -8.890  1.00 8.93  ? 19   ILE A CD1 1 
ATOM   114  N N   . ASN A 1 20  ? 3.368   12.561  -7.684  1.00 9.04  ? 20   ASN A N   1 
ATOM   115  C CA  . ASN A 1 20  ? 3.748   13.830  -8.289  1.00 10.81 ? 20   ASN A CA  1 
ATOM   116  C C   . ASN A 1 20  ? 5.235   13.941  -8.580  1.00 11.18 ? 20   ASN A C   1 
ATOM   117  O O   . ASN A 1 20  ? 5.693   15.023  -9.022  1.00 12.69 ? 20   ASN A O   1 
ATOM   118  C CB  . ASN A 1 20  ? 3.340   14.975  -7.361  1.00 11.64 ? 20   ASN A CB  1 
ATOM   119  C CG  . ASN A 1 20  ? 1.892   14.885  -6.958  1.00 15.10 ? 20   ASN A CG  1 
ATOM   120  O OD1 . ASN A 1 20  ? 1.007   14.890  -7.816  1.00 17.45 ? 20   ASN A OD1 1 
ATOM   121  N ND2 . ASN A 1 20  ? 1.642   14.726  -5.655  1.00 19.83 ? 20   ASN A ND2 1 
ATOM   122  N N   . GLY A 1 21  ? 5.972   12.852  -8.350  1.00 10.38 ? 21   GLY A N   1 
ATOM   123  C CA  . GLY A 1 21  ? 7.397   12.776  -8.634  1.00 10.01 ? 21   GLY A CA  1 
ATOM   124  C C   . GLY A 1 21  ? 8.299   13.352  -7.559  1.00 9.82  ? 21   GLY A C   1 
ATOM   125  O O   . GLY A 1 21  ? 9.513   13.487  -7.785  1.00 11.08 ? 21   GLY A O   1 
ATOM   126  N N   . VAL A 1 22  ? 7.730   13.615  -6.387  1.00 8.57  ? 22   VAL A N   1 
ATOM   127  C CA  . VAL A 1 22  ? 8.478   14.183  -5.269  1.00 8.69  ? 22   VAL A CA  1 
ATOM   128  C C   . VAL A 1 22  ? 8.984   13.066  -4.355  1.00 7.97  ? 22   VAL A C   1 
ATOM   129  O O   . VAL A 1 22  ? 8.237   12.145  -4.030  1.00 7.48  ? 22   VAL A O   1 
ATOM   130  C CB  . VAL A 1 22  ? 7.584   15.133  -4.470  1.00 8.67  ? 22   VAL A CB  1 
ATOM   131  C CG1 . VAL A 1 22  ? 8.346   15.711  -3.263  1.00 10.69 ? 22   VAL A CG1 1 
ATOM   132  C CG2 . VAL A 1 22  ? 7.084   16.280  -5.387  1.00 9.87  ? 22   VAL A CG2 1 
ATOM   133  N N   . ASP A 1 23  ? 10.243  13.173  -3.932  1.00 7.22  ? 23   ASP A N   1 
ATOM   134  C CA  . ASP A 1 23  ? 10.817  12.133  -3.075  1.00 7.13  ? 23   ASP A CA  1 
ATOM   135  C C   . ASP A 1 23  ? 10.290  12.302  -1.653  1.00 7.21  ? 23   ASP A C   1 
ATOM   136  O O   . ASP A 1 23  ? 10.389  13.388  -1.066  1.00 6.43  ? 23   ASP A O   1 
ATOM   137  C CB  . ASP A 1 23  ? 12.356  12.239  -3.083  1.00 8.53  ? 23   ASP A CB  1 
ATOM   138  C CG  . ASP A 1 23  ? 12.929  11.856  -4.408  1.00 11.35 ? 23   ASP A CG  1 
ATOM   139  O OD1 . ASP A 1 23  ? 13.055  10.634  -4.655  1.00 14.51 ? 23   ASP A OD1 1 
ATOM   140  O OD2 . ASP A 1 23  ? 13.215  12.793  -5.202  1.00 12.53 ? 23   ASP A OD2 1 
ATOM   141  N N   . VAL A 1 24  ? 9.721   11.217  -1.105  1.00 6.87  ? 24   VAL A N   1 
ATOM   142  C CA  . VAL A 1 24  ? 9.096   11.245  0.223   1.00 8.12  ? 24   VAL A CA  1 
ATOM   143  C C   . VAL A 1 24  ? 9.794   10.226  1.147   1.00 7.30  ? 24   VAL A C   1 
ATOM   144  O O   . VAL A 1 24  ? 9.777   9.052   0.852   1.00 8.01  ? 24   VAL A O   1 
ATOM   145  C CB  . VAL A 1 24  ? 7.572   10.925  0.143   1.00 8.54  ? 24   VAL A CB  1 
ATOM   146  C CG1 . VAL A 1 24  ? 6.961   10.894  1.537   1.00 8.90  ? 24   VAL A CG1 1 
ATOM   147  C CG2 . VAL A 1 24  ? 6.835   11.961  -0.714  1.00 8.53  ? 24   VAL A CG2 1 
ATOM   148  N N   . SER A 1 25  ? 10.433  10.673  2.235   1.00 7.69  ? 25   SER A N   1 
ATOM   149  C CA  . SER A 1 25  ? 10.897  9.732   3.269   1.00 6.93  ? 25   SER A CA  1 
ATOM   150  C C   . SER A 1 25  ? 9.698   9.208   4.057   1.00 6.52  ? 25   SER A C   1 
ATOM   151  O O   . SER A 1 25  ? 8.909   10.012  4.559   1.00 7.00  ? 25   SER A O   1 
ATOM   152  C CB  . SER A 1 25  ? 11.855  10.416  4.271   1.00 7.92  ? 25   SER A CB  1 
ATOM   153  O OG  . SER A 1 25  ? 12.117  9.524   5.351   1.00 8.59  ? 25   SER A OG  1 
ATOM   154  N N   . LEU A 1 26  ? 9.586   7.883   4.227   1.00 5.95  ? 26   LEU A N   1 
ATOM   155  C CA  . LEU A 1 26  ? 8.444   7.311   4.983   1.00 6.65  ? 26   LEU A CA  1 
ATOM   156  C C   . LEU A 1 26  ? 8.508   7.625   6.474   1.00 7.50  ? 26   LEU A C   1 
ATOM   157  O O   . LEU A 1 26  ? 7.587   7.283   7.217   1.00 7.16  ? 26   LEU A O   1 
ATOM   158  C CB  . LEU A 1 26  ? 8.296   5.791   4.734   1.00 6.84  ? 26   LEU A CB  1 
ATOM   159  C CG  . LEU A 1 26  ? 8.084   5.420   3.250   1.00 8.00  ? 26   LEU A CG  1 
ATOM   160  C CD1 . LEU A 1 26  ? 7.906   3.908   3.134   1.00 7.72  ? 26   LEU A CD1 1 
ATOM   161  C CD2 . LEU A 1 26  ? 6.895   6.146   2.654   1.00 9.36  ? 26   LEU A CD2 1 
ATOM   162  N N   . GLU A 1 27  ? 9.592   8.295   6.893   1.00 7.33  ? 27   GLU A N   1 
ATOM   163  C CA  . GLU A 1 27  ? 9.631   8.920   8.223   1.00 8.96  ? 27   GLU A CA  1 
ATOM   164  C C   . GLU A 1 27  ? 8.391   9.778   8.465   1.00 8.88  ? 27   GLU A C   1 
ATOM   165  O O   . GLU A 1 27  ? 7.966   9.939   9.619   1.00 8.10  ? 27   GLU A O   1 
ATOM   166  C CB  . GLU A 1 27  ? 10.905  9.747   8.374   1.00 10.02 ? 27   GLU A CB  1 
ATOM   167  C CG  . GLU A 1 27  ? 10.983  10.584  9.643   1.00 13.54 ? 27   GLU A CG  1 
ATOM   168  C CD  . GLU A 1 27  ? 11.142  9.762   10.897  1.00 17.55 ? 27   GLU A CD  1 
ATOM   169  O OE1 . GLU A 1 27  ? 11.567  8.589   10.797  1.00 17.55 ? 27   GLU A OE1 1 
ATOM   170  O OE2 . GLU A 1 27  ? 10.830  10.298  11.997  1.00 20.13 ? 27   GLU A OE2 1 
ATOM   171  N N   . LYS A 1 28  ? 7.814   10.312  7.383   1.00 8.78  ? 28   LYS A N   1 
ATOM   172  C CA  . LYS A 1 28  ? 6.548   11.065  7.415   1.00 10.23 ? 28   LYS A CA  1 
ATOM   173  C C   . LYS A 1 28  ? 5.464   10.336  8.256   1.00 10.15 ? 28   LYS A C   1 
ATOM   174  O O   . LYS A 1 28  ? 4.614   10.981  8.923   1.00 9.75  ? 28   LYS A O   1 
ATOM   175  C CB  . LYS A 1 28  ? 6.093   11.315  5.940   1.00 11.36 ? 28   LYS A CB  1 
ATOM   176  C CG  . LYS A 1 28  ? 4.711   11.847  5.705   1.00 14.61 ? 28   LYS A CG  1 
ATOM   177  C CD  . LYS A 1 28  ? 4.421   12.083  4.227   1.00 15.28 ? 28   LYS A CD  1 
ATOM   178  C CE  . LYS A 1 28  ? 3.009   12.646  4.178   1.00 19.05 ? 28   LYS A CE  1 
ATOM   179  N NZ  . LYS A 1 28  ? 2.462   12.816  2.829   1.00 23.48 ? 28   LYS A NZ  1 
ATOM   180  N N   . TYR A 1 29  ? 5.498   9.003   8.209   1.00 8.28  ? 29   TYR A N   1 
ATOM   181  C CA  . TYR A 1 29  ? 4.463   8.148   8.788   1.00 8.23  ? 29   TYR A CA  1 
ATOM   182  C C   . TYR A 1 29  ? 4.715   7.665   10.207  1.00 7.43  ? 29   TYR A C   1 
ATOM   183  O O   . TYR A 1 29  ? 3.906   6.918   10.767  1.00 7.37  ? 29   TYR A O   1 
ATOM   184  C CB  . TYR A 1 29  ? 4.176   6.977   7.832   1.00 8.24  ? 29   TYR A CB  1 
ATOM   185  C CG  . TYR A 1 29  ? 3.708   7.536   6.496   1.00 9.17  ? 29   TYR A CG  1 
ATOM   186  C CD1 . TYR A 1 29  ? 2.451   8.149   6.369   1.00 9.86  ? 29   TYR A CD1 1 
ATOM   187  C CD2 . TYR A 1 29  ? 4.544   7.512   5.382   1.00 8.82  ? 29   TYR A CD2 1 
ATOM   188  C CE1 . TYR A 1 29  ? 2.037   8.694   5.146   1.00 9.99  ? 29   TYR A CE1 1 
ATOM   189  C CE2 . TYR A 1 29  ? 4.139   8.037   4.159   1.00 10.25 ? 29   TYR A CE2 1 
ATOM   190  C CZ  . TYR A 1 29  ? 2.890   8.614   4.039   1.00 10.77 ? 29   TYR A CZ  1 
ATOM   191  O OH  . TYR A 1 29  ? 2.510   9.148   2.828   1.00 10.66 ? 29   TYR A OH  1 
ATOM   192  N N   . ARG A 1 30  ? 5.802   8.151   10.818  1.00 7.47  ? 30   ARG A N   1 
ATOM   193  C CA  . ARG A 1 30  ? 6.133   7.779   12.182  1.00 7.77  ? 30   ARG A CA  1 
ATOM   194  C C   . ARG A 1 30  ? 4.943   7.910   13.131  1.00 7.11  ? 30   ARG A C   1 
ATOM   195  O O   . ARG A 1 30  ? 4.299   8.948   13.195  1.00 7.87  ? 30   ARG A O   1 
ATOM   196  C CB  . ARG A 1 30  ? 7.326   8.604   12.704  1.00 8.50  ? 30   ARG A CB  1 
ATOM   197  C CG  . ARG A 1 30  ? 7.655   8.283   14.183  1.00 10.47 ? 30   ARG A CG  1 
ATOM   198  C CD  . ARG A 1 30  ? 8.976   8.917   14.646  1.00 12.41 ? 30   ARG A CD  1 
ATOM   199  N NE  . ARG A 1 30  ? 10.098  8.464   13.828  1.00 16.11 ? 30   ARG A NE  1 
ATOM   200  C CZ  . ARG A 1 30  ? 10.713  7.292   13.975  1.00 16.14 ? 30   ARG A CZ  1 
ATOM   201  N NH1 . ARG A 1 30  ? 10.318  6.418   14.907  1.00 16.61 ? 30   ARG A NH1 1 
ATOM   202  N NH2 . ARG A 1 30  ? 11.722  6.997   13.162  1.00 16.93 ? 30   ARG A NH2 1 
ATOM   203  N N   . GLY A 1 31  ? 4.648   6.831   13.855  1.00 7.13  ? 31   GLY A N   1 
ATOM   204  C CA  . GLY A 1 31  ? 3.629   6.865   14.910  1.00 7.53  ? 31   GLY A CA  1 
ATOM   205  C C   . GLY A 1 31  ? 2.222   6.592   14.411  1.00 7.87  ? 31   GLY A C   1 
ATOM   206  O O   . GLY A 1 31  ? 1.276   6.555   15.205  1.00 9.28  ? 31   GLY A O   1 
ATOM   207  N N   . HIS A 1 32  ? 2.104   6.397   13.106  1.00 6.47  ? 32   HIS A N   1 
ATOM   208  C CA  . HIS A 1 32  ? 0.816   6.087   12.480  1.00 6.55  ? 32   HIS A CA  1 
ATOM   209  C C   . HIS A 1 32  ? 0.766   4.615   12.076  1.00 6.91  ? 32   HIS A C   1 
ATOM   210  O O   . HIS A 1 32  ? 1.808   3.970   11.927  1.00 7.99  ? 32   HIS A O   1 
ATOM   211  C CB  . HIS A 1 32  ? 0.579   7.037   11.287  1.00 7.79  ? 32   HIS A CB  1 
ATOM   212  C CG  . HIS A 1 32  ? 0.418   8.468   11.706  1.00 9.62  ? 32   HIS A CG  1 
ATOM   213  N ND1 . HIS A 1 32  ? 1.049   9.520   11.066  1.00 15.80 ? 32   HIS A ND1 1 
ATOM   214  C CD2 . HIS A 1 32  ? -0.291  9.016   12.723  1.00 12.84 ? 32   HIS A CD2 1 
ATOM   215  C CE1 . HIS A 1 32  ? 0.720   10.657  11.666  1.00 14.04 ? 32   HIS A CE1 1 
ATOM   216  N NE2 . HIS A 1 32  ? -0.086  10.380  12.677  1.00 14.83 ? 32   HIS A NE2 1 
ATOM   217  N N   . VAL A 1 33  ? -0.444  4.101   11.875  1.00 5.64  ? 33   VAL A N   1 
ATOM   218  C CA  . VAL A 1 33  ? -0.623  2.719   11.382  1.00 6.11  ? 33   VAL A CA  1 
ATOM   219  C C   . VAL A 1 33  ? -0.746  2.843   9.857   1.00 6.16  ? 33   VAL A C   1 
ATOM   220  O O   . VAL A 1 33  ? -1.582  3.597   9.353   1.00 6.58  ? 33   VAL A O   1 
ATOM   221  C CB  . VAL A 1 33  ? -1.905  2.072   11.973  1.00 6.29  ? 33   VAL A CB  1 
ATOM   222  C CG1 . VAL A 1 33  ? -2.227  0.735   11.272  1.00 6.41  ? 33   VAL A CG1 1 
ATOM   223  C CG2 . VAL A 1 33  ? -1.742  1.885   13.477  1.00 7.78  ? 33   VAL A CG2 1 
ATOM   224  N N   . CYS A 1 34  ? 0.097   2.123   9.130   1.00 5.14  ? 34   CYS A N   1 
ATOM   225  C CA  . CYS A 1 34  ? 0.088   2.164   7.654   1.00 6.17  ? 34   CYS A CA  1 
ATOM   226  C C   . CYS A 1 34  ? -0.445  0.881   7.044   1.00 5.85  ? 34   CYS A C   1 
ATOM   227  O O   . CYS A 1 34  ? -0.111  -0.232  7.509   1.00 6.64  ? 34   CYS A O   1 
ATOM   228  C CB  . CYS A 1 34  ? 1.484   2.383   7.102   1.00 6.66  ? 34   CYS A CB  1 
ATOM   229  S SG  . CYS A 1 34  ? 2.232   3.977   7.552   1.00 9.21  ? 34   CYS A SG  1 
ATOM   230  N N   . LEU A 1 35  ? -1.259  1.060   6.008   1.00 4.85  ? 35   LEU A N   1 
ATOM   231  C CA  . LEU A 1 35  ? -1.748  -0.037  5.182   1.00 5.02  ? 35   LEU A CA  1 
ATOM   232  C C   . LEU A 1 35  ? -1.153  0.173   3.802   1.00 5.50  ? 35   LEU A C   1 
ATOM   233  O O   . LEU A 1 35  ? -1.498  1.143   3.109   1.00 6.05  ? 35   LEU A O   1 
ATOM   234  C CB  . LEU A 1 35  ? -3.287  -0.036  5.160   1.00 5.74  ? 35   LEU A CB  1 
ATOM   235  C CG  . LEU A 1 35  ? -3.881  -1.197  4.354   1.00 6.83  ? 35   LEU A CG  1 
ATOM   236  C CD1 . LEU A 1 35  ? -3.560  -2.506  5.020   1.00 8.68  ? 35   LEU A CD1 1 
ATOM   237  C CD2 . LEU A 1 35  ? -5.385  -1.037  4.222   1.00 7.87  ? 35   LEU A CD2 1 
ATOM   238  N N   . ILE A 1 36  ? -0.247  -0.733  3.421   1.00 4.72  ? 36   ILE A N   1 
ATOM   239  C CA  . ILE A 1 36  ? 0.500   -0.584  2.167   1.00 4.25  ? 36   ILE A CA  1 
ATOM   240  C C   . ILE A 1 36  ? -0.070  -1.526  1.111   1.00 4.94  ? 36   ILE A C   1 
ATOM   241  O O   . ILE A 1 36  ? -0.096  -2.735  1.317   1.00 5.13  ? 36   ILE A O   1 
ATOM   242  C CB  . ILE A 1 36  ? 2.000   -0.804  2.396   1.00 4.36  ? 36   ILE A CB  1 
ATOM   243  C CG1 . ILE A 1 36  ? 2.488   0.236   3.446   1.00 5.34  ? 36   ILE A CG1 1 
ATOM   244  C CG2 . ILE A 1 36  ? 2.764   -0.744  1.058   1.00 5.61  ? 36   ILE A CG2 1 
ATOM   245  C CD1 . ILE A 1 36  ? 3.973   0.145   3.799   1.00 5.06  ? 36   ILE A CD1 1 
ATOM   246  N N   . VAL A 1 37  ? -0.515  -0.950  -0.002  1.00 4.68  ? 37   VAL A N   1 
ATOM   247  C CA  . VAL A 1 37  ? -1.285  -1.681  -1.011  1.00 4.06  ? 37   VAL A CA  1 
ATOM   248  C C   . VAL A 1 37  ? -0.659  -1.450  -2.402  1.00 4.04  ? 37   VAL A C   1 
ATOM   249  O O   . VAL A 1 37  ? -0.424  -0.316  -2.785  1.00 5.02  ? 37   VAL A O   1 
ATOM   250  C CB  . VAL A 1 37  ? -2.739  -1.169  -1.051  1.00 4.32  ? 37   VAL A CB  1 
ATOM   251  C CG1 . VAL A 1 37  ? -3.591  -2.051  -1.977  1.00 4.57  ? 37   VAL A CG1 1 
ATOM   252  C CG2 . VAL A 1 37  ? -3.346  -1.136  0.354   1.00 5.55  ? 37   VAL A CG2 1 
ATOM   253  N N   . ASN A 1 38  ? -0.384  -2.530  -3.139  1.00 4.15  ? 38   ASN A N   1 
ATOM   254  C CA  . ASN A 1 38  ? -0.026  -2.369  -4.566  1.00 4.26  ? 38   ASN A CA  1 
ATOM   255  C C   . ASN A 1 38  ? -1.293  -2.296  -5.384  1.00 4.44  ? 38   ASN A C   1 
ATOM   256  O O   . ASN A 1 38  ? -2.166  -3.097  -5.191  1.00 3.86  ? 38   ASN A O   1 
ATOM   257  C CB  . ASN A 1 38  ? 0.919   -3.465  -5.085  1.00 4.46  ? 38   ASN A CB  1 
ATOM   258  C CG  . ASN A 1 38  ? 0.344   -4.865  -4.979  1.00 5.47  ? 38   ASN A CG  1 
ATOM   259  O OD1 . ASN A 1 38  ? 0.052   -5.355  -3.873  1.00 6.23  ? 38   ASN A OD1 1 
ATOM   260  N ND2 . ASN A 1 38  ? 0.157   -5.529  -6.140  1.00 5.25  ? 38   ASN A ND2 1 
ATOM   261  N N   . VAL A 1 39  ? -1.378  -1.309  -6.280  1.00 4.39  ? 39   VAL A N   1 
ATOM   262  C CA  . VAL A 1 39  ? -2.648  -1.006  -6.944  1.00 5.23  ? 39   VAL A CA  1 
ATOM   263  C C   . VAL A 1 39  ? -2.534  -1.051  -8.487  1.00 5.94  ? 39   VAL A C   1 
ATOM   264  O O   . VAL A 1 39  ? -1.444  -1.072  -9.045  1.00 5.86  ? 39   VAL A O   1 
ATOM   265  C CB  . VAL A 1 39  ? -3.213  0.398   -6.510  1.00 5.82  ? 39   VAL A CB  1 
ATOM   266  C CG1 . VAL A 1 39  ? -3.496  0.450   -4.994  1.00 5.12  ? 39   VAL A CG1 1 
ATOM   267  C CG2 . VAL A 1 39  ? -2.289  1.539   -6.907  1.00 5.35  ? 39   VAL A CG2 1 
ATOM   268  N N   . ALA A 1 40  ? -3.695  -1.066  -9.130  1.00 5.52  ? 40   ALA A N   1 
ATOM   269  C CA  . ALA A 1 40  ? -3.796  -1.058  -10.594 1.00 6.90  ? 40   ALA A CA  1 
ATOM   270  C C   . ALA A 1 40  ? -5.157  -0.481  -10.937 1.00 7.51  ? 40   ALA A C   1 
ATOM   271  O O   . ALA A 1 40  ? -6.144  -0.797  -10.251 1.00 8.16  ? 40   ALA A O   1 
ATOM   272  C CB  . ALA A 1 40  ? -3.699  -2.450  -11.136 1.00 6.83  ? 40   ALA A CB  1 
ATOM   273  N N   . CYS A 1 41  ? -5.215  0.313   -12.019 1.00 7.12  ? 41   CYS A N   1 
ATOM   274  C CA  . CYS A 1 41  ? -6.464  0.959   -12.457 1.00 8.39  ? 41   CYS A CA  1 
ATOM   275  C C   . CYS A 1 41  ? -7.343  0.083   -13.340 1.00 8.85  ? 41   CYS A C   1 
ATOM   276  O O   . CYS A 1 41  ? -8.548  0.312   -13.415 1.00 8.92  ? 41   CYS A O   1 
ATOM   277  C CB  . CYS A 1 41  ? -6.172  2.245   -13.241 1.00 8.87  ? 41   CYS A CB  1 
ATOM   278  S SG  . CYS A 1 41  ? -5.463  3.567   -12.270 1.00 11.96 ? 41   CYS A SG  1 
ATOM   279  N N   . LYS A 1 42  ? -6.743  -0.900  -13.991 1.00 9.53  ? 42   LYS A N   1 
ATOM   280  C CA  . LYS A 1 42  ? -7.454  -1.600  -15.094 1.00 10.77 ? 42   LYS A CA  1 
ATOM   281  C C   . LYS A 1 42  ? -7.763  -3.029  -14.715 1.00 11.24 ? 42   LYS A C   1 
ATOM   282  O O   . LYS A 1 42  ? -7.534  -3.955  -15.495 1.00 12.18 ? 42   LYS A O   1 
ATOM   283  C CB  . LYS A 1 42  ? -6.635  -1.528  -16.388 1.00 11.55 ? 42   LYS A CB  1 
ATOM   284  C CG  . LYS A 1 42  ? -6.506  -0.111  -16.918 1.00 13.63 ? 42   LYS A CG  1 
ATOM   285  C CD  . LYS A 1 42  ? -5.799  -0.092  -18.277 1.00 16.95 ? 42   LYS A CD  1 
ATOM   286  C CE  . LYS A 1 42  ? -6.671  -0.690  -19.366 1.00 20.64 ? 42   LYS A CE  1 
ATOM   287  N NZ  . LYS A 1 42  ? -5.822  -0.975  -20.580 0.80 21.57 ? 42   LYS A NZ  1 
ATOM   288  N N   . SER A 1 43  ? -8.259  -3.218  -13.492 1.00 12.14 ? 43   SER A N   1 
ATOM   289  C CA  . SER A 1 43  ? -8.602  -4.570  -13.046 1.00 12.48 ? 43   SER A CA  1 
ATOM   290  C C   . SER A 1 43  ? -10.035 -4.658  -12.543 1.00 12.61 ? 43   SER A C   1 
ATOM   291  O O   . SER A 1 43  ? -10.619 -3.655  -12.135 1.00 11.52 ? 43   SER A O   1 
ATOM   292  C CB  . SER A 1 43  ? -7.598  -5.059  -12.010 1.00 13.51 ? 43   SER A CB  1 
ATOM   293  O OG  . SER A 1 43  ? -8.086  -4.940  -10.699 1.00 15.83 ? 43   SER A OG  1 
ATOM   294  N N   . GLY A 1 44  ? -10.600 -5.862  -12.622 1.00 12.36 ? 44   GLY A N   1 
ATOM   295  C CA  . GLY A 1 44  ? -11.959 -6.111  -12.142 1.00 12.73 ? 44   GLY A CA  1 
ATOM   296  C C   . GLY A 1 44  ? -12.090 -5.905  -10.636 1.00 11.93 ? 44   GLY A C   1 
ATOM   297  O O   . GLY A 1 44  ? -13.197 -5.750  -10.122 1.00 12.35 ? 44   GLY A O   1 
ATOM   298  N N   . ALA A 1 45  ? -10.958 -5.903  -9.940  1.00 11.50 ? 45   ALA A N   1 
ATOM   299  C CA  . ALA A 1 45  ? -10.928 -5.682  -8.464  1.00 10.52 ? 45   ALA A CA  1 
ATOM   300  C C   . ALA A 1 45  ? -10.684 -4.229  -8.045  1.00 10.34 ? 45   ALA A C   1 
ATOM   301  O O   . ALA A 1 45  ? -10.759 -3.879  -6.865  1.00 9.36  ? 45   ALA A O   1 
ATOM   302  C CB  . ALA A 1 45  ? -9.886  -6.617  -7.808  1.00 11.42 ? 45   ALA A CB  1 
ATOM   303  N N   . THR A 1 46  ? -10.404 -3.375  -9.029  1.00 8.22  ? 46   THR A N   1 
ATOM   304  C CA  . THR A 1 46  ? -10.083 -1.978  -8.792  1.00 8.00  ? 46   THR A CA  1 
ATOM   305  C C   . THR A 1 46  ? -11.187 -1.227  -8.032  1.00 8.15  ? 46   THR A C   1 
ATOM   306  O O   . THR A 1 46  ? -10.910 -0.559  -7.045  1.00 8.30  ? 46   THR A O   1 
ATOM   307  C CB  . THR A 1 46  ? -9.707  -1.280  -10.114 1.00 8.06  ? 46   THR A CB  1 
ATOM   308  O OG1 . THR A 1 46  ? -8.533  -1.924  -10.654 1.00 6.84  ? 46   THR A OG1 1 
ATOM   309  C CG2 . THR A 1 46  ? -9.475  0.253   -9.934  1.00 8.64  ? 46   THR A CG2 1 
ATOM   310  N N   . ASP A 1 47  ? -12.429 -1.333  -8.488  1.00 7.94  ? 47   ASP A N   1 
ATOM   311  C CA  . ASP A 1 47  ? -13.507 -0.546  -7.872  1.00 8.25  ? 47   ASP A CA  1 
ATOM   312  C C   . ASP A 1 47  ? -13.670 -0.883  -6.377  1.00 8.08  ? 47   ASP A C   1 
ATOM   313  O O   . ASP A 1 47  ? -13.765 0.026   -5.542  1.00 7.80  ? 47   ASP A O   1 
ATOM   314  C CB  . ASP A 1 47  ? -14.842 -0.856  -8.569  1.00 9.07  ? 47   ASP A CB  1 
ATOM   315  C CG  . ASP A 1 47  ? -15.040 -0.108  -9.885  1.00 11.86 ? 47   ASP A CG  1 
ATOM   316  O OD1 . ASP A 1 47  ? -14.261 0.793   -10.259 1.00 15.51 ? 47   ASP A OD1 1 
ATOM   317  O OD2 . ASP A 1 47  ? -16.047 -0.464  -10.560 1.00 14.14 ? 47   ASP A OD2 1 
ATOM   318  N N   . LYS A 1 48  ? -13.736 -2.173  -6.047  1.00 7.99  ? 48   LYS A N   1 
ATOM   319  C CA  . LYS A 1 48  ? -14.011 -2.580  -4.661  1.00 7.80  ? 48   LYS A CA  1 
ATOM   320  C C   . LYS A 1 48  ? -12.868 -2.187  -3.741  1.00 7.59  ? 48   LYS A C   1 
ATOM   321  O O   . LYS A 1 48  ? -13.086 -1.646  -2.666  1.00 7.00  ? 48   LYS A O   1 
ATOM   322  C CB  . LYS A 1 48  ? -14.246 -4.096  -4.574  1.00 8.94  ? 48   LYS A CB  1 
ATOM   323  C CG  . LYS A 1 48  ? -14.509 -4.584  -3.175  1.00 10.91 ? 48   LYS A CG  1 
ATOM   324  C CD  . LYS A 1 48  ? -14.779 -6.077  -3.164  1.00 17.31 ? 48   LYS A CD  1 
ATOM   325  C CE  . LYS A 1 48  ? -14.785 -6.619  -1.765  1.00 20.54 ? 48   LYS A CE  1 
ATOM   326  N NZ  . LYS A 1 48  ? -14.969 -8.117  -1.823  1.00 25.24 ? 48   LYS A NZ  1 
ATOM   327  N N   . ASN A 1 49  ? -11.643 -2.436  -4.173  1.00 6.63  ? 49   ASN A N   1 
ATOM   328  C CA  . ASN A 1 49  ? -10.506 -2.043  -3.344  1.00 5.91  ? 49   ASN A CA  1 
ATOM   329  C C   . ASN A 1 49  ? -10.440 -0.541  -3.130  1.00 5.70  ? 49   ASN A C   1 
ATOM   330  O O   . ASN A 1 49  ? -10.328 -0.101  -1.992  1.00 5.82  ? 49   ASN A O   1 
ATOM   331  C CB  . ASN A 1 49  ? -9.193  -2.544  -3.929  1.00 5.70  ? 49   ASN A CB  1 
ATOM   332  C CG  . ASN A 1 49  ? -8.941  -3.983  -3.583  1.00 6.60  ? 49   ASN A CG  1 
ATOM   333  O OD1 . ASN A 1 49  ? -8.435  -4.283  -2.506  1.00 7.80  ? 49   ASN A OD1 1 
ATOM   334  N ND2 . ASN A 1 49  ? -9.307  -4.880  -4.489  1.00 6.03  ? 49   ASN A ND2 1 
ATOM   335  N N   . TYR A 1 50  ? -10.489 0.240   -4.204  1.00 5.95  ? 50   TYR A N   1 
ATOM   336  C CA  . TYR A 1 50  ? -10.431 1.682   -4.022  1.00 6.37  ? 50   TYR A CA  1 
ATOM   337  C C   . TYR A 1 50  ? -11.585 2.256   -3.199  1.00 7.02  ? 50   TYR A C   1 
ATOM   338  O O   . TYR A 1 50  ? -11.365 3.092   -2.337  1.00 6.73  ? 50   TYR A O   1 
ATOM   339  C CB  . TYR A 1 50  ? -10.304 2.433   -5.342  1.00 7.35  ? 50   TYR A CB  1 
ATOM   340  C CG  . TYR A 1 50  ? -8.871  2.607   -5.786  1.00 7.40  ? 50   TYR A CG  1 
ATOM   341  C CD1 . TYR A 1 50  ? -8.351  1.845   -6.824  1.00 7.31  ? 50   TYR A CD1 1 
ATOM   342  C CD2 . TYR A 1 50  ? -8.055  3.581   -5.198  1.00 7.16  ? 50   TYR A CD2 1 
ATOM   343  C CE1 . TYR A 1 50  ? -7.021  2.009   -7.264  1.00 7.38  ? 50   TYR A CE1 1 
ATOM   344  C CE2 . TYR A 1 50  ? -6.737  3.758   -5.613  1.00 8.26  ? 50   TYR A CE2 1 
ATOM   345  C CZ  . TYR A 1 50  ? -6.219  2.971   -6.631  1.00 8.13  ? 50   TYR A CZ  1 
ATOM   346  O OH  . TYR A 1 50  ? -4.925  3.197   -7.046  1.00 7.76  ? 50   TYR A OH  1 
ATOM   347  N N   . ARG A 1 51  ? -12.804 1.790   -3.448  1.00 7.00  ? 51   ARG A N   1 
ATOM   348  C CA  . ARG A 1 51  ? -13.927 2.357   -2.695  1.00 7.27  ? 51   ARG A CA  1 
ATOM   349  C C   . ARG A 1 51  ? -13.868 2.044   -1.191  1.00 6.60  ? 51   ARG A C   1 
ATOM   350  O O   . ARG A 1 51  ? -14.116 2.946   -0.371  1.00 6.94  ? 51   ARG A O   1 
ATOM   351  C CB  . ARG A 1 51  ? -15.248 1.887   -3.299  1.00 6.81  ? 51   ARG A CB  1 
ATOM   352  C CG  . ARG A 1 51  ? -15.480 2.513   -4.660  1.00 9.59  ? 51   ARG A CG  1 
ATOM   353  C CD  . ARG A 1 51  ? -16.701 1.910   -5.333  1.00 12.45 ? 51   ARG A CD  1 
ATOM   354  N NE  . ARG A 1 51  ? -16.921 2.608   -6.605  1.00 17.71 ? 51   ARG A NE  1 
ATOM   355  C CZ  . ARG A 1 51  ? -17.554 2.093   -7.660  1.00 20.50 ? 51   ARG A CZ  1 
ATOM   356  N NH1 . ARG A 1 51  ? -18.034 0.854   -7.630  1.00 21.49 ? 51   ARG A NH1 1 
ATOM   357  N NH2 . ARG A 1 51  ? -17.695 2.832   -8.758  1.00 21.42 ? 51   ARG A NH2 1 
ATOM   358  N N   . GLN A 1 52  ? -13.482 0.823   -0.819  1.00 5.41  ? 52   GLN A N   1 
ATOM   359  C CA  . GLN A 1 52  ? -13.368 0.468   0.591   1.00 4.89  ? 52   GLN A CA  1 
ATOM   360  C C   . GLN A 1 52  ? -12.192 1.227   1.202   1.00 5.29  ? 52   GLN A C   1 
ATOM   361  O O   . GLN A 1 52  ? -12.287 1.739   2.323   1.00 6.25  ? 52   GLN A O   1 
ATOM   362  C CB  . GLN A 1 52  ? -13.189 -1.039  0.769   1.00 4.89  ? 52   GLN A CB  1 
ATOM   363  C CG  . GLN A 1 52  ? -14.428 -1.841  0.296   1.00 4.58  ? 52   GLN A CG  1 
ATOM   364  C CD  . GLN A 1 52  ? -14.414 -3.265  0.835   1.00 7.01  ? 52   GLN A CD  1 
ATOM   365  O OE1 . GLN A 1 52  ? -13.464 -3.685  1.511   1.00 7.85  ? 52   GLN A OE1 1 
ATOM   366  N NE2 . GLN A 1 52  ? -15.492 -4.004  0.549   1.00 8.06  ? 52   GLN A NE2 1 
ATOM   367  N N   . LEU A 1 53  ? -11.062 1.271   0.492   1.00 4.62  ? 53   LEU A N   1 
ATOM   368  C CA  . LEU A 1 53  ? -9.906  2.001   1.041   1.00 3.89  ? 53   LEU A CA  1 
ATOM   369  C C   . LEU A 1 53  ? -10.250 3.483   1.291   1.00 5.14  ? 53   LEU A C   1 
ATOM   370  O O   . LEU A 1 53  ? -9.877  4.041   2.347   1.00 6.00  ? 53   LEU A O   1 
ATOM   371  C CB  . LEU A 1 53  ? -8.660  1.883   0.128   1.00 5.08  ? 53   LEU A CB  1 
ATOM   372  C CG  . LEU A 1 53  ? -8.023  0.495   0.082   1.00 5.30  ? 53   LEU A CG  1 
ATOM   373  C CD1 . LEU A 1 53  ? -7.000  0.431   -1.055  1.00 7.03  ? 53   LEU A CD1 1 
ATOM   374  C CD2 . LEU A 1 53  ? -7.386  0.088   1.449   1.00 6.05  ? 53   LEU A CD2 1 
ATOM   375  N N   . GLN A 1 54  ? -10.941 4.113   0.345   1.00 5.55  ? 54   GLN A N   1 
ATOM   376  C CA  . GLN A 1 54  ? -11.270 5.557   0.492   1.00 5.72  ? 54   GLN A CA  1 
ATOM   377  C C   . GLN A 1 54  ? -12.262 5.751   1.657   1.00 6.66  ? 54   GLN A C   1 
ATOM   378  O O   . GLN A 1 54  ? -12.129 6.702   2.440   1.00 6.30  ? 54   GLN A O   1 
ATOM   379  C CB  . GLN A 1 54  ? -11.792 6.154   -0.819  1.00 6.23  ? 54   GLN A CB  1 
ATOM   380  C CG  . GLN A 1 54  ? -12.251 7.610   -0.710  1.00 6.32  ? 54   GLN A CG  1 
ATOM   381  C CD  . GLN A 1 54  ? -11.219 8.528   -0.070  1.00 8.49  ? 54   GLN A CD  1 
ATOM   382  O OE1 . GLN A 1 54  ? -9.992  8.307   -0.164  1.00 8.20  ? 54   GLN A OE1 1 
ATOM   383  N NE2 . GLN A 1 54  ? -11.715 9.624   0.547   1.00 9.09  ? 54   GLN A NE2 1 
ATOM   384  N N   . GLU A 1 55  ? -13.241 4.842   1.782   1.00 6.25  ? 55   GLU A N   1 
ATOM   385  C CA  . GLU A 1 55  ? -14.192 4.903   2.908   1.00 6.88  ? 55   GLU A CA  1 
ATOM   386  C C   . GLU A 1 55  ? -13.486 4.728   4.262   1.00 6.96  ? 55   GLU A C   1 
ATOM   387  O O   . GLU A 1 55  ? -13.731 5.491   5.221   1.00 7.78  ? 55   GLU A O   1 
ATOM   388  C CB  . GLU A 1 55  ? -15.313 3.867   2.752   1.00 6.91  ? 55   GLU A CB  1 
ATOM   389  C CG  . GLU A 1 55  ? -16.552 4.208   3.624   1.00 8.73  ? 55   GLU A CG  1 
ATOM   390  C CD  . GLU A 1 55  ? -16.397 3.745   5.077   1.00 9.48  ? 55   GLU A CD  1 
ATOM   391  O OE1 . GLU A 1 55  ? -16.859 4.496   5.976   1.00 11.78 ? 55   GLU A OE1 1 
ATOM   392  O OE2 . GLU A 1 55  ? -15.849 2.644   5.320   1.00 9.65  ? 55   GLU A OE2 1 
ATOM   393  N N   . MET A 1 56  ? -12.578 3.748   4.339   1.00 6.52  ? 56   MET A N   1 
ATOM   394  C CA  . MET A 1 56  ? -11.804 3.523   5.577   1.00 6.71  ? 56   MET A CA  1 
ATOM   395  C C   . MET A 1 56  ? -10.893 4.693   5.893   1.00 7.49  ? 56   MET A C   1 
ATOM   396  O O   . MET A 1 56  ? -10.762 5.092   7.075   1.00 8.14  ? 56   MET A O   1 
ATOM   397  C CB  . MET A 1 56  ? -10.977 2.228   5.472   1.00 6.16  ? 56   MET A CB  1 
ATOM   398  C CG  . MET A 1 56  ? -11.862 0.999   5.346   1.00 6.76  ? 56   MET A CG  1 
ATOM   399  S SD  . MET A 1 56  ? -10.924 -0.552  5.134   1.00 9.27  ? 56   MET A SD  1 
ATOM   400  C CE  . MET A 1 56  ? -10.194 -0.741  6.779   1.00 10.41 ? 56   MET A CE  1 
ATOM   401  N N   . HIS A 1 57  ? -10.258 5.250   4.859   1.00 7.04  ? 57   HIS A N   1 
ATOM   402  C CA  . HIS A 1 57  ? -9.428  6.461   5.030   1.00 7.41  ? 57   HIS A CA  1 
ATOM   403  C C   . HIS A 1 57  ? -10.254 7.573   5.687   1.00 7.50  ? 57   HIS A C   1 
ATOM   404  O O   . HIS A 1 57  ? -9.845  8.169   6.695   1.00 7.03  ? 57   HIS A O   1 
ATOM   405  C CB  . HIS A 1 57  ? -8.889  6.975   3.688   1.00 7.83  ? 57   HIS A CB  1 
ATOM   406  C CG  . HIS A 1 57  ? -8.279  8.341   3.785   1.00 6.23  ? 57   HIS A CG  1 
ATOM   407  N ND1 . HIS A 1 57  ? -6.987  8.550   4.242   1.00 9.36  ? 57   HIS A ND1 1 
ATOM   408  C CD2 . HIS A 1 57  ? -8.801  9.569   3.550   1.00 11.24 ? 57   HIS A CD2 1 
ATOM   409  C CE1 . HIS A 1 57  ? -6.734  9.849   4.246   1.00 8.08  ? 57   HIS A CE1 1 
ATOM   410  N NE2 . HIS A 1 57  ? -7.823  10.491  3.845   1.00 11.11 ? 57   HIS A NE2 1 
ATOM   411  N N   . THR A 1 58  ? -11.432 7.827   5.130   1.00 7.14  ? 58   THR A N   1 
ATOM   412  C CA  . THR A 1 58  ? -12.243 8.942   5.624   1.00 7.21  ? 58   THR A CA  1 
ATOM   413  C C   . THR A 1 58  ? -12.571 8.773   7.105   1.00 8.12  ? 58   THR A C   1 
ATOM   414  O O   . THR A 1 58  ? -12.448 9.715   7.904   1.00 8.54  ? 58   THR A O   1 
ATOM   415  C CB  . THR A 1 58  ? -13.518 9.087   4.758   1.00 8.02  ? 58   THR A CB  1 
ATOM   416  O OG1 . THR A 1 58  ? -13.133 9.408   3.412   1.00 7.25  ? 58   THR A OG1 1 
ATOM   417  C CG2 . THR A 1 58  ? -14.403 10.245  5.306   1.00 10.02 ? 58   THR A CG2 1 
ATOM   418  N N   . ARG A 1 59  ? -12.931 7.555   7.474   1.00 7.85  ? 59   ARG A N   1 
ATOM   419  C CA  . ARG A 1 59  ? -13.364 7.236   8.838   1.00 9.11  ? 59   ARG A CA  1 
ATOM   420  C C   . ARG A 1 59  ? -12.204 7.155   9.849   1.00 9.42  ? 59   ARG A C   1 
ATOM   421  O O   . ARG A 1 59  ? -12.376 7.489   11.016  1.00 9.63  ? 59   ARG A O   1 
ATOM   422  C CB  . ARG A 1 59  ? -14.153 5.953   8.761   1.00 11.06 ? 59   ARG A CB  1 
ATOM   423  C CG  . ARG A 1 59  ? -15.029 5.599   9.914   1.00 12.56 ? 59   ARG A CG  1 
ATOM   424  C CD  . ARG A 1 59  ? -16.212 4.713   9.398   1.00 10.03 ? 59   ARG A CD  1 
ATOM   425  N NE  . ARG A 1 59  ? -15.802 3.625   8.493   1.00 7.87  ? 59   ARG A NE  1 
ATOM   426  C CZ  . ARG A 1 59  ? -15.208 2.496   8.870   1.00 9.82  ? 59   ARG A CZ  1 
ATOM   427  N NH1 . ARG A 1 59  ? -14.914 2.273   10.156  1.00 8.16  ? 59   ARG A NH1 1 
ATOM   428  N NH2 . ARG A 1 59  ? -14.910 1.557   7.955   1.00 9.86  ? 59   ARG A NH2 1 
ATOM   429  N N   . LEU A 1 60  ? -11.018 6.741   9.392   1.00 7.65  ? 60   LEU A N   1 
ATOM   430  C CA  . LEU A 1 60  ? -9.936  6.352   10.304  1.00 7.81  ? 60   LEU A CA  1 
ATOM   431  C C   . LEU A 1 60  ? -8.652  7.175   10.222  1.00 7.01  ? 60   LEU A C   1 
ATOM   432  O O   . LEU A 1 60  ? -7.761  7.022   11.059  1.00 6.13  ? 60   LEU A O   1 
ATOM   433  C CB  . LEU A 1 60  ? -9.612  4.852   10.156  1.00 7.57  ? 60   LEU A CB  1 
ATOM   434  C CG  . LEU A 1 60  ? -10.760 3.840   10.348  1.00 8.48  ? 60   LEU A CG  1 
ATOM   435  C CD1 . LEU A 1 60  ? -10.329 2.471   9.844   1.00 8.67  ? 60   LEU A CD1 1 
ATOM   436  C CD2 . LEU A 1 60  ? -11.204 3.781   11.821  1.00 9.77  ? 60   LEU A CD2 1 
ATOM   437  N N   . VAL A 1 61  ? -8.563  8.081   9.246   1.00 7.00  ? 61   VAL A N   1 
ATOM   438  C CA  . VAL A 1 61  ? -7.373  8.915   9.146   1.00 7.97  ? 61   VAL A CA  1 
ATOM   439  C C   . VAL A 1 61  ? -7.161  9.703   10.455  1.00 7.68  ? 61   VAL A C   1 
ATOM   440  O O   . VAL A 1 61  ? -6.023  9.867   10.920  1.00 7.28  ? 61   VAL A O   1 
ATOM   441  C CB  . VAL A 1 61  ? -7.399  9.822   7.870   1.00 8.87  ? 61   VAL A CB  1 
ATOM   442  C CG1 . VAL A 1 61  ? -8.610  10.796  7.876   1.00 8.38  ? 61   VAL A CG1 1 
ATOM   443  C CG2 . VAL A 1 61  ? -6.073  10.536  7.679   1.00 9.36  ? 61   VAL A CG2 1 
ATOM   444  N N   . GLY A 1 62  ? -8.263  10.156  11.060  1.00 8.43  ? 62   GLY A N   1 
ATOM   445  C CA  . GLY A 1 62  ? -8.186  10.959  12.308  1.00 10.38 ? 62   GLY A CA  1 
ATOM   446  C C   . GLY A 1 62  ? -7.616  10.212  13.502  1.00 10.80 ? 62   GLY A C   1 
ATOM   447  O O   . GLY A 1 62  ? -6.992  10.822  14.409  1.00 12.56 ? 62   GLY A O   1 
ATOM   448  N N   . LYS A 1 63  ? -7.801  8.889   13.493  1.00 9.86  ? 63   LYS A N   1 
ATOM   449  C CA  . LYS A 1 63  ? -7.303  8.003   14.510  1.00 10.14 ? 63   LYS A CA  1 
ATOM   450  C C   . LYS A 1 63  ? -5.894  7.515   14.216  1.00 9.57  ? 63   LYS A C   1 
ATOM   451  O O   . LYS A 1 63  ? -5.269  6.923   15.085  1.00 10.14 ? 63   LYS A O   1 
ATOM   452  C CB  . LYS A 1 63  ? -8.259  6.825   14.733  1.00 10.41 ? 63   LYS A CB  1 
ATOM   453  C CG  . LYS A 1 63  ? -9.659  7.225   15.284  1.00 15.46 ? 63   LYS A CG  1 
ATOM   454  C CD  . LYS A 1 63  ? -9.509  7.935   16.649  1.00 21.03 ? 63   LYS A CD  1 
ATOM   455  C CE  . LYS A 1 63  ? -10.853 8.274   17.314  1.00 23.09 ? 63   LYS A CE  1 
ATOM   456  N NZ  . LYS A 1 63  ? -11.467 9.533   16.753  1.00 26.61 ? 63   LYS A NZ  1 
ATOM   457  N N   . GLY A 1 64  ? -5.394  7.762   13.001  1.00 8.49  ? 64   GLY A N   1 
ATOM   458  C CA  . GLY A 1 64  ? -4.005  7.414   12.727  1.00 7.73  ? 64   GLY A CA  1 
ATOM   459  C C   . GLY A 1 64  ? -3.763  6.477   11.564  1.00 6.73  ? 64   GLY A C   1 
ATOM   460  O O   . GLY A 1 64  ? -2.609  6.112   11.331  1.00 7.38  ? 64   GLY A O   1 
ATOM   461  N N   . LEU A 1 65  ? -4.801  6.107   10.819  1.00 6.87  ? 65   LEU A N   1 
ATOM   462  C CA  . LEU A 1 65  ? -4.592  5.220   9.656   1.00 5.83  ? 65   LEU A CA  1 
ATOM   463  C C   . LEU A 1 65  ? -4.007  5.994   8.478   1.00 5.86  ? 65   LEU A C   1 
ATOM   464  O O   . LEU A 1 65  ? -4.546  7.025   8.090   1.00 5.98  ? 65   LEU A O   1 
ATOM   465  C CB  . LEU A 1 65  ? -5.902  4.557   9.206   1.00 7.16  ? 65   LEU A CB  1 
ATOM   466  C CG  . LEU A 1 65  ? -5.748  3.613   7.999   1.00 5.96  ? 65   LEU A CG  1 
ATOM   467  C CD1 . LEU A 1 65  ? -4.857  2.395   8.316   1.00 7.48  ? 65   LEU A CD1 1 
ATOM   468  C CD2 . LEU A 1 65  ? -7.139  3.180   7.544   1.00 7.90  ? 65   LEU A CD2 1 
ATOM   469  N N   . ARG A 1 66  ? -2.928  5.463   7.893   1.00 5.58  ? 66   ARG A N   1 
ATOM   470  C CA  . ARG A 1 66  ? -2.363  6.051   6.670   1.00 4.79  ? 66   ARG A CA  1 
ATOM   471  C C   . ARG A 1 66  ? -2.295  4.963   5.614   1.00 6.03  ? 66   ARG A C   1 
ATOM   472  O O   . ARG A 1 66  ? -1.519  4.015   5.746   1.00 8.82  ? 66   ARG A O   1 
ATOM   473  C CB  . ARG A 1 66  ? -0.954  6.620   6.921   1.00 5.47  ? 66   ARG A CB  1 
ATOM   474  C CG  . ARG A 1 66  ? -0.969  7.730   7.946   1.00 5.96  ? 66   ARG A CG  1 
ATOM   475  C CD  . ARG A 1 66  ? -1.699  8.973   7.420   1.00 6.61  ? 66   ARG A CD  1 
ATOM   476  N NE  . ARG A 1 66  ? -1.680  10.087  8.392   1.00 11.03 ? 66   ARG A NE  1 
ATOM   477  C CZ  . ARG A 1 66  ? -2.543  10.230  9.406   1.00 10.00 ? 66   ARG A CZ  1 
ATOM   478  N NH1 . ARG A 1 66  ? -3.515  9.352   9.618   1.00 8.76  ? 66   ARG A NH1 1 
ATOM   479  N NH2 . ARG A 1 66  ? -2.422  11.280  10.226  1.00 11.72 ? 66   ARG A NH2 1 
ATOM   480  N N   . ILE A 1 67  ? -3.120  5.095   4.579   1.00 5.68  ? 67   ILE A N   1 
ATOM   481  C CA  . ILE A 1 67  ? -3.084  4.156   3.437   1.00 4.66  ? 67   ILE A CA  1 
ATOM   482  C C   . ILE A 1 67  ? -2.087  4.659   2.410   1.00 4.81  ? 67   ILE A C   1 
ATOM   483  O O   . ILE A 1 67  ? -2.108  5.870   2.024   1.00 5.46  ? 67   ILE A O   1 
ATOM   484  C CB  . ILE A 1 67  ? -4.492  4.008   2.832   1.00 5.00  ? 67   ILE A CB  1 
ATOM   485  C CG1 . ILE A 1 67  ? -5.433  3.405   3.879   1.00 5.76  ? 67   ILE A CG1 1 
ATOM   486  C CG2 . ILE A 1 67  ? -4.439  3.177   1.554   1.00 5.26  ? 67   ILE A CG2 1 
ATOM   487  C CD1 . ILE A 1 67  ? -6.912  3.530   3.476   1.00 6.06  ? 67   ILE A CD1 1 
ATOM   488  N N   A LEU A 1 68  ? -1.161  3.775   2.033   0.50 4.57  ? 68   LEU A N   1 
ATOM   489  N N   B LEU A 1 68  ? -1.170  3.777   1.995   0.50 4.41  ? 68   LEU A N   1 
ATOM   490  C CA  A LEU A 1 68  ? -0.164  4.067   1.005   0.50 5.21  ? 68   LEU A CA  1 
ATOM   491  C CA  B LEU A 1 68  ? -0.118  4.124   1.024   0.50 4.76  ? 68   LEU A CA  1 
ATOM   492  C C   A LEU A 1 68  ? -0.465  3.188   -0.193  0.50 4.32  ? 68   LEU A C   1 
ATOM   493  C C   B LEU A 1 68  ? -0.246  3.224   -0.203  0.50 4.15  ? 68   LEU A C   1 
ATOM   494  O O   A LEU A 1 68  ? -0.594  1.965   -0.055  0.50 5.36  ? 68   LEU A O   1 
ATOM   495  O O   B LEU A 1 68  ? 0.012   2.028   -0.089  0.50 4.76  ? 68   LEU A O   1 
ATOM   496  C CB  A LEU A 1 68  ? 1.260   3.788   1.511   0.50 4.65  ? 68   LEU A CB  1 
ATOM   497  C CB  B LEU A 1 68  ? 1.278   3.932   1.652   0.50 4.22  ? 68   LEU A CB  1 
ATOM   498  C CG  A LEU A 1 68  ? 1.806   4.659   2.640   0.50 5.43  ? 68   LEU A CG  1 
ATOM   499  C CG  B LEU A 1 68  ? 1.514   4.440   3.080   0.50 3.48  ? 68   LEU A CG  1 
ATOM   500  C CD1 A LEU A 1 68  ? 1.074   4.432   3.938   0.50 6.07  ? 68   LEU A CD1 1 
ATOM   501  C CD1 B LEU A 1 68  ? 2.974   4.241   3.518   0.50 3.39  ? 68   LEU A CD1 1 
ATOM   502  C CD2 A LEU A 1 68  ? 3.304   4.406   2.793   0.50 4.09  ? 68   LEU A CD2 1 
ATOM   503  C CD2 B LEU A 1 68  ? 1.149   5.908   3.192   0.50 4.77  ? 68   LEU A CD2 1 
ATOM   504  N N   . ALA A 1 69  ? -0.582  3.812   -1.362  1.00 4.69  ? 69   ALA A N   1 
ATOM   505  C CA  . ALA A 1 69  ? -0.925  3.044   -2.583  1.00 4.48  ? 69   ALA A CA  1 
ATOM   506  C C   . ALA A 1 69  ? 0.180   3.188   -3.633  1.00 4.50  ? 69   ALA A C   1 
ATOM   507  O O   . ALA A 1 69  ? 0.501   4.312   -4.070  1.00 4.75  ? 69   ALA A O   1 
ATOM   508  C CB  . ALA A 1 69  ? -2.301  3.490   -3.137  1.00 4.61  ? 69   ALA A CB  1 
ATOM   509  N N   . PHE A 1 70  ? 0.758   2.033   -3.990  1.00 4.68  ? 70   PHE A N   1 
ATOM   510  C CA  . PHE A 1 70  ? 1.855   1.941   -4.940  1.00 4.82  ? 70   PHE A CA  1 
ATOM   511  C C   . PHE A 1 70  ? 1.364   1.310   -6.227  1.00 4.38  ? 70   PHE A C   1 
ATOM   512  O O   . PHE A 1 70  ? 1.148   0.124   -6.260  1.00 4.90  ? 70   PHE A O   1 
ATOM   513  C CB  . PHE A 1 70  ? 3.000   1.091   -4.339  1.00 5.53  ? 70   PHE A CB  1 
ATOM   514  C CG  . PHE A 1 70  ? 3.712   1.799   -3.230  1.00 5.02  ? 70   PHE A CG  1 
ATOM   515  C CD1 . PHE A 1 70  ? 4.772   2.642   -3.522  1.00 5.85  ? 70   PHE A CD1 1 
ATOM   516  C CD2 . PHE A 1 70  ? 3.250   1.689   -1.902  1.00 4.19  ? 70   PHE A CD2 1 
ATOM   517  C CE1 . PHE A 1 70  ? 5.425   3.351   -2.503  1.00 9.32  ? 70   PHE A CE1 1 
ATOM   518  C CE2 . PHE A 1 70  ? 3.889   2.438   -0.857  1.00 3.35  ? 70   PHE A CE2 1 
ATOM   519  C CZ  . PHE A 1 70  ? 4.986   3.234   -1.175  1.00 6.38  ? 70   PHE A CZ  1 
ATOM   520  N N   . PRO A 1 71  ? 1.235   2.106   -7.299  1.00 4.37  ? 71   PRO A N   1 
ATOM   521  C CA  . PRO A 1 71  ? 0.869   1.540   -8.612  1.00 4.77  ? 71   PRO A CA  1 
ATOM   522  C C   . PRO A 1 71  ? 1.919   0.509   -9.062  1.00 5.39  ? 71   PRO A C   1 
ATOM   523  O O   . PRO A 1 71  ? 3.105   0.679   -8.795  1.00 6.23  ? 71   PRO A O   1 
ATOM   524  C CB  . PRO A 1 71  ? 0.907   2.773   -9.532  1.00 4.61  ? 71   PRO A CB  1 
ATOM   525  C CG  . PRO A 1 71  ? 0.640   3.961   -8.586  1.00 5.90  ? 71   PRO A CG  1 
ATOM   526  C CD  . PRO A 1 71  ? 1.410   3.568   -7.355  1.00 5.45  ? 71   PRO A CD  1 
ATOM   527  N N   . CYS A 1 72  ? 1.486   -0.575  -9.711  1.00 6.05  ? 72   CYS A N   1 
ATOM   528  C CA  . CYS A 1 72  ? 2.414   -1.635  -10.134 1.00 5.91  ? 72   CYS A CA  1 
ATOM   529  C C   . CYS A 1 72  ? 1.804   -2.311  -11.347 1.00 6.65  ? 72   CYS A C   1 
ATOM   530  O O   . CYS A 1 72  ? 0.622   -2.682  -11.320 1.00 7.62  ? 72   CYS A O   1 
ATOM   531  C CB  . CYS A 1 72  ? 2.637   -2.662  -9.009  1.00 6.77  ? 72   CYS A CB  1 
ATOM   532  S SG  . CYS A 1 72  ? 3.745   -4.004  -9.490  1.00 8.02  ? 72   CYS A SG  1 
ATOM   533  N N   . ASN A 1 73  ? 2.604   -2.399  -12.406 1.00 6.66  ? 73   ASN A N   1 
ATOM   534  C CA  . ASN A 1 73  ? 2.145   -2.942  -13.705 1.00 7.21  ? 73   ASN A CA  1 
ATOM   535  C C   . ASN A 1 73  ? 2.541   -4.410  -13.946 1.00 8.15  ? 73   ASN A C   1 
ATOM   536  O O   . ASN A 1 73  ? 2.485   -4.912  -15.098 1.00 8.56  ? 73   ASN A O   1 
ATOM   537  C CB  . ASN A 1 73  ? 2.616   -2.023  -14.852 1.00 7.01  ? 73   ASN A CB  1 
ATOM   538  C CG  . ASN A 1 73  ? 1.893   -2.304  -16.175 1.00 8.11  ? 73   ASN A CG  1 
ATOM   539  O OD1 . ASN A 1 73  ? 0.688   -2.510  -16.195 1.00 9.19  ? 73   ASN A OD1 1 
ATOM   540  N ND2 . ASN A 1 73  ? 2.644   -2.267  -17.282 1.00 11.32 ? 73   ASN A ND2 1 
ATOM   541  N N   . GLN A 1 74  ? 2.914   -5.121  -12.877 1.00 7.08  ? 74   GLN A N   1 
ATOM   542  C CA  . GLN A 1 74  ? 3.472   -6.492  -13.044 1.00 7.61  ? 74   GLN A CA  1 
ATOM   543  C C   . GLN A 1 74  ? 2.428   -7.594  -13.114 1.00 8.51  ? 74   GLN A C   1 
ATOM   544  O O   . GLN A 1 74  ? 2.788   -8.778  -13.272 1.00 9.31  ? 74   GLN A O   1 
ATOM   545  C CB  . GLN A 1 74  ? 4.467   -6.807  -11.925 1.00 7.66  ? 74   GLN A CB  1 
ATOM   546  C CG  . GLN A 1 74  ? 5.734   -6.004  -12.074 1.00 9.32  ? 74   GLN A CG  1 
ATOM   547  C CD  . GLN A 1 74  ? 6.756   -6.338  -11.018 1.00 9.80  ? 74   GLN A CD  1 
ATOM   548  O OE1 . GLN A 1 74  ? 6.507   -6.175  -9.809  1.00 9.38  ? 74   GLN A OE1 1 
ATOM   549  N NE2 . GLN A 1 74  ? 7.908   -6.832  -11.459 1.00 9.18  ? 74   GLN A NE2 1 
ATOM   550  N N   . PHE A 1 75  ? 1.151   -7.224  -12.989 1.00 7.96  ? 75   PHE A N   1 
ATOM   551  C CA  . PHE A 1 75  ? 0.086   -8.237  -12.903 1.00 8.73  ? 75   PHE A CA  1 
ATOM   552  C C   . PHE A 1 75  ? -0.936  -8.056  -14.008 1.00 8.29  ? 75   PHE A C   1 
ATOM   553  O O   . PHE A 1 75  ? -1.860  -7.265  -13.897 1.00 9.45  ? 75   PHE A O   1 
ATOM   554  C CB  . PHE A 1 75  ? -0.550  -8.245  -11.504 1.00 8.51  ? 75   PHE A CB  1 
ATOM   555  C CG  . PHE A 1 75  ? 0.482   -8.323  -10.411 1.00 6.29  ? 75   PHE A CG  1 
ATOM   556  C CD1 . PHE A 1 75  ? 1.087   -9.550  -10.118 1.00 7.06  ? 75   PHE A CD1 1 
ATOM   557  C CD2 . PHE A 1 75  ? 0.864   -7.178  -9.702  1.00 7.22  ? 75   PHE A CD2 1 
ATOM   558  C CE1 . PHE A 1 75  ? 2.085   -9.648  -9.132  1.00 7.87  ? 75   PHE A CE1 1 
ATOM   559  C CE2 . PHE A 1 75  ? 1.855   -7.252  -8.716  1.00 6.67  ? 75   PHE A CE2 1 
ATOM   560  C CZ  . PHE A 1 75  ? 2.469   -8.501  -8.418  1.00 5.45  ? 75   PHE A CZ  1 
ATOM   561  N N   . GLY A 1 76  ? -0.730  -8.785  -15.103 1.00 9.12  ? 76   GLY A N   1 
ATOM   562  C CA  . GLY A 1 76  ? -1.608  -8.646  -16.264 1.00 8.88  ? 76   GLY A CA  1 
ATOM   563  C C   . GLY A 1 76  ? -1.493  -7.336  -17.058 1.00 9.36  ? 76   GLY A C   1 
ATOM   564  O O   . GLY A 1 76  ? -2.349  -7.048  -17.913 1.00 11.41 ? 76   GLY A O   1 
ATOM   565  N N   . GLY A 1 77  ? -0.441  -6.554  -16.806 1.00 9.21  ? 77   GLY A N   1 
ATOM   566  C CA  . GLY A 1 77  ? -0.297  -5.218  -17.420 1.00 9.67  ? 77   GLY A CA  1 
ATOM   567  C C   . GLY A 1 77  ? -1.485  -4.311  -17.121 1.00 9.58  ? 77   GLY A C   1 
ATOM   568  O O   . GLY A 1 77  ? -1.949  -3.540  -17.990 1.00 10.17 ? 77   GLY A O   1 
ATOM   569  N N   . GLN A 1 78  ? -1.933  -4.345  -15.869 1.00 8.22  ? 78   GLN A N   1 
ATOM   570  C CA  . GLN A 1 78  ? -3.188  -3.644  -15.503 1.00 7.85  ? 78   GLN A CA  1 
ATOM   571  C C   . GLN A 1 78  ? -2.965  -2.273  -14.864 1.00 7.49  ? 78   GLN A C   1 
ATOM   572  O O   . GLN A 1 78  ? -3.908  -1.620  -14.413 1.00 8.11  ? 78   GLN A O   1 
ATOM   573  C CB  . GLN A 1 78  ? -4.035  -4.564  -14.632 1.00 7.88  ? 78   GLN A CB  1 
ATOM   574  C CG  . GLN A 1 78  ? -4.605  -5.709  -15.508 1.00 9.28  ? 78   GLN A CG  1 
ATOM   575  C CD  . GLN A 1 78  ? -5.314  -6.795  -14.733 1.00 12.90 ? 78   GLN A CD  1 
ATOM   576  O OE1 . GLN A 1 78  ? -5.363  -6.794  -13.511 1.00 12.00 ? 78   GLN A OE1 1 
ATOM   577  N NE2 . GLN A 1 78  ? -5.853  -7.764  -15.472 1.00 14.90 ? 78   GLN A NE2 1 
ATOM   578  N N   . GLU A 1 79  ? -1.702  -1.824  -14.855 1.00 7.00  ? 79   GLU A N   1 
ATOM   579  C CA  . GLU A 1 79  ? -1.387  -0.434  -14.505 1.00 7.30  ? 79   GLU A CA  1 
ATOM   580  C C   . GLU A 1 79  ? -0.477  0.200   -15.581 1.00 6.49  ? 79   GLU A C   1 
ATOM   581  O O   . GLU A 1 79  ? 0.649   0.607   -15.296 1.00 6.36  ? 79   GLU A O   1 
ATOM   582  C CB  . GLU A 1 79  ? -0.746  -0.371  -13.102 1.00 7.64  ? 79   GLU A CB  1 
ATOM   583  C CG  . GLU A 1 79  ? -0.627  1.071   -12.566 1.00 7.66  ? 79   GLU A CG  1 
ATOM   584  C CD  . GLU A 1 79  ? -1.961  1.611   -12.062 1.00 9.30  ? 79   GLU A CD  1 
ATOM   585  O OE1 . GLU A 1 79  ? -2.075  1.908   -10.861 1.00 11.48 ? 79   GLU A OE1 1 
ATOM   586  O OE2 . GLU A 1 79  ? -2.920  1.698   -12.859 1.00 8.45  ? 79   GLU A OE2 1 
ATOM   587  N N   . PRO A 1 80  ? -0.938  0.240   -16.847 1.00 7.46  ? 80   PRO A N   1 
ATOM   588  C CA  . PRO A 1 80  ? -0.048  0.733   -17.927 1.00 7.50  ? 80   PRO A CA  1 
ATOM   589  C C   . PRO A 1 80  ? 0.219   2.239   -17.960 1.00 7.66  ? 80   PRO A C   1 
ATOM   590  O O   . PRO A 1 80  ? 1.265   2.639   -18.462 1.00 8.41  ? 80   PRO A O   1 
ATOM   591  C CB  . PRO A 1 80  ? -0.791  0.312   -19.211 1.00 7.87  ? 80   PRO A CB  1 
ATOM   592  C CG  . PRO A 1 80  ? -2.230  0.331   -18.804 1.00 7.73  ? 80   PRO A CG  1 
ATOM   593  C CD  . PRO A 1 80  ? -2.247  -0.184  -17.365 1.00 7.30  ? 80   PRO A CD  1 
ATOM   594  N N   . TRP A 1 81  ? -0.698  3.047   -17.424 1.00 8.20  ? 81   TRP A N   1 
ATOM   595  C CA  . TRP A 1 81  ? -0.643  4.498   -17.587 1.00 9.33  ? 81   TRP A CA  1 
ATOM   596  C C   . TRP A 1 81  ? 0.500   5.176   -16.849 1.00 9.18  ? 81   TRP A C   1 
ATOM   597  O O   . TRP A 1 81  ? 1.059   4.624   -15.889 1.00 9.30  ? 81   TRP A O   1 
ATOM   598  C CB  . TRP A 1 81  ? -1.946  5.142   -17.143 1.00 9.04  ? 81   TRP A CB  1 
ATOM   599  C CG  . TRP A 1 81  ? -3.153  4.591   -17.842 1.00 9.35  ? 81   TRP A CG  1 
ATOM   600  C CD1 . TRP A 1 81  ? -3.237  4.132   -19.152 1.00 11.22 ? 81   TRP A CD1 1 
ATOM   601  C CD2 . TRP A 1 81  ? -4.459  4.513   -17.303 1.00 10.36 ? 81   TRP A CD2 1 
ATOM   602  N NE1 . TRP A 1 81  ? -4.529  3.715   -19.420 1.00 11.88 ? 81   TRP A NE1 1 
ATOM   603  C CE2 . TRP A 1 81  ? -5.302  3.946   -18.308 1.00 11.17 ? 81   TRP A CE2 1 
ATOM   604  C CE3 . TRP A 1 81  ? -5.012  4.830   -16.050 1.00 10.72 ? 81   TRP A CE3 1 
ATOM   605  C CZ2 . TRP A 1 81  ? -6.664  3.705   -18.091 1.00 12.75 ? 81   TRP A CZ2 1 
ATOM   606  C CZ3 . TRP A 1 81  ? -6.364  4.581   -15.842 1.00 11.86 ? 81   TRP A CZ3 1 
ATOM   607  C CH2 . TRP A 1 81  ? -7.174  4.036   -16.855 1.00 11.93 ? 81   TRP A CH2 1 
ATOM   608  N N   . ALA A 1 82  ? 0.819   6.387   -17.300 1.00 9.96  ? 82   ALA A N   1 
ATOM   609  C CA  . ALA A 1 82  ? 1.745   7.252   -16.579 1.00 9.56  ? 82   ALA A CA  1 
ATOM   610  C C   . ALA A 1 82  ? 1.081   7.812   -15.307 1.00 8.43  ? 82   ALA A C   1 
ATOM   611  O O   . ALA A 1 82  ? -0.160  7.859   -15.172 1.00 8.13  ? 82   ALA A O   1 
ATOM   612  C CB  . ALA A 1 82  ? 2.203   8.401   -17.486 1.00 9.95  ? 82   ALA A CB  1 
ATOM   613  N N   . GLU A 1 83  ? 1.925   8.328   -14.413 1.00 8.21  ? 83   GLU A N   1 
ATOM   614  C CA  . GLU A 1 83  ? 1.462   8.815   -13.117 1.00 8.14  ? 83   GLU A CA  1 
ATOM   615  C C   . GLU A 1 83  ? 0.338   9.841   -13.173 1.00 8.66  ? 83   GLU A C   1 
ATOM   616  O O   . GLU A 1 83  ? -0.624  9.757   -12.399 1.00 9.16  ? 83   GLU A O   1 
ATOM   617  C CB  . GLU A 1 83  ? 2.660   9.373   -12.335 1.00 8.89  ? 83   GLU A CB  1 
ATOM   618  C CG  . GLU A 1 83  ? 3.465   8.298   -11.587 1.00 9.11  ? 83   GLU A CG  1 
ATOM   619  C CD  . GLU A 1 83  ? 4.441   7.464   -12.458 1.00 10.37 ? 83   GLU A CD  1 
ATOM   620  O OE1 . GLU A 1 83  ? 4.646   7.777   -13.672 1.00 10.45 ? 83   GLU A OE1 1 
ATOM   621  O OE2 . GLU A 1 83  ? 5.022   6.489   -11.919 1.00 10.15 ? 83   GLU A OE2 1 
ATOM   622  N N   . ALA A 1 84  ? 0.456   10.820  -14.085 1.00 9.62  ? 84   ALA A N   1 
ATOM   623  C CA  . ALA A 1 84  ? -0.568  11.866  -14.174 1.00 10.58 ? 84   ALA A CA  1 
ATOM   624  C C   . ALA A 1 84  ? -1.940  11.272  -14.484 1.00 10.38 ? 84   ALA A C   1 
ATOM   625  O O   . ALA A 1 84  ? -2.967  11.731  -13.955 1.00 10.54 ? 84   ALA A O   1 
ATOM   626  C CB  . ALA A 1 84  ? -0.186  12.914  -15.258 1.00 10.83 ? 84   ALA A CB  1 
ATOM   627  N N   . GLU A 1 85  ? -1.945  10.262  -15.350 1.00 10.26 ? 85   GLU A N   1 
ATOM   628  C CA  . GLU A 1 85  ? -3.196  9.636   -15.791 1.00 10.47 ? 85   GLU A CA  1 
ATOM   629  C C   . GLU A 1 85  ? -3.770  8.764   -14.677 1.00 10.06 ? 85   GLU A C   1 
ATOM   630  O O   . GLU A 1 85  ? -4.993  8.733   -14.454 1.00 9.49  ? 85   GLU A O   1 
ATOM   631  C CB  . GLU A 1 85  ? -2.971  8.829   -17.072 1.00 11.12 ? 85   GLU A CB  1 
ATOM   632  C CG  . GLU A 1 85  ? -3.023  9.713   -18.314 1.00 15.95 ? 85   GLU A CG  1 
ATOM   633  C CD  . GLU A 1 85  ? -1.773  10.558  -18.526 1.00 23.61 ? 85   GLU A CD  1 
ATOM   634  O OE1 . GLU A 1 85  ? -0.677  9.988   -18.773 1.00 24.53 ? 85   GLU A OE1 1 
ATOM   635  O OE2 . GLU A 1 85  ? -1.887  11.818  -18.488 1.00 26.49 ? 85   GLU A OE2 1 
ATOM   636  N N   . ILE A 1 86  ? -2.875  8.077   -13.974 1.00 8.18  ? 86   ILE A N   1 
ATOM   637  C CA  . ILE A 1 86  ? -3.299  7.275   -12.808 1.00 8.06  ? 86   ILE A CA  1 
ATOM   638  C C   . ILE A 1 86  ? -3.928  8.193   -11.747 1.00 8.54  ? 86   ILE A C   1 
ATOM   639  O O   . ILE A 1 86  ? -5.007  7.921   -11.216 1.00 8.61  ? 86   ILE A O   1 
ATOM   640  C CB  . ILE A 1 86  ? -2.119  6.509   -12.185 1.00 7.90  ? 86   ILE A CB  1 
ATOM   641  C CG1 . ILE A 1 86  ? -1.600  5.428   -13.149 1.00 7.55  ? 86   ILE A CG1 1 
ATOM   642  C CG2 . ILE A 1 86  ? -2.577  5.825   -10.879 1.00 7.22  ? 86   ILE A CG2 1 
ATOM   643  C CD1 . ILE A 1 86  ? -0.250  4.772   -12.680 1.00 9.32  ? 86   ILE A CD1 1 
ATOM   644  N N   . LYS A 1 87  ? -3.251  9.301   -11.450 1.00 9.54  ? 87   LYS A N   1 
ATOM   645  C CA  . LYS A 1 87  ? -3.744  10.261  -10.462 1.00 10.61 ? 87   LYS A CA  1 
ATOM   646  C C   . LYS A 1 87  ? -5.121  10.803  -10.846 1.00 10.55 ? 87   LYS A C   1 
ATOM   647  O O   . LYS A 1 87  ? -6.034  10.839  -10.020 1.00 10.86 ? 87   LYS A O   1 
ATOM   648  C CB  . LYS A 1 87  ? -2.746  11.393  -10.274 1.00 10.92 ? 87   LYS A CB  1 
ATOM   649  C CG  . LYS A 1 87  ? -3.124  12.344  -9.143  1.00 12.44 ? 87   LYS A CG  1 
ATOM   650  C CD  . LYS A 1 87  ? -2.164  13.493  -8.988  1.00 16.89 ? 87   LYS A CD  1 
ATOM   651  C CE  . LYS A 1 87  ? -2.743  14.471  -7.980  1.00 20.89 ? 87   LYS A CE  1 
ATOM   652  N NZ  . LYS A 1 87  ? -1.735  14.883  -6.950  1.00 25.29 ? 87   LYS A NZ  1 
ATOM   653  N N   . LYS A 1 88  ? -5.258  11.239  -12.105 1.00 11.13 ? 88   LYS A N   1 
ATOM   654  C CA  . LYS A 1 88  ? -6.535  11.727  -12.598 1.00 11.57 ? 88   LYS A CA  1 
ATOM   655  C C   . LYS A 1 88  ? -7.643  10.672  -12.469 1.00 11.54 ? 88   LYS A C   1 
ATOM   656  O O   . LYS A 1 88  ? -8.755  10.995  -12.040 1.00 11.72 ? 88   LYS A O   1 
ATOM   657  C CB  . LYS A 1 88  ? -6.396  12.258  -14.030 1.00 12.84 ? 88   LYS A CB  1 
ATOM   658  C CG  . LYS A 1 88  ? -7.706  12.797  -14.630 1.00 15.13 ? 88   LYS A CG  1 
ATOM   659  C CD  . LYS A 1 88  ? -7.429  13.314  -16.052 1.00 19.88 ? 88   LYS A CD  1 
ATOM   660  C CE  . LYS A 1 88  ? -8.691  13.859  -16.748 1.00 24.62 ? 88   LYS A CE  1 
ATOM   661  N NZ  . LYS A 1 88  ? -9.198  15.104  -16.104 1.00 27.60 ? 88   LYS A NZ  1 
ATOM   662  N N   . PHE A 1 89  ? -7.336  9.425   -12.828 1.00 10.65 ? 89   PHE A N   1 
ATOM   663  C CA  . PHE A 1 89  ? -8.322  8.333   -12.803 1.00 10.70 ? 89   PHE A CA  1 
ATOM   664  C C   . PHE A 1 89  ? -8.831  8.091   -11.372 1.00 10.38 ? 89   PHE A C   1 
ATOM   665  O O   . PHE A 1 89  ? -10.044 8.068   -11.123 1.00 9.82  ? 89   PHE A O   1 
ATOM   666  C CB  . PHE A 1 89  ? -7.716  7.043   -13.360 1.00 11.72 ? 89   PHE A CB  1 
ATOM   667  C CG  . PHE A 1 89  ? -8.684  5.878   -13.415 1.00 11.95 ? 89   PHE A CG  1 
ATOM   668  C CD1 . PHE A 1 89  ? -8.746  4.933   -12.383 1.00 13.40 ? 89   PHE A CD1 1 
ATOM   669  C CD2 . PHE A 1 89  ? -9.503  5.700   -14.525 1.00 15.84 ? 89   PHE A CD2 1 
ATOM   670  C CE1 . PHE A 1 89  ? -9.619  3.841   -12.445 1.00 14.14 ? 89   PHE A CE1 1 
ATOM   671  C CE2 . PHE A 1 89  ? -10.391 4.602   -14.594 1.00 15.48 ? 89   PHE A CE2 1 
ATOM   672  C CZ  . PHE A 1 89  ? -10.447 3.677   -13.547 1.00 14.73 ? 89   PHE A CZ  1 
ATOM   673  N N   . VAL A 1 90  ? -7.903  7.961   -10.432 1.00 9.34  ? 90   VAL A N   1 
ATOM   674  C CA  . VAL A 1 90  ? -8.320  7.589   -9.069  1.00 10.37 ? 90   VAL A CA  1 
ATOM   675  C C   . VAL A 1 90  ? -9.021  8.730   -8.324  1.00 11.01 ? 90   VAL A C   1 
ATOM   676  O O   . VAL A 1 90  ? -9.914  8.497   -7.483  1.00 10.94 ? 90   VAL A O   1 
ATOM   677  C CB  . VAL A 1 90  ? -7.183  6.934   -8.214  1.00 10.69 ? 90   VAL A CB  1 
ATOM   678  C CG1 . VAL A 1 90  ? -6.576  5.754   -8.949  1.00 9.13  ? 90   VAL A CG1 1 
ATOM   679  C CG2 . VAL A 1 90  ? -6.102  7.937   -7.818  1.00 11.71 ? 90   VAL A CG2 1 
ATOM   680  N N   . THR A 1 91  ? -8.622  9.968   -8.630  1.00 12.47 ? 91   THR A N   1 
ATOM   681  C CA  . THR A 1 91  ? -9.251  11.106  -7.976  1.00 14.29 ? 91   THR A CA  1 
ATOM   682  C C   . THR A 1 91  ? -10.640 11.323  -8.551  1.00 14.77 ? 91   THR A C   1 
ATOM   683  O O   . THR A 1 91  ? -11.590 11.507  -7.790  1.00 14.67 ? 91   THR A O   1 
ATOM   684  C CB  . THR A 1 91  ? -8.396  12.390  -8.039  1.00 14.58 ? 91   THR A CB  1 
ATOM   685  O OG1 . THR A 1 91  ? -8.284  12.842  -9.383  1.00 20.19 ? 91   THR A OG1 1 
ATOM   686  C CG2 . THR A 1 91  ? -7.022  12.134  -7.525  1.00 14.74 ? 91   THR A CG2 1 
ATOM   687  N N   . GLU A 1 92  ? -10.768 11.263  -9.880  1.00 14.51 ? 92   GLU A N   1 
ATOM   688  C CA  . GLU A 1 92  ? -12.089 11.444  -10.502 1.00 15.97 ? 92   GLU A CA  1 
ATOM   689  C C   . GLU A 1 92  ? -13.076 10.325  -10.186 1.00 15.58 ? 92   GLU A C   1 
ATOM   690  O O   . GLU A 1 92  ? -14.264 10.591  -9.939  1.00 16.14 ? 92   GLU A O   1 
ATOM   691  C CB  . GLU A 1 92  ? -11.965 11.662  -12.004 1.00 16.43 ? 92   GLU A CB  1 
ATOM   692  C CG  . GLU A 1 92  ? -11.178 12.911  -12.342 1.00 20.08 ? 92   GLU A CG  1 
ATOM   693  C CD  . GLU A 1 92  ? -11.193 13.251  -13.818 1.00 24.28 ? 92   GLU A CD  1 
ATOM   694  O OE1 . GLU A 1 92  ? -11.564 12.379  -14.633 1.00 26.22 ? 92   GLU A OE1 1 
ATOM   695  O OE2 . GLU A 1 92  ? -10.810 14.391  -14.158 1.00 27.02 ? 92   GLU A OE2 1 
ATOM   696  N N   . LYS A 1 93  ? -12.609 9.086   -10.203 1.00 14.30 ? 93   LYS A N   1 
ATOM   697  C CA  . LYS A 1 93  ? -13.500 7.941   -10.000 1.00 13.72 ? 93   LYS A CA  1 
ATOM   698  C C   . LYS A 1 93  ? -13.809 7.625   -8.538  1.00 12.96 ? 93   LYS A C   1 
ATOM   699  O O   . LYS A 1 93  ? -14.948 7.265   -8.206  1.00 13.51 ? 93   LYS A O   1 
ATOM   700  C CB  . LYS A 1 93  ? -12.991 6.691   -10.726 1.00 14.52 ? 93   LYS A CB  1 
ATOM   701  C CG  . LYS A 1 93  ? -14.139 5.692   -10.979 1.00 17.60 ? 93   LYS A CG  1 
ATOM   702  C CD  . LYS A 1 93  ? -13.736 4.535   -11.892 1.00 21.76 ? 93   LYS A CD  1 
ATOM   703  C CE  . LYS A 1 93  ? -14.945 3.627   -12.120 1.00 23.52 ? 93   LYS A CE  1 
ATOM   704  N NZ  . LYS A 1 93  ? -14.554 2.313   -12.725 1.00 26.10 ? 93   LYS A NZ  1 
ATOM   705  N N   . TYR A 1 94  ? -12.820 7.804   -7.666  1.00 11.43 ? 94   TYR A N   1 
ATOM   706  C CA  . TYR A 1 94  ? -12.965 7.351   -6.289  1.00 11.21 ? 94   TYR A CA  1 
ATOM   707  C C   . TYR A 1 94  ? -12.781 8.444   -5.243  1.00 11.15 ? 94   TYR A C   1 
ATOM   708  O O   . TYR A 1 94  ? -12.980 8.207   -4.046  1.00 11.26 ? 94   TYR A O   1 
ATOM   709  C CB  . TYR A 1 94  ? -11.966 6.229   -6.025  1.00 11.28 ? 94   TYR A CB  1 
ATOM   710  C CG  . TYR A 1 94  ? -12.032 5.108   -7.017  1.00 10.80 ? 94   TYR A CG  1 
ATOM   711  C CD1 . TYR A 1 94  ? -13.197 4.335   -7.169  1.00 10.32 ? 94   TYR A CD1 1 
ATOM   712  C CD2 . TYR A 1 94  ? -10.925 4.820   -7.824  1.00 11.54 ? 94   TYR A CD2 1 
ATOM   713  C CE1 . TYR A 1 94  ? -13.248 3.294   -8.109  1.00 13.68 ? 94   TYR A CE1 1 
ATOM   714  C CE2 . TYR A 1 94  ? -10.962 3.792   -8.747  1.00 13.37 ? 94   TYR A CE2 1 
ATOM   715  C CZ  . TYR A 1 94  ? -12.119 3.047   -8.897  1.00 13.71 ? 94   TYR A CZ  1 
ATOM   716  O OH  . TYR A 1 94  ? -12.126 2.025   -9.813  1.00 16.04 ? 94   TYR A OH  1 
ATOM   717  N N   . GLY A 1 95  ? -12.393 9.635   -5.682  1.00 9.93  ? 95   GLY A N   1 
ATOM   718  C CA  . GLY A 1 95  ? -12.130 10.729  -4.747  1.00 9.94  ? 95   GLY A CA  1 
ATOM   719  C C   . GLY A 1 95  ? -11.013 10.439  -3.761  1.00 9.42  ? 95   GLY A C   1 
ATOM   720  O O   . GLY A 1 95  ? -11.048 10.915  -2.608  1.00 9.61  ? 95   GLY A O   1 
ATOM   721  N N   . VAL A 1 96  ? -9.993  9.708   -4.225  1.00 8.36  ? 96   VAL A N   1 
ATOM   722  C CA  . VAL A 1 96  ? -8.904  9.272   -3.330  1.00 8.26  ? 96   VAL A CA  1 
ATOM   723  C C   . VAL A 1 96  ? -8.258  10.468  -2.621  1.00 7.61  ? 96   VAL A C   1 
ATOM   724  O O   . VAL A 1 96  ? -7.802  11.434  -3.289  1.00 8.19  ? 96   VAL A O   1 
ATOM   725  C CB  . VAL A 1 96  ? -7.827  8.435   -4.079  1.00 7.49  ? 96   VAL A CB  1 
ATOM   726  C CG1 . VAL A 1 96  ? -6.558  8.256   -3.199  1.00 8.39  ? 96   VAL A CG1 1 
ATOM   727  C CG2 . VAL A 1 96  ? -8.407  7.085   -4.515  1.00 8.35  ? 96   VAL A CG2 1 
ATOM   728  N N   . GLN A 1 97  ? -8.257  10.396  -1.288  1.00 7.45  ? 97   GLN A N   1 
ATOM   729  C CA  . GLN A 1 97  ? -7.614  11.363  -0.407  1.00 7.65  ? 97   GLN A CA  1 
ATOM   730  C C   . GLN A 1 97  ? -6.413  10.811  0.352   1.00 7.57  ? 97   GLN A C   1 
ATOM   731  O O   . GLN A 1 97  ? -5.697  11.595  1.021   1.00 7.85  ? 97   GLN A O   1 
ATOM   732  C CB  . GLN A 1 97  ? -8.614  11.978  0.576   1.00 8.61  ? 97   GLN A CB  1 
ATOM   733  C CG  . GLN A 1 97  ? -9.753  12.703  -0.120  1.00 9.59  ? 97   GLN A CG  1 
ATOM   734  C CD  . GLN A 1 97  ? -9.278  13.846  -1.013  1.00 12.65 ? 97   GLN A CD  1 
ATOM   735  O OE1 . GLN A 1 97  ? -8.562  14.753  -0.566  1.00 13.58 ? 97   GLN A OE1 1 
ATOM   736  N NE2 . GLN A 1 97  ? -9.679  13.806  -2.284  1.00 13.41 ? 97   GLN A NE2 1 
ATOM   737  N N   . PHE A 1 98  ? -6.203  9.484   0.277   1.00 6.85  ? 98   PHE A N   1 
ATOM   738  C CA  . PHE A 1 98  ? -5.002  8.885   0.875   1.00 6.40  ? 98   PHE A CA  1 
ATOM   739  C C   . PHE A 1 98  ? -3.823  9.077   -0.051  1.00 7.03  ? 98   PHE A C   1 
ATOM   740  O O   . PHE A 1 98  ? -3.938  9.717   -1.105  1.00 6.63  ? 98   PHE A O   1 
ATOM   741  C CB  . PHE A 1 98  ? -5.220  7.422   1.286   1.00 5.25  ? 98   PHE A CB  1 
ATOM   742  C CG  . PHE A 1 98  ? -5.773  6.526   0.190   1.00 4.96  ? 98   PHE A CG  1 
ATOM   743  C CD1 . PHE A 1 98  ? -4.916  5.893   -0.711  1.00 8.15  ? 98   PHE A CD1 1 
ATOM   744  C CD2 . PHE A 1 98  ? -7.150  6.297   0.087   1.00 4.81  ? 98   PHE A CD2 1 
ATOM   745  C CE1 . PHE A 1 98  ? -5.416  5.031   -1.709  1.00 7.11  ? 98   PHE A CE1 1 
ATOM   746  C CE2 . PHE A 1 98  ? -7.664  5.452   -0.892  1.00 6.02  ? 98   PHE A CE2 1 
ATOM   747  C CZ  . PHE A 1 98  ? -6.789  4.828   -1.810  1.00 6.36  ? 98   PHE A CZ  1 
ATOM   748  N N   . ASP A 1 99  ? -2.656  8.565   0.347   1.00 5.96  ? 99   ASP A N   1 
ATOM   749  C CA  . ASP A 1 99  ? -1.459  8.897   -0.374  1.00 5.73  ? 99   ASP A CA  1 
ATOM   750  C C   . ASP A 1 99  ? -1.138  7.951   -1.519  1.00 6.11  ? 99   ASP A C   1 
ATOM   751  O O   . ASP A 1 99  ? -0.995  6.738   -1.319  1.00 6.60  ? 99   ASP A O   1 
ATOM   752  C CB  . ASP A 1 99  ? -0.261  9.004   0.600   1.00 6.96  ? 99   ASP A CB  1 
ATOM   753  C CG  . ASP A 1 99  ? -0.454  10.139  1.626   1.00 9.45  ? 99   ASP A CG  1 
ATOM   754  O OD1 . ASP A 1 99  ? -1.130  11.147  1.257   1.00 12.16 ? 99   ASP A OD1 1 
ATOM   755  O OD2 . ASP A 1 99  ? 0.070   10.057  2.776   1.00 10.67 ? 99   ASP A OD2 1 
ATOM   756  N N   . MET A 1 100 ? -0.993  8.558   -2.698  1.00 6.19  ? 100  MET A N   1 
ATOM   757  C CA  . MET A 1 100 ? -0.628  7.838   -3.932  1.00 6.02  ? 100  MET A CA  1 
ATOM   758  C C   . MET A 1 100 ? 0.842   8.054   -4.269  1.00 5.84  ? 100  MET A C   1 
ATOM   759  O O   . MET A 1 100 ? 1.362   9.178   -4.110  1.00 5.56  ? 100  MET A O   1 
ATOM   760  C CB  . MET A 1 100 ? -1.437  8.385   -5.115  1.00 7.11  ? 100  MET A CB  1 
ATOM   761  C CG  . MET A 1 100 ? -2.953  8.186   -5.050  1.00 7.06  ? 100  MET A CG  1 
ATOM   762  S SD  . MET A 1 100 ? -3.503  6.453   -5.117  1.00 8.12  ? 100  MET A SD  1 
ATOM   763  C CE  . MET A 1 100 ? -2.804  5.917   -6.700  1.00 9.55  ? 100  MET A CE  1 
ATOM   764  N N   . PHE A 1 101 ? 1.480   6.999   -4.758  1.00 5.38  ? 101  PHE A N   1 
ATOM   765  C CA  . PHE A 1 101 ? 2.906   7.017   -5.061  1.00 5.90  ? 101  PHE A CA  1 
ATOM   766  C C   . PHE A 1 101 ? 3.158   6.761   -6.524  1.00 5.53  ? 101  PHE A C   1 
ATOM   767  O O   . PHE A 1 101 ? 2.236   6.386   -7.267  1.00 5.93  ? 101  PHE A O   1 
ATOM   768  C CB  . PHE A 1 101 ? 3.634   6.035   -4.167  1.00 6.07  ? 101  PHE A CB  1 
ATOM   769  C CG  . PHE A 1 101 ? 3.618   6.469   -2.723  1.00 7.07  ? 101  PHE A CG  1 
ATOM   770  C CD1 . PHE A 1 101 ? 4.688   7.196   -2.193  1.00 6.15  ? 101  PHE A CD1 1 
ATOM   771  C CD2 . PHE A 1 101 ? 2.473   6.239   -1.926  1.00 6.26  ? 101  PHE A CD2 1 
ATOM   772  C CE1 . PHE A 1 101 ? 4.643   7.672   -0.842  1.00 8.67  ? 101  PHE A CE1 1 
ATOM   773  C CE2 . PHE A 1 101 ? 2.414   6.691   -0.574  1.00 5.55  ? 101  PHE A CE2 1 
ATOM   774  C CZ  . PHE A 1 101 ? 3.502   7.396   -0.030  1.00 7.47  ? 101  PHE A CZ  1 
ATOM   775  N N   . SER A 1 102 ? 4.402   6.987   -6.937  1.00 5.58  ? 102  SER A N   1 
ATOM   776  C CA  . SER A 1 102 ? 4.801   6.696   -8.322  1.00 7.07  ? 102  SER A CA  1 
ATOM   777  C C   . SER A 1 102 ? 4.846   5.173   -8.517  1.00 6.13  ? 102  SER A C   1 
ATOM   778  O O   . SER A 1 102 ? 4.989   4.394   -7.552  1.00 5.69  ? 102  SER A O   1 
ATOM   779  C CB  . SER A 1 102 ? 6.156   7.349   -8.647  1.00 7.39  ? 102  SER A CB  1 
ATOM   780  O OG  . SER A 1 102 ? 6.001   8.728   -8.987  1.00 11.24 ? 102  SER A OG  1 
ATOM   781  N N   . LYS A 1 103 ? 4.743   4.759   -9.783  1.00 6.88  ? 103  LYS A N   1 
ATOM   782  C CA  . LYS A 1 103 ? 4.712   3.335   -10.112 1.00 7.10  ? 103  LYS A CA  1 
ATOM   783  C C   . LYS A 1 103 ? 6.036   2.654   -9.782  1.00 6.21  ? 103  LYS A C   1 
ATOM   784  O O   . LYS A 1 103 ? 7.131   3.201   -10.029 1.00 6.74  ? 103  LYS A O   1 
ATOM   785  C CB  . LYS A 1 103 ? 4.360   3.169   -11.606 1.00 7.15  ? 103  LYS A CB  1 
ATOM   786  C CG  . LYS A 1 103 ? 4.039   1.733   -12.036 1.00 8.44  ? 103  LYS A CG  1 
ATOM   787  C CD  . LYS A 1 103 ? 3.909   1.599   -13.577 1.00 8.62  ? 103  LYS A CD  1 
ATOM   788  C CE  . LYS A 1 103 ? 3.051   2.696   -14.205 1.00 10.13 ? 103  LYS A CE  1 
ATOM   789  N NZ  . LYS A 1 103 ? 2.813   2.368   -15.671 1.00 7.73  ? 103  LYS A NZ  1 
ATOM   790  N N   . ILE A 1 104 ? 5.951   1.444   -9.222  1.00 6.50  ? 104  ILE A N   1 
ATOM   791  C CA  . ILE A 1 104 ? 7.140   0.662   -8.892  1.00 6.98  ? 104  ILE A CA  1 
ATOM   792  C C   . ILE A 1 104 ? 6.931   -0.810  -9.299  1.00 7.33  ? 104  ILE A C   1 
ATOM   793  O O   . ILE A 1 104 ? 5.818   -1.196  -9.677  1.00 7.19  ? 104  ILE A O   1 
ATOM   794  C CB  . ILE A 1 104 ? 7.439   0.714   -7.368  1.00 7.87  ? 104  ILE A CB  1 
ATOM   795  C CG1 . ILE A 1 104 ? 6.224   0.225   -6.560  1.00 7.09  ? 104  ILE A CG1 1 
ATOM   796  C CG2 . ILE A 1 104 ? 7.849   2.142   -6.956  1.00 10.48 ? 104  ILE A CG2 1 
ATOM   797  C CD1 . ILE A 1 104 ? 6.599   -0.262  -5.132  1.00 9.26  ? 104  ILE A CD1 1 
ATOM   798  N N   . LYS A 1 105 ? 8.018   -1.584  -9.253  1.00 7.15  ? 105  LYS A N   1 
ATOM   799  C CA  . LYS A 1 105 ? 7.944   -3.055  -9.222  1.00 7.39  ? 105  LYS A CA  1 
ATOM   800  C C   . LYS A 1 105 ? 7.916   -3.562  -7.783  1.00 7.76  ? 105  LYS A C   1 
ATOM   801  O O   . LYS A 1 105 ? 8.542   -2.961  -6.858  1.00 7.69  ? 105  LYS A O   1 
ATOM   802  C CB  . LYS A 1 105 ? 9.130   -3.672  -9.999  1.00 8.04  ? 105  LYS A CB  1 
ATOM   803  C CG  . LYS A 1 105 ? 8.951   -3.479  -11.506 1.00 8.54  ? 105  LYS A CG  1 
ATOM   804  C CD  . LYS A 1 105 ? 10.099  -4.073  -12.293 1.00 12.98 ? 105  LYS A CD  1 
ATOM   805  C CE  . LYS A 1 105 ? 9.923   -3.706  -13.764 1.00 17.48 ? 105  LYS A CE  1 
ATOM   806  N NZ  . LYS A 1 105 ? 10.985  -4.423  -14.567 1.00 22.23 ? 105  LYS A NZ  1 
ATOM   807  N N   . VAL A 1 106 ? 7.165   -4.639  -7.566  1.00 6.79  ? 106  VAL A N   1 
ATOM   808  C CA  . VAL A 1 106 ? 7.058   -5.232  -6.228  1.00 6.93  ? 106  VAL A CA  1 
ATOM   809  C C   . VAL A 1 106 ? 7.731   -6.609  -6.188  1.00 6.44  ? 106  VAL A C   1 
ATOM   810  O O   . VAL A 1 106 ? 7.989   -7.144  -5.107  1.00 6.95  ? 106  VAL A O   1 
ATOM   811  C CB  . VAL A 1 106 ? 5.596   -5.346  -5.725  1.00 7.14  ? 106  VAL A CB  1 
ATOM   812  C CG1 . VAL A 1 106 ? 4.905   -3.990  -5.686  1.00 7.08  ? 106  VAL A CG1 1 
ATOM   813  C CG2 . VAL A 1 106 ? 4.767   -6.328  -6.605  1.00 8.27  ? 106  VAL A CG2 1 
ATOM   814  N N   . ASN A 1 107 ? 7.942   -7.203  -7.368  1.00 7.44  ? 107  ASN A N   1 
ATOM   815  C CA  . ASN A 1 107 ? 8.602   -8.516  -7.483  1.00 7.68  ? 107  ASN A CA  1 
ATOM   816  C C   . ASN A 1 107 ? 9.827   -8.400  -8.363  1.00 8.58  ? 107  ASN A C   1 
ATOM   817  O O   . ASN A 1 107 ? 9.941   -7.498  -9.188  1.00 7.95  ? 107  ASN A O   1 
ATOM   818  C CB  . ASN A 1 107 ? 7.646   -9.539  -8.135  1.00 7.52  ? 107  ASN A CB  1 
ATOM   819  C CG  . ASN A 1 107 ? 6.525   -9.979  -7.188  1.00 7.04  ? 107  ASN A CG  1 
ATOM   820  O OD1 . ASN A 1 107 ? 6.682   -9.939  -5.976  1.00 7.44  ? 107  ASN A OD1 1 
ATOM   821  N ND2 . ASN A 1 107 ? 5.380   -10.347 -7.757  1.00 5.32  ? 107  ASN A ND2 1 
ATOM   822  N N   . GLY A 1 108 ? 10.735  -9.345  -8.171  1.00 9.13  ? 108  GLY A N   1 
ATOM   823  C CA  . GLY A 1 108 ? 11.940  -9.397  -8.976  1.00 10.25 ? 108  GLY A CA  1 
ATOM   824  C C   . GLY A 1 108 ? 13.070  -8.600  -8.374  1.00 11.19 ? 108  GLY A C   1 
ATOM   825  O O   . GLY A 1 108 ? 12.910  -7.871  -7.393  1.00 10.04 ? 108  GLY A O   1 
ATOM   826  N N   . SER A 1 109 ? 14.229  -8.700  -9.012  1.00 12.00 ? 109  SER A N   1 
ATOM   827  C CA  . SER A 1 109 ? 15.428  -8.019  -8.514  1.00 12.26 ? 109  SER A CA  1 
ATOM   828  C C   . SER A 1 109 ? 15.351  -6.475  -8.631  1.00 10.98 ? 109  SER A C   1 
ATOM   829  O O   . SER A 1 109 ? 16.131  -5.773  -7.965  1.00 11.07 ? 109  SER A O   1 
ATOM   830  C CB  . SER A 1 109 ? 16.659  -8.546  -9.236  1.00 13.52 ? 109  SER A CB  1 
ATOM   831  O OG  . SER A 1 109 ? 16.597  -8.165  -10.583 1.00 17.09 ? 109  SER A OG  1 
ATOM   832  N N   . ASP A 1 110 ? 14.428  -5.955  -9.447  1.00 10.09 ? 110  ASP A N   1 
ATOM   833  C CA  . ASP A 1 110 ? 14.240  -4.490  -9.576  1.00 10.27 ? 110  ASP A CA  1 
ATOM   834  C C   . ASP A 1 110 ? 13.062  -3.963  -8.747  1.00 9.15  ? 110  ASP A C   1 
ATOM   835  O O   . ASP A 1 110 ? 12.713  -2.782  -8.855  1.00 9.00  ? 110  ASP A O   1 
ATOM   836  C CB  . ASP A 1 110 ? 14.102  -4.039  -11.037 1.00 11.48 ? 110  ASP A CB  1 
ATOM   837  C CG  . ASP A 1 110 ? 15.420  -4.117  -11.811 1.00 15.77 ? 110  ASP A CG  1 
ATOM   838  O OD1 . ASP A 1 110 ? 16.495  -3.936  -11.199 1.00 18.98 ? 110  ASP A OD1 1 
ATOM   839  O OD2 . ASP A 1 110 ? 15.353  -4.328  -13.027 1.00 22.96 ? 110  ASP A OD2 1 
ATOM   840  N N   . ALA A 1 111 ? 12.485  -4.828  -7.897  1.00 8.95  ? 111  ALA A N   1 
ATOM   841  C CA  . ALA A 1 111 ? 11.448  -4.377  -6.950  1.00 7.83  ? 111  ALA A CA  1 
ATOM   842  C C   . ALA A 1 111 ? 11.967  -3.234  -6.080  1.00 7.55  ? 111  ALA A C   1 
ATOM   843  O O   . ALA A 1 111 ? 13.167  -3.185  -5.741  1.00 8.14  ? 111  ALA A O   1 
ATOM   844  C CB  . ALA A 1 111 ? 11.017  -5.529  -6.066  1.00 7.09  ? 111  ALA A CB  1 
ATOM   845  N N   . ASP A 1 112 ? 11.081  -2.322  -5.699  1.00 6.34  ? 112  ASP A N   1 
ATOM   846  C CA  . ASP A 1 112 ? 11.482  -1.260  -4.782  1.00 7.75  ? 112  ASP A CA  1 
ATOM   847  C C   . ASP A 1 112 ? 11.994  -1.859  -3.493  1.00 7.05  ? 112  ASP A C   1 
ATOM   848  O O   . ASP A 1 112 ? 11.406  -2.831  -2.977  1.00 8.48  ? 112  ASP A O   1 
ATOM   849  C CB  . ASP A 1 112 ? 10.329  -0.314  -4.475  1.00 8.26  ? 112  ASP A CB  1 
ATOM   850  C CG  . ASP A 1 112 ? 10.827  0.994   -3.844  1.00 9.84  ? 112  ASP A CG  1 
ATOM   851  O OD1 . ASP A 1 112 ? 10.963  1.038   -2.602  1.00 11.27 ? 112  ASP A OD1 1 
ATOM   852  O OD2 . ASP A 1 112 ? 11.107  1.952   -4.591  1.00 9.26  ? 112  ASP A OD2 1 
ATOM   853  N N   . ASP A 1 113 ? 13.043  -1.264  -2.920  1.00 8.15  ? 113  ASP A N   1 
ATOM   854  C CA  . ASP A 1 113 ? 13.533  -1.741  -1.618  1.00 8.00  ? 113  ASP A CA  1 
ATOM   855  C C   . ASP A 1 113 ? 12.451  -1.874  -0.535  1.00 7.36  ? 113  ASP A C   1 
ATOM   856  O O   . ASP A 1 113 ? 12.506  -2.798  0.294   1.00 6.88  ? 113  ASP A O   1 
ATOM   857  C CB  . ASP A 1 113 ? 14.670  -0.836  -1.094  1.00 8.62  ? 113  ASP A CB  1 
ATOM   858  C CG  . ASP A 1 113 ? 15.991  -1.066  -1.834  1.00 11.76 ? 113  ASP A CG  1 
ATOM   859  O OD1 . ASP A 1 113 ? 16.134  -2.101  -2.529  1.00 12.66 ? 113  ASP A OD1 1 
ATOM   860  O OD2 . ASP A 1 113 ? 16.859  -0.176  -1.726  1.00 14.60 ? 113  ASP A OD2 1 
ATOM   861  N N   . LEU A 1 114 ? 11.501  -0.942  -0.517  1.00 6.65  ? 114  LEU A N   1 
ATOM   862  C CA  . LEU A 1 114 ? 10.395  -1.041  0.439   1.00 6.54  ? 114  LEU A CA  1 
ATOM   863  C C   . LEU A 1 114 ? 9.731   -2.428  0.359   1.00 5.77  ? 114  LEU A C   1 
ATOM   864  O O   . LEU A 1 114 ? 9.455   -3.059  1.379   1.00 6.21  ? 114  LEU A O   1 
ATOM   865  C CB  . LEU A 1 114 ? 9.371   0.067   0.179   1.00 5.97  ? 114  LEU A CB  1 
ATOM   866  C CG  . LEU A 1 114 ? 8.099   -0.064  1.011   1.00 8.04  ? 114  LEU A CG  1 
ATOM   867  C CD1 . LEU A 1 114 ? 8.450   0.042   2.506   1.00 8.39  ? 114  LEU A CD1 1 
ATOM   868  C CD2 . LEU A 1 114 ? 7.102   1.023   0.560   1.00 8.05  ? 114  LEU A CD2 1 
ATOM   869  N N   . TYR A 1 115 ? 9.443   -2.888  -0.858  1.00 6.14  ? 115  TYR A N   1 
ATOM   870  C CA  . TYR A 1 115 ? 8.762   -4.173  -1.007  1.00 6.00  ? 115  TYR A CA  1 
ATOM   871  C C   . TYR A 1 115 ? 9.671   -5.370  -0.715  1.00 5.98  ? 115  TYR A C   1 
ATOM   872  O O   . TYR A 1 115 ? 9.229   -6.376  -0.151  1.00 6.39  ? 115  TYR A O   1 
ATOM   873  C CB  . TYR A 1 115 ? 8.073   -4.277  -2.379  1.00 6.28  ? 115  TYR A CB  1 
ATOM   874  C CG  . TYR A 1 115 ? 6.630   -3.795  -2.292  1.00 5.63  ? 115  TYR A CG  1 
ATOM   875  C CD1 . TYR A 1 115 ? 6.325   -2.422  -2.344  1.00 4.71  ? 115  TYR A CD1 1 
ATOM   876  C CD2 . TYR A 1 115 ? 5.580   -4.700  -2.111  1.00 5.85  ? 115  TYR A CD2 1 
ATOM   877  C CE1 . TYR A 1 115 ? 5.025   -1.981  -2.239  1.00 5.74  ? 115  TYR A CE1 1 
ATOM   878  C CE2 . TYR A 1 115 ? 4.245   -4.264  -2.006  1.00 5.68  ? 115  TYR A CE2 1 
ATOM   879  C CZ  . TYR A 1 115 ? 3.980   -2.907  -2.062  1.00 6.17  ? 115  TYR A CZ  1 
ATOM   880  O OH  . TYR A 1 115 ? 2.693   -2.448  -1.983  1.00 5.28  ? 115  TYR A OH  1 
ATOM   881  N N   . LYS A 1 116 ? 10.951  -5.243  -1.040  1.00 6.36  ? 116  LYS A N   1 
ATOM   882  C CA  . LYS A 1 116 ? 11.884  -6.269  -0.633  1.00 6.50  ? 116  LYS A CA  1 
ATOM   883  C C   . LYS A 1 116 ? 11.850  -6.430  0.906   1.00 6.12  ? 116  LYS A C   1 
ATOM   884  O O   . LYS A 1 116 ? 11.837  -7.548  1.419   1.00 7.56  ? 116  LYS A O   1 
ATOM   885  C CB  . LYS A 1 116 ? 13.286  -5.910  -1.148  1.00 6.93  ? 116  LYS A CB  1 
ATOM   886  C CG  . LYS A 1 116 ? 13.375  -6.007  -2.673  1.00 7.14  ? 116  LYS A CG  1 
ATOM   887  C CD  . LYS A 1 116 ? 14.832  -5.861  -3.124  1.00 8.37  ? 116  LYS A CD  1 
ATOM   888  C CE  . LYS A 1 116 ? 14.953  -5.984  -4.653  1.00 10.96 ? 116  LYS A CE  1 
ATOM   889  N NZ  . LYS A 1 116 ? 16.396  -5.783  -5.105  1.00 11.79 ? 116  LYS A NZ  1 
ATOM   890  N N   . PHE A 1 117 ? 11.805  -5.300  1.623   1.00 6.07  ? 117  PHE A N   1 
ATOM   891  C CA  . PHE A 1 117 ? 11.717  -5.272  3.099   1.00 6.62  ? 117  PHE A CA  1 
ATOM   892  C C   . PHE A 1 117 ? 10.406  -5.898  3.600   1.00 6.42  ? 117  PHE A C   1 
ATOM   893  O O   . PHE A 1 117 ? 10.394  -6.829  4.442   1.00 6.09  ? 117  PHE A O   1 
ATOM   894  C CB  . PHE A 1 117 ? 11.891  -3.824  3.593   1.00 6.15  ? 117  PHE A CB  1 
ATOM   895  C CG  . PHE A 1 117 ? 11.674  -3.665  5.079   1.00 5.38  ? 117  PHE A CG  1 
ATOM   896  C CD1 . PHE A 1 117 ? 10.560  -2.983  5.541   1.00 6.06  ? 117  PHE A CD1 1 
ATOM   897  C CD2 . PHE A 1 117 ? 12.554  -4.244  5.997   1.00 7.17  ? 117  PHE A CD2 1 
ATOM   898  C CE1 . PHE A 1 117 ? 10.312  -2.847  6.918   1.00 7.65  ? 117  PHE A CE1 1 
ATOM   899  C CE2 . PHE A 1 117 ? 12.339  -4.120  7.377   1.00 7.91  ? 117  PHE A CE2 1 
ATOM   900  C CZ  . PHE A 1 117 ? 11.201  -3.401  7.844   1.00 6.58  ? 117  PHE A CZ  1 
ATOM   901  N N   . LEU A 1 118 ? 9.296   -5.429  3.037   1.00 6.26  ? 118  LEU A N   1 
ATOM   902  C CA  . LEU A 1 118 ? 7.985   -5.932  3.445   1.00 6.55  ? 118  LEU A CA  1 
ATOM   903  C C   . LEU A 1 118 ? 7.888   -7.459  3.294   1.00 6.85  ? 118  LEU A C   1 
ATOM   904  O O   . LEU A 1 118 ? 7.419   -8.164  4.194   1.00 7.30  ? 118  LEU A O   1 
ATOM   905  C CB  . LEU A 1 118 ? 6.880   -5.257  2.619   1.00 6.47  ? 118  LEU A CB  1 
ATOM   906  C CG  . LEU A 1 118 ? 6.661   -3.756  2.935   1.00 6.12  ? 118  LEU A CG  1 
ATOM   907  C CD1 . LEU A 1 118 ? 5.685   -3.170  1.892   1.00 5.61  ? 118  LEU A CD1 1 
ATOM   908  C CD2 . LEU A 1 118 ? 6.115   -3.539  4.383   1.00 4.88  ? 118  LEU A CD2 1 
ATOM   909  N N   . LYS A 1 119 ? 8.335   -7.958  2.144   1.00 6.50  ? 119  LYS A N   1 
ATOM   910  C CA  . LYS A 1 119 ? 8.286   -9.380  1.849   1.00 8.77  ? 119  LYS A CA  1 
ATOM   911  C C   . LYS A 1 119 ? 9.219   -10.208 2.741   1.00 8.47  ? 119  LYS A C   1 
ATOM   912  O O   . LYS A 1 119 ? 8.904   -11.366 3.068   1.00 10.84 ? 119  LYS A O   1 
ATOM   913  C CB  . LYS A 1 119 ? 8.608   -9.610  0.372   1.00 7.55  ? 119  LYS A CB  1 
ATOM   914  C CG  . LYS A 1 119 ? 7.540   -9.065  -0.581  1.00 7.99  ? 119  LYS A CG  1 
ATOM   915  C CD  . LYS A 1 119 ? 7.823   -9.440  -2.040  1.00 9.03  ? 119  LYS A CD  1 
ATOM   916  C CE  . LYS A 1 119 ? 9.158   -8.921  -2.556  1.00 10.52 ? 119  LYS A CE  1 
ATOM   917  N NZ  . LYS A 1 119 ? 9.298   -9.421  -3.938  1.00 7.30  ? 119  LYS A NZ  1 
ATOM   918  N N   A SER A 1 120 ? 10.358  -9.639  3.127   0.50 9.23  ? 120  SER A N   1 
ATOM   919  N N   B SER A 1 120 ? 10.345  -9.610  3.145   0.50 9.15  ? 120  SER A N   1 
ATOM   920  C CA  A SER A 1 120 ? 11.263  -10.346 4.022   0.50 9.49  ? 120  SER A CA  1 
ATOM   921  C CA  B SER A 1 120 ? 11.321  -10.271 4.020   0.50 9.31  ? 120  SER A CA  1 
ATOM   922  C C   A SER A 1 120 ? 10.592  -10.531 5.389   0.50 9.17  ? 120  SER A C   1 
ATOM   923  C C   B SER A 1 120 ? 10.795  -10.417 5.460   0.50 9.23  ? 120  SER A C   1 
ATOM   924  O O   A SER A 1 120 ? 10.636  -11.621 5.977   0.50 8.94  ? 120  SER A O   1 
ATOM   925  O O   B SER A 1 120 ? 11.152  -11.375 6.179   0.50 8.94  ? 120  SER A O   1 
ATOM   926  C CB  A SER A 1 120 ? 12.596  -9.615  4.148   0.50 10.29 ? 120  SER A CB  1 
ATOM   927  C CB  B SER A 1 120 ? 12.684  -9.558  3.979   0.50 10.02 ? 120  SER A CB  1 
ATOM   928  O OG  A SER A 1 120 ? 13.525  -10.393 4.883   0.50 9.81  ? 120  SER A OG  1 
ATOM   929  O OG  B SER A 1 120 ? 12.721  -8.400  4.807   0.50 9.49  ? 120  SER A OG  1 
ATOM   930  N N   . ARG A 1 121 ? 9.943   -9.469  5.863   1.00 8.50  ? 121  ARG A N   1 
ATOM   931  C CA  . ARG A 1 121 ? 9.352   -9.441  7.210   1.00 9.00  ? 121  ARG A CA  1 
ATOM   932  C C   . ARG A 1 121 ? 8.047   -10.191 7.319   1.00 8.85  ? 121  ARG A C   1 
ATOM   933  O O   . ARG A 1 121 ? 7.729   -10.713 8.377   1.00 9.56  ? 121  ARG A O   1 
ATOM   934  C CB  . ARG A 1 121 ? 9.144   -7.984  7.675   1.00 8.09  ? 121  ARG A CB  1 
ATOM   935  C CG  . ARG A 1 121 ? 10.454  -7.253  8.006   1.00 8.32  ? 121  ARG A CG  1 
ATOM   936  C CD  . ARG A 1 121 ? 11.156  -7.780  9.262   1.00 9.41  ? 121  ARG A CD  1 
ATOM   937  N NE  . ARG A 1 121 ? 10.305  -7.531  10.431  1.00 9.13  ? 121  ARG A NE  1 
ATOM   938  C CZ  . ARG A 1 121 ? 10.331  -6.412  11.160  1.00 8.60  ? 121  ARG A CZ  1 
ATOM   939  N NH1 . ARG A 1 121 ? 11.233  -5.471  10.921  1.00 9.24  ? 121  ARG A NH1 1 
ATOM   940  N NH2 . ARG A 1 121 ? 9.475   -6.265  12.174  1.00 10.19 ? 121  ARG A NH2 1 
ATOM   941  N N   . GLN A 1 122 ? 7.312   -10.293 6.222   1.00 9.27  ? 122  GLN A N   1 
ATOM   942  C CA  . GLN A 1 122 ? 6.040   -11.000 6.227   1.00 9.52  ? 122  GLN A CA  1 
ATOM   943  C C   . GLN A 1 122 ? 6.009   -11.891 5.004   1.00 10.11 ? 122  GLN A C   1 
ATOM   944  O O   . GLN A 1 122 ? 5.725   -11.429 3.906   1.00 9.80  ? 122  GLN A O   1 
ATOM   945  C CB  . GLN A 1 122 ? 4.870   -10.021 6.228   1.00 9.73  ? 122  GLN A CB  1 
ATOM   946  C CG  . GLN A 1 122 ? 4.769   -9.207  7.553   1.00 10.14 ? 122  GLN A CG  1 
ATOM   947  C CD  . GLN A 1 122 ? 4.466   -10.059 8.779   1.00 13.03 ? 122  GLN A CD  1 
ATOM   948  O OE1 . GLN A 1 122 ? 4.912   -9.735  9.891   1.00 14.40 ? 122  GLN A OE1 1 
ATOM   949  N NE2 . GLN A 1 122 ? 3.728   -11.131 8.590   1.00 13.09 ? 122  GLN A NE2 1 
ATOM   950  N N   . HIS A 1 123 ? 6.375   -13.152 5.208   1.00 10.49 ? 123  HIS A N   1 
ATOM   951  C CA  . HIS A 1 123 ? 6.520   -14.089 4.080   1.00 11.40 ? 123  HIS A CA  1 
ATOM   952  C C   . HIS A 1 123 ? 5.200   -14.476 3.435   1.00 12.21 ? 123  HIS A C   1 
ATOM   953  O O   . HIS A 1 123 ? 4.146   -14.438 4.062   1.00 12.21 ? 123  HIS A O   1 
ATOM   954  C CB  . HIS A 1 123 ? 7.266   -15.357 4.518   1.00 11.75 ? 123  HIS A CB  1 
ATOM   955  C CG  . HIS A 1 123 ? 8.705   -15.123 4.850   1.00 14.10 ? 123  HIS A CG  1 
ATOM   956  N ND1 . HIS A 1 123 ? 9.463   -16.039 5.553   1.00 15.86 ? 123  HIS A ND1 1 
ATOM   957  C CD2 . HIS A 1 123 ? 9.519   -14.068 4.602   1.00 15.92 ? 123  HIS A CD2 1 
ATOM   958  C CE1 . HIS A 1 123 ? 10.691  -15.567 5.696   1.00 18.18 ? 123  HIS A CE1 1 
ATOM   959  N NE2 . HIS A 1 123 ? 10.750  -14.369 5.135   1.00 16.67 ? 123  HIS A NE2 1 
ATOM   960  N N   . GLY A 1 124 ? 5.288   -14.869 2.166   1.00 13.12 ? 124  GLY A N   1 
ATOM   961  C CA  . GLY A 1 124 ? 4.108   -15.273 1.418   1.00 14.03 ? 124  GLY A CA  1 
ATOM   962  C C   . GLY A 1 124 ? 3.944   -16.771 1.537   1.00 14.88 ? 124  GLY A C   1 
ATOM   963  O O   . GLY A 1 124 ? 4.778   -17.475 2.134   1.00 15.59 ? 124  GLY A O   1 
ATOM   964  N N   . THR A 1 125 ? 2.854   -17.250 0.954   1.00 14.90 ? 125  THR A N   1 
ATOM   965  C CA  . THR A 1 125 ? 2.552   -18.657 0.901   1.00 16.16 ? 125  THR A CA  1 
ATOM   966  C C   . THR A 1 125 ? 3.163   -19.265 -0.373  1.00 16.37 ? 125  THR A C   1 
ATOM   967  O O   . THR A 1 125 ? 2.996   -18.715 -1.492  1.00 15.11 ? 125  THR A O   1 
ATOM   968  C CB  . THR A 1 125 ? 1.010   -18.859 0.969   1.00 16.23 ? 125  THR A CB  1 
ATOM   969  O OG1 . THR A 1 125 ? 0.355   -17.941 0.061   1.00 18.10 ? 125  THR A OG1 1 
ATOM   970  C CG2 . THR A 1 125 ? 0.524   -18.526 2.379   1.00 16.24 ? 125  THR A CG2 1 
ATOM   971  N N   . LEU A 1 126 ? 3.916   -20.356 -0.179  1.00 15.40 ? 126  LEU A N   1 
ATOM   972  C CA  . LEU A 1 126 ? 4.545   -21.122 -1.270  1.00 18.10 ? 126  LEU A CA  1 
ATOM   973  C C   . LEU A 1 126 ? 5.733   -20.437 -1.903  1.00 18.76 ? 126  LEU A C   1 
ATOM   974  O O   . LEU A 1 126 ? 6.339   -20.954 -2.871  1.00 21.45 ? 126  LEU A O   1 
ATOM   975  C CB  . LEU A 1 126 ? 3.497   -21.391 -2.377  1.00 17.15 ? 126  LEU A CB  1 
ATOM   976  C CG  . LEU A 1 126 ? 3.671   -22.549 -3.354  1.00 22.21 ? 126  LEU A CG  1 
ATOM   977  C CD1 . LEU A 1 126 ? 4.375   -23.708 -2.636  1.00 21.72 ? 126  LEU A CD1 1 
ATOM   978  C CD2 . LEU A 1 126 ? 2.230   -22.912 -3.798  1.00 21.98 ? 126  LEU A CD2 1 
ATOM   979  N N   . THR A 1 127 ? 6.057   -19.260 -1.398  1.00 20.36 ? 127  THR A N   1 
ATOM   980  C CA  . THR A 1 127 ? 6.898   -18.300 -2.120  1.00 18.67 ? 127  THR A CA  1 
ATOM   981  C C   . THR A 1 127 ? 6.525   -16.917 -1.667  1.00 16.65 ? 127  THR A C   1 
ATOM   982  O O   . THR A 1 127 ? 5.401   -16.690 -1.178  1.00 16.12 ? 127  THR A O   1 
ATOM   983  C CB  . THR A 1 127 ? 6.734   -18.361 -3.627  1.00 18.93 ? 127  THR A CB  1 
ATOM   984  O OG1 . THR A 1 127 ? 7.693   -17.492 -4.224  1.00 24.41 ? 127  THR A OG1 1 
ATOM   985  C CG2 . THR A 1 127 ? 5.302   -17.942 -4.125  1.00 20.18 ? 127  THR A CG2 1 
ATOM   986  N N   . ASN A 1 128 ? 7.493   -16.005 -1.801  1.00 13.76 ? 128  ASN A N   1 
ATOM   987  C CA  . ASN A 1 128 ? 7.338   -14.711 -1.184  1.00 13.32 ? 128  ASN A CA  1 
ATOM   988  C C   . ASN A 1 128 ? 6.828   -13.628 -2.134  1.00 11.51 ? 128  ASN A C   1 
ATOM   989  O O   . ASN A 1 128 ? 6.516   -12.533 -1.688  1.00 11.45 ? 128  ASN A O   1 
ATOM   990  C CB  . ASN A 1 128 ? 8.682   -14.272 -0.581  1.00 13.70 ? 128  ASN A CB  1 
ATOM   991  C CG  . ASN A 1 128 ? 8.986   -14.968 0.737   1.00 17.75 ? 128  ASN A CG  1 
ATOM   992  O OD1 . ASN A 1 128 ? 10.155  -15.206 1.056   1.00 23.11 ? 128  ASN A OD1 1 
ATOM   993  N ND2 . ASN A 1 128 ? 7.959   -15.304 1.503   1.00 15.37 ? 128  ASN A ND2 1 
ATOM   994  N N   . ASN A 1 129 ? 6.720   -13.963 -3.418  1.00 9.88  ? 129  ASN A N   1 
ATOM   995  C CA  . ASN A 1 129 ? 6.265   -13.019 -4.433  1.00 8.82  ? 129  ASN A CA  1 
ATOM   996  C C   . ASN A 1 129 ? 4.883   -12.505 -4.071  1.00 7.91  ? 129  ASN A C   1 
ATOM   997  O O   . ASN A 1 129 ? 4.047   -13.265 -3.563  1.00 8.19  ? 129  ASN A O   1 
ATOM   998  C CB  . ASN A 1 129 ? 6.161   -13.664 -5.827  1.00 9.94  ? 129  ASN A CB  1 
ATOM   999  C CG  . ASN A 1 129 ? 7.503   -14.060 -6.385  1.00 13.44 ? 129  ASN A CG  1 
ATOM   1000 O OD1 . ASN A 1 129 ? 8.548   -13.723 -5.825  1.00 18.06 ? 129  ASN A OD1 1 
ATOM   1001 N ND2 . ASN A 1 129 ? 7.486   -14.809 -7.486  1.00 19.65 ? 129  ASN A ND2 1 
ATOM   1002 N N   . ILE A 1 130 ? 4.676   -11.204 -4.303  1.00 6.99  ? 130  ILE A N   1 
ATOM   1003 C CA  . ILE A 1 130 ? 3.313   -10.638 -4.314  1.00 6.10  ? 130  ILE A CA  1 
ATOM   1004 C C   . ILE A 1 130 ? 2.537   -11.400 -5.409  1.00 6.26  ? 130  ILE A C   1 
ATOM   1005 O O   . ILE A 1 130 ? 3.015   -11.551 -6.535  1.00 6.37  ? 130  ILE A O   1 
ATOM   1006 C CB  . ILE A 1 130 ? 3.325   -9.120  -4.673  1.00 6.30  ? 130  ILE A CB  1 
ATOM   1007 C CG1 . ILE A 1 130 ? 4.184   -8.336  -3.667  1.00 6.86  ? 130  ILE A CG1 1 
ATOM   1008 C CG2 . ILE A 1 130 ? 1.910   -8.568  -4.724  1.00 6.19  ? 130  ILE A CG2 1 
ATOM   1009 C CD1 . ILE A 1 130 ? 3.889   -8.670  -2.165  1.00 5.26  ? 130  ILE A CD1 1 
ATOM   1010 N N   . LYS A 1 131 ? 1.339   -11.866 -5.059  1.00 6.86  ? 131  LYS A N   1 
ATOM   1011 C CA  . LYS A 1 131 ? 0.584   -12.785 -5.946  1.00 7.85  ? 131  LYS A CA  1 
ATOM   1012 C C   . LYS A 1 131 ? -0.230  -12.135 -7.064  1.00 7.88  ? 131  LYS A C   1 
ATOM   1013 O O   . LYS A 1 131 ? -0.390  -12.738 -8.146  1.00 8.31  ? 131  LYS A O   1 
ATOM   1014 C CB  . LYS A 1 131 ? -0.313  -13.744 -5.143  1.00 7.61  ? 131  LYS A CB  1 
ATOM   1015 C CG  . LYS A 1 131 ? 0.423   -14.632 -4.139  1.00 9.65  ? 131  LYS A CG  1 
ATOM   1016 C CD  . LYS A 1 131 ? 1.547   -15.475 -4.800  1.00 9.21  ? 131  LYS A CD  1 
ATOM   1017 C CE  . LYS A 1 131 ? 2.098   -16.507 -3.788  1.00 13.31 ? 131  LYS A CE  1 
ATOM   1018 N NZ  . LYS A 1 131 ? 2.860   -15.806 -2.684  1.00 11.18 ? 131  LYS A NZ  1 
ATOM   1019 N N   . TRP A 1 132 ? -0.761  -10.928 -6.814  1.00 7.02  ? 132  TRP A N   1 
ATOM   1020 C CA  . TRP A 1 132 ? -1.589  -10.242 -7.796  1.00 7.03  ? 132  TRP A CA  1 
ATOM   1021 C C   . TRP A 1 132 ? -1.737  -8.769  -7.358  1.00 7.16  ? 132  TRP A C   1 
ATOM   1022 O O   . TRP A 1 132 ? -1.116  -8.346  -6.373  1.00 6.22  ? 132  TRP A O   1 
ATOM   1023 C CB  . TRP A 1 132 ? -2.970  -10.945 -7.972  1.00 7.37  ? 132  TRP A CB  1 
ATOM   1024 C CG  . TRP A 1 132 ? -3.587  -10.653 -9.293  1.00 8.16  ? 132  TRP A CG  1 
ATOM   1025 C CD1 . TRP A 1 132 ? -4.739  -9.965  -9.525  1.00 8.28  ? 132  TRP A CD1 1 
ATOM   1026 C CD2 . TRP A 1 132 ? -3.025  -10.950 -10.594 1.00 7.77  ? 132  TRP A CD2 1 
ATOM   1027 N NE1 . TRP A 1 132 ? -4.946  -9.838  -10.899 1.00 8.90  ? 132  TRP A NE1 1 
ATOM   1028 C CE2 . TRP A 1 132 ? -3.914  -10.430 -11.563 1.00 9.35  ? 132  TRP A CE2 1 
ATOM   1029 C CE3 . TRP A 1 132 ? -1.861  -11.604 -11.021 1.00 7.89  ? 132  TRP A CE3 1 
ATOM   1030 C CZ2 . TRP A 1 132 ? -3.667  -10.527 -12.933 1.00 9.62  ? 132  TRP A CZ2 1 
ATOM   1031 C CZ3 . TRP A 1 132 ? -1.611  -11.712 -12.394 1.00 9.75  ? 132  TRP A CZ3 1 
ATOM   1032 C CH2 . TRP A 1 132 ? -2.523  -11.174 -13.329 1.00 8.56  ? 132  TRP A CH2 1 
ATOM   1033 N N   . ASN A 1 133 ? -2.493  -7.987  -8.126  1.00 7.15  ? 133  ASN A N   1 
ATOM   1034 C CA  . ASN A 1 133 ? -2.851  -6.621  -7.708  1.00 6.41  ? 133  ASN A CA  1 
ATOM   1035 C C   . ASN A 1 133 ? -3.576  -6.630  -6.358  1.00 6.80  ? 133  ASN A C   1 
ATOM   1036 O O   . ASN A 1 133 ? -4.304  -7.582  -6.045  1.00 6.86  ? 133  ASN A O   1 
ATOM   1037 C CB  . ASN A 1 133 ? -3.754  -5.954  -8.740  1.00 7.51  ? 133  ASN A CB  1 
ATOM   1038 C CG  . ASN A 1 133 ? -3.171  -5.981  -10.138 1.00 6.97  ? 133  ASN A CG  1 
ATOM   1039 O OD1 . ASN A 1 133 ? -2.063  -5.497  -10.381 1.00 7.95  ? 133  ASN A OD1 1 
ATOM   1040 N ND2 . ASN A 1 133 ? -3.927  -6.593  -11.077 1.00 8.61  ? 133  ASN A ND2 1 
ATOM   1041 N N   . PHE A 1 134 ? -3.337  -5.574  -5.577  1.00 5.79  ? 134  PHE A N   1 
ATOM   1042 C CA  . PHE A 1 134 ? -4.054  -5.296  -4.333  1.00 5.71  ? 134  PHE A CA  1 
ATOM   1043 C C   . PHE A 1 134 ? -3.740  -6.274  -3.188  1.00 5.09  ? 134  PHE A C   1 
ATOM   1044 O O   . PHE A 1 134 ? -4.603  -6.550  -2.364  1.00 5.89  ? 134  PHE A O   1 
ATOM   1045 C CB  . PHE A 1 134 ? -5.578  -5.142  -4.554  1.00 5.73  ? 134  PHE A CB  1 
ATOM   1046 C CG  . PHE A 1 134 ? -5.939  -4.029  -5.512  1.00 5.39  ? 134  PHE A CG  1 
ATOM   1047 C CD1 . PHE A 1 134 ? -5.888  -2.715  -5.094  1.00 4.15  ? 134  PHE A CD1 1 
ATOM   1048 C CD2 . PHE A 1 134 ? -6.324  -4.311  -6.835  1.00 6.99  ? 134  PHE A CD2 1 
ATOM   1049 C CE1 . PHE A 1 134 ? -6.206  -1.635  -5.975  1.00 5.49  ? 134  PHE A CE1 1 
ATOM   1050 C CE2 . PHE A 1 134 ? -6.653  -3.288  -7.712  1.00 5.76  ? 134  PHE A CE2 1 
ATOM   1051 C CZ  . PHE A 1 134 ? -6.593  -1.938  -7.297  1.00 5.19  ? 134  PHE A CZ  1 
ATOM   1052 N N   . SER A 1 135 ? -2.483  -6.711  -3.075  1.00 4.67  ? 135  SER A N   1 
ATOM   1053 C CA  . SER A 1 135 ? -2.059  -7.348  -1.835  1.00 5.17  ? 135  SER A CA  1 
ATOM   1054 C C   . SER A 1 135 ? -1.864  -6.240  -0.803  1.00 5.36  ? 135  SER A C   1 
ATOM   1055 O O   . SER A 1 135 ? -1.607  -5.096  -1.165  1.00 5.93  ? 135  SER A O   1 
ATOM   1056 C CB  . SER A 1 135 ? -0.714  -8.035  -2.036  1.00 5.80  ? 135  SER A CB  1 
ATOM   1057 O OG  A SER A 1 135 ? -0.873  -8.996  -3.072  0.33 4.09  ? 135  SER A OG  1 
ATOM   1058 O OG  B SER A 1 135 ? 0.302   -7.018  -2.017  0.33 6.61  ? 135  SER A OG  1 
ATOM   1059 O OG  D SER A 1 135 ? -0.554  -9.066  -1.108  0.33 7.73  ? 135  SER A OG  1 
ATOM   1060 N N   . LYS A 1 136 ? -1.971  -6.587  0.475   1.00 5.00  ? 136  LYS A N   1 
ATOM   1061 C CA  . LYS A 1 136 ? -1.895  -5.572  1.548   1.00 4.88  ? 136  LYS A CA  1 
ATOM   1062 C C   . LYS A 1 136 ? -0.886  -5.991  2.602   1.00 5.03  ? 136  LYS A C   1 
ATOM   1063 O O   . LYS A 1 136 ? -0.815  -7.167  3.001   1.00 5.18  ? 136  LYS A O   1 
ATOM   1064 C CB  . LYS A 1 136 ? -3.260  -5.385  2.224   1.00 5.79  ? 136  LYS A CB  1 
ATOM   1065 C CG  . LYS A 1 136 ? -4.377  -4.802  1.319   1.00 5.92  ? 136  LYS A CG  1 
ATOM   1066 C CD  . LYS A 1 136 ? -5.264  -5.918  0.658   1.00 7.24  ? 136  LYS A CD  1 
ATOM   1067 C CE  . LYS A 1 136 ? -6.289  -5.228  -0.241  1.00 3.56  ? 136  LYS A CE  1 
ATOM   1068 N NZ  . LYS A 1 136 ? -7.001  -6.211  -1.137  1.00 5.91  ? 136  LYS A NZ  1 
ATOM   1069 N N   . PHE A 1 137 ? -0.127  -5.008  3.081   1.00 5.93  ? 137  PHE A N   1 
ATOM   1070 C CA  . PHE A 1 137 ? 0.689   -5.183  4.282   1.00 5.55  ? 137  PHE A CA  1 
ATOM   1071 C C   . PHE A 1 137 ? 0.247   -4.193  5.365   1.00 5.13  ? 137  PHE A C   1 
ATOM   1072 O O   . PHE A 1 137 ? 0.019   -3.026  5.075   1.00 6.62  ? 137  PHE A O   1 
ATOM   1073 C CB  . PHE A 1 137 ? 2.186   -4.941  4.026   1.00 5.32  ? 137  PHE A CB  1 
ATOM   1074 C CG  . PHE A 1 137 ? 2.824   -5.971  3.128   1.00 5.71  ? 137  PHE A CG  1 
ATOM   1075 C CD1 . PHE A 1 137 ? 3.529   -7.048  3.681   1.00 5.91  ? 137  PHE A CD1 1 
ATOM   1076 C CD2 . PHE A 1 137 ? 2.711   -5.854  1.741   1.00 6.05  ? 137  PHE A CD2 1 
ATOM   1077 C CE1 . PHE A 1 137 ? 4.121   -8.005  2.863   1.00 5.75  ? 137  PHE A CE1 1 
ATOM   1078 C CE2 . PHE A 1 137 ? 3.269   -6.815  0.895   1.00 6.56  ? 137  PHE A CE2 1 
ATOM   1079 C CZ  . PHE A 1 137 ? 3.977   -7.891  1.462   1.00 6.46  ? 137  PHE A CZ  1 
ATOM   1080 N N   . LEU A 1 138 ? 0.153   -4.671  6.598   1.00 5.15  ? 138  LEU A N   1 
ATOM   1081 C CA  . LEU A 1 138 ? -0.141  -3.792  7.737   1.00 5.40  ? 138  LEU A CA  1 
ATOM   1082 C C   . LEU A 1 138 ? 1.152   -3.498  8.519   1.00 5.61  ? 138  LEU A C   1 
ATOM   1083 O O   . LEU A 1 138 ? 1.930   -4.423  8.832   1.00 4.75  ? 138  LEU A O   1 
ATOM   1084 C CB  . LEU A 1 138 ? -1.154  -4.486  8.644   1.00 6.89  ? 138  LEU A CB  1 
ATOM   1085 C CG  . LEU A 1 138 ? -1.753  -3.703  9.803   1.00 7.25  ? 138  LEU A CG  1 
ATOM   1086 C CD1 . LEU A 1 138 ? -2.409  -2.404  9.315   1.00 9.82  ? 138  LEU A CD1 1 
ATOM   1087 C CD2 . LEU A 1 138 ? -2.772  -4.622  10.509  1.00 8.00  ? 138  LEU A CD2 1 
ATOM   1088 N N   . VAL A 1 139 ? 1.346   -2.220  8.868   1.00 5.09  ? 139  VAL A N   1 
ATOM   1089 C CA  . VAL A 1 139 ? 2.581   -1.761  9.508   1.00 5.31  ? 139  VAL A CA  1 
ATOM   1090 C C   . VAL A 1 139 ? 2.178   -1.003  10.776  1.00 6.31  ? 139  VAL A C   1 
ATOM   1091 O O   . VAL A 1 139 ? 1.281   -0.120  10.738  1.00 5.99  ? 139  VAL A O   1 
ATOM   1092 C CB  . VAL A 1 139 ? 3.366   -0.848  8.520   1.00 6.13  ? 139  VAL A CB  1 
ATOM   1093 C CG1 . VAL A 1 139 ? 4.682   -0.394  9.114   1.00 7.41  ? 139  VAL A CG1 1 
ATOM   1094 C CG2 . VAL A 1 139 ? 3.637   -1.582  7.199   1.00 5.55  ? 139  VAL A CG2 1 
ATOM   1095 N N   . ASP A 1 140 ? 2.789   -1.363  11.910  1.00 6.39  ? 140  ASP A N   1 
ATOM   1096 C CA  . ASP A 1 140 ? 2.391   -0.761  13.187  1.00 5.48  ? 140  ASP A CA  1 
ATOM   1097 C C   . ASP A 1 140 ? 2.989   0.644   13.427  1.00 5.69  ? 140  ASP A C   1 
ATOM   1098 O O   . ASP A 1 140 ? 3.681   1.216   12.540  1.00 5.57  ? 140  ASP A O   1 
ATOM   1099 C CB  . ASP A 1 140 ? 2.671   -1.734  14.365  1.00 4.82  ? 140  ASP A CB  1 
ATOM   1100 C CG  . ASP A 1 140 ? 4.180   -1.917  14.687  1.00 7.48  ? 140  ASP A CG  1 
ATOM   1101 O OD1 . ASP A 1 140 ? 5.054   -1.110  14.256  1.00 7.86  ? 140  ASP A OD1 1 
ATOM   1102 O OD2 . ASP A 1 140 ? 4.469   -2.902  15.431  1.00 9.28  ? 140  ASP A OD2 1 
ATOM   1103 N N   . ARG A 1 141 ? 2.697   1.213   14.606  1.00 6.17  ? 141  ARG A N   1 
ATOM   1104 C CA  . ARG A 1 141 ? 3.080   2.593   14.895  1.00 6.93  ? 141  ARG A CA  1 
ATOM   1105 C C   . ARG A 1 141 ? 4.591   2.794   15.109  1.00 6.88  ? 141  ARG A C   1 
ATOM   1106 O O   . ARG A 1 141 ? 5.054   3.951   15.227  1.00 7.67  ? 141  ARG A O   1 
ATOM   1107 C CB  . ARG A 1 141 ? 2.304   3.155   16.107  1.00 7.23  ? 141  ARG A CB  1 
ATOM   1108 C CG  . ARG A 1 141 ? 0.813   3.236   15.895  1.00 7.82  ? 141  ARG A CG  1 
ATOM   1109 C CD  . ARG A 1 141 ? 0.166   3.878   17.124  1.00 9.43  ? 141  ARG A CD  1 
ATOM   1110 N NE  . ARG A 1 141 ? -1.299  4.026   17.063  1.00 11.65 ? 141  ARG A NE  1 
ATOM   1111 C CZ  . ARG A 1 141 ? -1.974  5.042   16.504  1.00 11.99 ? 141  ARG A CZ  1 
ATOM   1112 N NH1 . ARG A 1 141 ? -1.368  6.019   15.840  1.00 11.88 ? 141  ARG A NH1 1 
ATOM   1113 N NH2 . ARG A 1 141 ? -3.311  5.057   16.594  1.00 10.59 ? 141  ARG A NH2 1 
ATOM   1114 N N   . GLN A 1 142 ? 5.349   1.693   15.088  1.00 6.56  ? 142  GLN A N   1 
ATOM   1115 C CA  . GLN A 1 142 ? 6.819   1.733   15.158  1.00 6.33  ? 142  GLN A CA  1 
ATOM   1116 C C   . GLN A 1 142 ? 7.472   1.303   13.828  1.00 6.00  ? 142  GLN A C   1 
ATOM   1117 O O   . GLN A 1 142 ? 8.678   0.990   13.784  1.00 7.38  ? 142  GLN A O   1 
ATOM   1118 C CB  . GLN A 1 142 ? 7.343   0.823   16.288  1.00 6.76  ? 142  GLN A CB  1 
ATOM   1119 C CG  . GLN A 1 142 ? 7.095   1.430   17.676  1.00 9.78  ? 142  GLN A CG  1 
ATOM   1120 C CD  . GLN A 1 142 ? 5.656   1.317   18.064  1.00 12.90 ? 142  GLN A CD  1 
ATOM   1121 O OE1 . GLN A 1 142 ? 5.059   0.247   17.934  1.00 12.74 ? 142  GLN A OE1 1 
ATOM   1122 N NE2 . GLN A 1 142 ? 5.072   2.422   18.538  1.00 15.53 ? 142  GLN A NE2 1 
ATOM   1123 N N   . GLY A 1 143 ? 6.664   1.272   12.773  1.00 5.25  ? 143  GLY A N   1 
ATOM   1124 C CA  . GLY A 1 143 ? 7.176   1.045   11.415  1.00 6.41  ? 143  GLY A CA  1 
ATOM   1125 C C   . GLY A 1 143 ? 7.460   -0.424  11.129  1.00 6.01  ? 143  GLY A C   1 
ATOM   1126 O O   . GLY A 1 143 ? 8.153   -0.751  10.156  1.00 5.62  ? 143  GLY A O   1 
ATOM   1127 N N   . GLN A 1 144 ? 6.926   -1.305  11.975  1.00 5.97  ? 144  GLN A N   1 
ATOM   1128 C CA  . GLN A 1 144 ? 7.168   -2.740  11.821  1.00 5.91  ? 144  GLN A CA  1 
ATOM   1129 C C   . GLN A 1 144 ? 6.062   -3.427  11.005  1.00 5.76  ? 144  GLN A C   1 
ATOM   1130 O O   . GLN A 1 144 ? 4.886   -3.354  11.387  1.00 5.96  ? 144  GLN A O   1 
ATOM   1131 C CB  . GLN A 1 144 ? 7.253   -3.423  13.184  1.00 5.78  ? 144  GLN A CB  1 
ATOM   1132 C CG  . GLN A 1 144 ? 8.254   -2.776  14.187  1.00 6.15  ? 144  GLN A CG  1 
ATOM   1133 C CD  . GLN A 1 144 ? 9.629   -2.710  13.617  1.00 5.11  ? 144  GLN A CD  1 
ATOM   1134 O OE1 . GLN A 1 144 ? 10.241  -3.749  13.227  1.00 6.91  ? 144  GLN A OE1 1 
ATOM   1135 N NE2 . GLN A 1 144 ? 10.189  -1.480  13.587  1.00 8.46  ? 144  GLN A NE2 1 
ATOM   1136 N N   . PRO A 1 145 ? 6.430   -4.123  9.903   1.00 6.83  ? 145  PRO A N   1 
ATOM   1137 C CA  . PRO A 1 145 ? 5.401   -4.895  9.169   1.00 5.85  ? 145  PRO A CA  1 
ATOM   1138 C C   . PRO A 1 145 ? 4.958   -6.083  10.041  1.00 6.69  ? 145  PRO A C   1 
ATOM   1139 O O   . PRO A 1 145 ? 5.813   -6.865  10.497  1.00 7.26  ? 145  PRO A O   1 
ATOM   1140 C CB  . PRO A 1 145 ? 6.143   -5.385  7.907   1.00 6.99  ? 145  PRO A CB  1 
ATOM   1141 C CG  . PRO A 1 145 ? 7.358   -4.471  7.787   1.00 6.87  ? 145  PRO A CG  1 
ATOM   1142 C CD  . PRO A 1 145 ? 7.741   -4.159  9.240   1.00 7.58  ? 145  PRO A CD  1 
ATOM   1143 N N   . VAL A 1 146 ? 3.658   -6.179  10.314  1.00 5.63  ? 146  VAL A N   1 
ATOM   1144 C CA  . VAL A 1 146 ? 3.126   -7.185  11.240  1.00 6.91  ? 146  VAL A CA  1 
ATOM   1145 C C   . VAL A 1 146 ? 2.128   -8.180  10.638  1.00 7.23  ? 146  VAL A C   1 
ATOM   1146 O O   . VAL A 1 146 ? 1.876   -9.233  11.241  1.00 7.01  ? 146  VAL A O   1 
ATOM   1147 C CB  . VAL A 1 146 ? 2.484   -6.535  12.509  1.00 7.42  ? 146  VAL A CB  1 
ATOM   1148 C CG1 . VAL A 1 146 ? 3.581   -5.911  13.383  1.00 7.76  ? 146  VAL A CG1 1 
ATOM   1149 C CG2 . VAL A 1 146 ? 1.427   -5.504  12.144  1.00 7.76  ? 146  VAL A CG2 1 
ATOM   1150 N N   . LYS A 1 147 ? 1.612   -7.872  9.459   1.00 7.27  ? 147  LYS A N   1 
ATOM   1151 C CA  . LYS A 1 147 ? 0.674   -8.764  8.767   1.00 7.83  ? 147  LYS A CA  1 
ATOM   1152 C C   . LYS A 1 147 ? 0.685   -8.554  7.263   1.00 8.13  ? 147  LYS A C   1 
ATOM   1153 O O   . LYS A 1 147 ? 0.966   -7.455  6.789   1.00 6.28  ? 147  LYS A O   1 
ATOM   1154 C CB  . LYS A 1 147 ? -0.761  -8.637  9.312   1.00 9.29  ? 147  LYS A CB  1 
ATOM   1155 C CG  . LYS A 1 147 ? -1.588  -9.932  9.053   1.00 12.41 ? 147  LYS A CG  1 
ATOM   1156 C CD  . LYS A 1 147 ? -2.608  -10.221 10.175  1.00 16.11 ? 147  LYS A CD  1 
ATOM   1157 C CE  . LYS A 1 147 ? -3.657  -11.250 9.715   0.50 13.07 ? 147  LYS A CE  1 
ATOM   1158 N NZ  . LYS A 1 147 ? -4.843  -11.325 10.647  0.50 12.16 ? 147  LYS A NZ  1 
ATOM   1159 N N   . ARG A 1 148 ? 0.391   -9.640  6.538   1.00 7.83  ? 148  ARG A N   1 
ATOM   1160 C CA  . ARG A 1 148 ? 0.311   -9.606  5.089   1.00 7.62  ? 148  ARG A CA  1 
ATOM   1161 C C   . ARG A 1 148 ? -1.011  -10.273 4.717   1.00 8.24  ? 148  ARG A C   1 
ATOM   1162 O O   . ARG A 1 148 ? -1.390  -11.254 5.367   1.00 8.34  ? 148  ARG A O   1 
ATOM   1163 C CB  . ARG A 1 148 ? 1.450   -10.423 4.538   1.00 7.65  ? 148  ARG A CB  1 
ATOM   1164 C CG  . ARG A 1 148 ? 1.453   -10.492 3.021   1.00 9.72  ? 148  ARG A CG  1 
ATOM   1165 C CD  . ARG A 1 148 ? 2.746   -11.128 2.568   1.00 9.82  ? 148  ARG A CD  1 
ATOM   1166 N NE  . ARG A 1 148 ? 2.738   -11.479 1.137   1.00 10.64 ? 148  ARG A NE  1 
ATOM   1167 C CZ  . ARG A 1 148 ? 3.829   -11.792 0.444   1.00 9.18  ? 148  ARG A CZ  1 
ATOM   1168 N NH1 . ARG A 1 148 ? 5.031   -11.701 0.988   1.00 9.67  ? 148  ARG A NH1 1 
ATOM   1169 N NH2 . ARG A 1 148 ? 3.716   -12.152 -0.835  1.00 11.89 ? 148  ARG A NH2 1 
ATOM   1170 N N   . TYR A 1 149 ? -1.684  -9.761  3.691   1.00 7.17  ? 149  TYR A N   1 
ATOM   1171 C CA  . TYR A 1 149 ? -2.989  -10.266 3.270   1.00 7.40  ? 149  TYR A CA  1 
ATOM   1172 C C   . TYR A 1 149 ? -2.992  -10.540 1.789   1.00 7.70  ? 149  TYR A C   1 
ATOM   1173 O O   . TYR A 1 149 ? -2.428  -9.774  0.994   1.00 7.87  ? 149  TYR A O   1 
ATOM   1174 C CB  . TYR A 1 149 ? -4.127  -9.278  3.600   1.00 7.45  ? 149  TYR A CB  1 
ATOM   1175 C CG  . TYR A 1 149 ? -4.126  -8.811  5.033   1.00 7.52  ? 149  TYR A CG  1 
ATOM   1176 C CD1 . TYR A 1 149 ? -4.981  -9.393  5.982   1.00 7.45  ? 149  TYR A CD1 1 
ATOM   1177 C CD2 . TYR A 1 149 ? -3.300  -7.753  5.427   1.00 7.36  ? 149  TYR A CD2 1 
ATOM   1178 C CE1 . TYR A 1 149 ? -4.990  -8.956  7.320   1.00 8.85  ? 149  TYR A CE1 1 
ATOM   1179 C CE2 . TYR A 1 149 ? -3.305  -7.302  6.770   1.00 8.72  ? 149  TYR A CE2 1 
ATOM   1180 C CZ  . TYR A 1 149 ? -4.123  -7.918  7.693   1.00 7.76  ? 149  TYR A CZ  1 
ATOM   1181 O OH  . TYR A 1 149 ? -4.119  -7.464  9.003   1.00 9.41  ? 149  TYR A OH  1 
ATOM   1182 N N   . SER A 1 150 ? -3.703  -11.603 1.404   1.00 6.99  ? 150  SER A N   1 
ATOM   1183 C CA  . SER A 1 150 ? -3.842  -11.932 -0.016  1.00 7.01  ? 150  SER A CA  1 
ATOM   1184 C C   . SER A 1 150 ? -4.545  -10.840 -0.841  1.00 6.22  ? 150  SER A C   1 
ATOM   1185 O O   . SER A 1 150 ? -5.346  -10.044 -0.306  1.00 6.19  ? 150  SER A O   1 
ATOM   1186 C CB  . SER A 1 150 ? -4.656  -13.228 -0.132  1.00 6.63  ? 150  SER A CB  1 
ATOM   1187 O OG  . SER A 1 150 ? -5.964  -12.989 0.380   1.00 7.71  ? 150  SER A OG  1 
ATOM   1188 N N   . PRO A 1 151 ? -4.290  -10.800 -2.162  1.00 6.13  ? 151  PRO A N   1 
ATOM   1189 C CA  . PRO A 1 151 ? -4.975  -9.823  -3.041  1.00 6.22  ? 151  PRO A CA  1 
ATOM   1190 C C   . PRO A 1 151 ? -6.499  -9.797  -2.860  1.00 6.72  ? 151  PRO A C   1 
ATOM   1191 O O   . PRO A 1 151 ? -7.118  -8.731  -2.885  1.00 6.93  ? 151  PRO A O   1 
ATOM   1192 C CB  . PRO A 1 151 ? -4.657  -10.368 -4.441  1.00 6.45  ? 151  PRO A CB  1 
ATOM   1193 C CG  . PRO A 1 151 ? -3.205  -10.892 -4.276  1.00 6.18  ? 151  PRO A CG  1 
ATOM   1194 C CD  . PRO A 1 151 ? -3.260  -11.581 -2.901  1.00 6.51  ? 151  PRO A CD  1 
ATOM   1195 N N   . THR A 1 152 ? -7.090  -10.970 -2.643  1.00 6.50  ? 152  THR A N   1 
ATOM   1196 C CA  . THR A 1 152 ? -8.559  -11.045 -2.561  1.00 7.09  ? 152  THR A CA  1 
ATOM   1197 C C   . THR A 1 152 ? -9.098  -10.769 -1.161  1.00 7.47  ? 152  THR A C   1 
ATOM   1198 O O   . THR A 1 152 ? -10.320 -10.809 -0.941  1.00 9.12  ? 152  THR A O   1 
ATOM   1199 C CB  . THR A 1 152 ? -9.071  -12.394 -3.109  1.00 7.84  ? 152  THR A CB  1 
ATOM   1200 O OG1 . THR A 1 152 ? -8.348  -13.469 -2.475  1.00 7.56  ? 152  THR A OG1 1 
ATOM   1201 C CG2 . THR A 1 152 ? -8.946  -12.455 -4.619  1.00 8.94  ? 152  THR A CG2 1 
ATOM   1202 N N   . THR A 1 153 ? -8.218  -10.447 -0.211  1.00 6.83  ? 153  THR A N   1 
ATOM   1203 C CA  . THR A 1 153 ? -8.691  -9.960  1.106   1.00 7.66  ? 153  THR A CA  1 
ATOM   1204 C C   . THR A 1 153 ? -9.271  -8.538  0.940   1.00 8.29  ? 153  THR A C   1 
ATOM   1205 O O   . THR A 1 153 ? -8.558  -7.607  0.627   1.00 8.26  ? 153  THR A O   1 
ATOM   1206 C CB  . THR A 1 153 ? -7.545  -9.931  2.146   1.00 7.98  ? 153  THR A CB  1 
ATOM   1207 O OG1 . THR A 1 153 ? -7.021  -11.258 2.319   1.00 9.19  ? 153  THR A OG1 1 
ATOM   1208 C CG2 . THR A 1 153 ? -8.076  -9.436  3.488   1.00 8.89  ? 153  THR A CG2 1 
ATOM   1209 N N   . ALA A 1 154 ? -10.579 -8.379  1.155   1.00 7.34  ? 154  ALA A N   1 
ATOM   1210 C CA  . ALA A 1 154 ? -11.195 -7.058  1.057   1.00 7.41  ? 154  ALA A CA  1 
ATOM   1211 C C   . ALA A 1 154 ? -10.619 -6.133  2.130   1.00 6.85  ? 154  ALA A C   1 
ATOM   1212 O O   . ALA A 1 154 ? -10.370 -6.580  3.265   1.00 7.24  ? 154  ALA A O   1 
ATOM   1213 C CB  . ALA A 1 154 ? -12.692 -7.152  1.224   1.00 8.32  ? 154  ALA A CB  1 
ATOM   1214 N N   . PRO A 1 155 ? -10.384 -4.850  1.769   1.00 7.23  ? 155  PRO A N   1 
ATOM   1215 C CA  . PRO A 1 155 ? -9.931  -3.899  2.801   1.00 6.54  ? 155  PRO A CA  1 
ATOM   1216 C C   . PRO A 1 155 ? -10.757 -3.971  4.110   1.00 5.99  ? 155  PRO A C   1 
ATOM   1217 O O   . PRO A 1 155 ? -10.190 -3.916  5.196   1.00 6.04  ? 155  PRO A O   1 
ATOM   1218 C CB  . PRO A 1 155 ? -10.058 -2.537  2.099   1.00 7.40  ? 155  PRO A CB  1 
ATOM   1219 C CG  . PRO A 1 155 ? -9.762  -2.864  0.631   1.00 7.89  ? 155  PRO A CG  1 
ATOM   1220 C CD  . PRO A 1 155 ? -10.440 -4.225  0.429   1.00 7.23  ? 155  PRO A CD  1 
ATOM   1221 N N   . TYR A 1 156 ? -12.088 -4.068  4.021   1.00 6.91  ? 156  TYR A N   1 
ATOM   1222 C CA  . TYR A 1 156 ? -12.896 -4.125  5.243   1.00 8.08  ? 156  TYR A CA  1 
ATOM   1223 C C   . TYR A 1 156 ? -12.528 -5.313  6.145   1.00 8.69  ? 156  TYR A C   1 
ATOM   1224 O O   . TYR A 1 156 ? -12.718 -5.261  7.362   1.00 9.88  ? 156  TYR A O   1 
ATOM   1225 C CB  . TYR A 1 156 ? -14.384 -4.192  4.879   1.00 7.90  ? 156  TYR A CB  1 
ATOM   1226 C CG  . TYR A 1 156 ? -15.019 -2.860  4.549   1.00 8.73  ? 156  TYR A CG  1 
ATOM   1227 C CD1 . TYR A 1 156 ? -14.534 -1.666  5.093   1.00 10.77 ? 156  TYR A CD1 1 
ATOM   1228 C CD2 . TYR A 1 156 ? -16.157 -2.799  3.733   1.00 9.89  ? 156  TYR A CD2 1 
ATOM   1229 C CE1 . TYR A 1 156 ? -15.146 -0.434  4.794   1.00 10.62 ? 156  TYR A CE1 1 
ATOM   1230 C CE2 . TYR A 1 156 ? -16.768 -1.580  3.435   1.00 10.23 ? 156  TYR A CE2 1 
ATOM   1231 C CZ  . TYR A 1 156 ? -16.276 -0.416  3.977   1.00 9.76  ? 156  TYR A CZ  1 
ATOM   1232 O OH  . TYR A 1 156 ? -16.859 0.793   3.711   1.00 9.78  ? 156  TYR A OH  1 
ATOM   1233 N N   . ASP A 1 157 ? -12.035 -6.402  5.560   1.00 8.66  ? 157  ASP A N   1 
ATOM   1234 C CA  . ASP A 1 157 ? -11.645 -7.581  6.363   1.00 9.90  ? 157  ASP A CA  1 
ATOM   1235 C C   . ASP A 1 157 ? -10.391 -7.337  7.205   1.00 9.51  ? 157  ASP A C   1 
ATOM   1236 O O   . ASP A 1 157 ? -10.021 -8.191  8.035   1.00 11.53 ? 157  ASP A O   1 
ATOM   1237 C CB  . ASP A 1 157 ? -11.437 -8.812  5.479   1.00 10.76 ? 157  ASP A CB  1 
ATOM   1238 C CG  . ASP A 1 157 ? -12.720 -9.338  4.874   1.00 13.89 ? 157  ASP A CG  1 
ATOM   1239 O OD1 . ASP A 1 157 ? -13.835 -8.885  5.216   1.00 16.76 ? 157  ASP A OD1 1 
ATOM   1240 O OD2 . ASP A 1 157 ? -12.616 -10.238 4.023   1.00 19.66 ? 157  ASP A OD2 1 
ATOM   1241 N N   . ILE A 1 158 ? -9.745  -6.192  6.989   1.00 8.31  ? 158  ILE A N   1 
ATOM   1242 C CA  . ILE A 1 158 ? -8.520  -5.846  7.704   1.00 7.84  ? 158  ILE A CA  1 
ATOM   1243 C C   . ILE A 1 158 ? -8.854  -4.837  8.798   1.00 8.29  ? 158  ILE A C   1 
ATOM   1244 O O   . ILE A 1 158 ? -7.985  -4.444  9.574   1.00 7.40  ? 158  ILE A O   1 
ATOM   1245 C CB  . ILE A 1 158 ? -7.484  -5.255  6.697   1.00 8.04  ? 158  ILE A CB  1 
ATOM   1246 C CG1 . ILE A 1 158 ? -7.235  -6.238  5.548   1.00 8.15  ? 158  ILE A CG1 1 
ATOM   1247 C CG2 . ILE A 1 158 ? -6.136  -4.877  7.404   1.00 6.45  ? 158  ILE A CG2 1 
ATOM   1248 C CD1 . ILE A 1 158 ? -6.421  -5.616  4.390   1.00 9.18  ? 158  ILE A CD1 1 
ATOM   1249 N N   . GLU A 1 159 ? -10.112 -4.376  8.840   1.00 8.84  ? 159  GLU A N   1 
ATOM   1250 C CA  . GLU A 1 159 ? -10.493 -3.348  9.829   1.00 9.10  ? 159  GLU A CA  1 
ATOM   1251 C C   . GLU A 1 159 ? -10.185 -3.747  11.282  1.00 8.31  ? 159  GLU A C   1 
ATOM   1252 O O   . GLU A 1 159 ? -9.652  -2.930  12.054  1.00 8.63  ? 159  GLU A O   1 
ATOM   1253 C CB  . GLU A 1 159 ? -11.962 -2.966  9.711   1.00 9.84  ? 159  GLU A CB  1 
ATOM   1254 C CG  . GLU A 1 159 ? -12.309 -1.792  10.665  1.00 10.88 ? 159  GLU A CG  1 
ATOM   1255 C CD  . GLU A 1 159 ? -13.349 -0.821  10.108  1.00 12.52 ? 159  GLU A CD  1 
ATOM   1256 O OE1 . GLU A 1 159 ? -13.693 -0.866  8.903   1.00 10.50 ? 159  GLU A OE1 1 
ATOM   1257 O OE2 . GLU A 1 159 ? -13.842 -0.015  10.924  1.00 13.70 ? 159  GLU A OE2 1 
ATOM   1258 N N   . GLY A 1 160 ? -10.487 -4.984  11.657  1.00 8.30  ? 160  GLY A N   1 
ATOM   1259 C CA  . GLY A 1 160 ? -10.243 -5.396  13.035  1.00 8.94  ? 160  GLY A CA  1 
ATOM   1260 C C   . GLY A 1 160 ? -8.773  -5.334  13.404  1.00 8.92  ? 160  GLY A C   1 
ATOM   1261 O O   . GLY A 1 160 ? -8.418  -4.869  14.485  1.00 9.09  ? 160  GLY A O   1 
ATOM   1262 N N   . ASP A 1 161 ? -7.923  -5.804  12.494  1.00 8.67  ? 161  ASP A N   1 
ATOM   1263 C CA  . ASP A 1 161 ? -6.465  -5.771  12.727  1.00 8.16  ? 161  ASP A CA  1 
ATOM   1264 C C   . ASP A 1 161 ? -5.968  -4.328  12.822  1.00 8.04  ? 161  ASP A C   1 
ATOM   1265 O O   . ASP A 1 161 ? -5.104  -4.004  13.657  1.00 8.23  ? 161  ASP A O   1 
ATOM   1266 C CB  . ASP A 1 161 ? -5.711  -6.551  11.635  1.00 8.35  ? 161  ASP A CB  1 
ATOM   1267 C CG  . ASP A 1 161 ? -5.955  -8.056  11.684  1.00 10.06 ? 161  ASP A CG  1 
ATOM   1268 O OD1 . ASP A 1 161 ? -6.428  -8.587  12.726  1.00 11.44 ? 161  ASP A OD1 1 
ATOM   1269 O OD2 . ASP A 1 161 ? -5.642  -8.737  10.684  1.00 11.12 ? 161  ASP A OD2 1 
ATOM   1270 N N   . ILE A 1 162 ? -6.513  -3.458  11.969  1.00 7.40  ? 162  ILE A N   1 
ATOM   1271 C CA  . ILE A 1 162 ? -6.212  -2.033  12.005  1.00 7.83  ? 162  ILE A CA  1 
ATOM   1272 C C   . ILE A 1 162 ? -6.631  -1.433  13.357  1.00 8.70  ? 162  ILE A C   1 
ATOM   1273 O O   . ILE A 1 162 ? -5.870  -0.702  13.994  1.00 8.58  ? 162  ILE A O   1 
ATOM   1274 C CB  . ILE A 1 162 ? -6.899  -1.269  10.825  1.00 7.62  ? 162  ILE A CB  1 
ATOM   1275 C CG1 . ILE A 1 162 ? -6.124  -1.512  9.502   1.00 8.35  ? 162  ILE A CG1 1 
ATOM   1276 C CG2 . ILE A 1 162 ? -6.945  0.241   11.122  1.00 8.13  ? 162  ILE A CG2 1 
ATOM   1277 C CD1 . ILE A 1 162 ? -6.916  -1.093  8.225   1.00 8.49  ? 162  ILE A CD1 1 
ATOM   1278 N N   . MET A 1 163 ? -7.867  -1.722  13.772  1.00 8.43  ? 163  MET A N   1 
ATOM   1279 C CA  . MET A 1 163 ? -8.356  -1.228  15.060  1.00 9.48  ? 163  MET A CA  1 
ATOM   1280 C C   . MET A 1 163 ? -7.442  -1.666  16.225  1.00 9.55  ? 163  MET A C   1 
ATOM   1281 O O   . MET A 1 163 ? -7.098  -0.842  17.087  1.00 9.93  ? 163  MET A O   1 
ATOM   1282 C CB  . MET A 1 163 ? -9.790  -1.700  15.292  1.00 9.34  ? 163  MET A CB  1 
ATOM   1283 C CG  . MET A 1 163 ? -10.792 -0.912  14.445  1.00 10.39 ? 163  MET A CG  1 
ATOM   1284 S SD  . MET A 1 163 ? -10.906 0.830   14.864  1.00 12.66 ? 163  MET A SD  1 
ATOM   1285 C CE  . MET A 1 163 ? -11.616 0.755   16.527  1.00 12.18 ? 163  MET A CE  1 
ATOM   1286 N N   . GLU A 1 164 ? -7.023  -2.931  16.217  1.00 10.51 ? 164  GLU A N   1 
ATOM   1287 C CA  . GLU A 1 164 ? -6.108  -3.424  17.251  1.00 12.14 ? 164  GLU A CA  1 
ATOM   1288 C C   . GLU A 1 164 ? -4.844  -2.582  17.355  1.00 12.39 ? 164  GLU A C   1 
ATOM   1289 O O   . GLU A 1 164 ? -4.382  -2.282  18.483  1.00 12.19 ? 164  GLU A O   1 
ATOM   1290 C CB  . GLU A 1 164 ? -5.722  -4.886  16.991  1.00 13.28 ? 164  GLU A CB  1 
ATOM   1291 C CG  . GLU A 1 164 ? -4.723  -5.454  18.026  1.00 16.55 ? 164  GLU A CG  1 
ATOM   1292 C CD  . GLU A 1 164 ? -3.815  -6.533  17.470  0.50 19.59 ? 164  GLU A CD  1 
ATOM   1293 O OE1 . GLU A 1 164 ? -4.285  -7.389  16.682  0.50 20.49 ? 164  GLU A OE1 1 
ATOM   1294 O OE2 . GLU A 1 164 ? -2.619  -6.518  17.835  0.50 21.63 ? 164  GLU A OE2 1 
ATOM   1295 N N   . LEU A 1 165 ? -4.262  -2.237  16.198  1.00 11.39 ? 165  LEU A N   1 
ATOM   1296 C CA  . LEU A 1 165 ? -2.999  -1.491  16.137  1.00 11.70 ? 165  LEU A CA  1 
ATOM   1297 C C   . LEU A 1 165 ? -3.228  -0.008  16.427  1.00 12.53 ? 165  LEU A C   1 
ATOM   1298 O O   . LEU A 1 165 ? -2.346  0.681   16.963  1.00 12.05 ? 165  LEU A O   1 
ATOM   1299 C CB  . LEU A 1 165 ? -2.333  -1.644  14.761  1.00 12.41 ? 165  LEU A CB  1 
ATOM   1300 C CG  . LEU A 1 165 ? -1.766  -3.016  14.365  1.00 12.54 ? 165  LEU A CG  1 
ATOM   1301 C CD1 . LEU A 1 165 ? -0.993  -2.870  13.051  1.00 11.36 ? 165  LEU A CD1 1 
ATOM   1302 C CD2 . LEU A 1 165 ? -0.840  -3.627  15.448  1.00 13.37 ? 165  LEU A CD2 1 
ATOM   1303 N N   . LEU A 1 166 ? -4.406  0.489   16.062  1.00 12.35 ? 166  LEU A N   1 
ATOM   1304 C CA  . LEU A 1 166 ? -4.745  1.873   16.358  1.00 15.20 ? 166  LEU A CA  1 
ATOM   1305 C C   . LEU A 1 166 ? -4.934  2.092   17.846  1.00 17.87 ? 166  LEU A C   1 
ATOM   1306 O O   . LEU A 1 166 ? -4.898  3.237   18.294  1.00 19.47 ? 166  LEU A O   1 
ATOM   1307 C CB  . LEU A 1 166 ? -6.012  2.303   15.614  1.00 14.64 ? 166  LEU A CB  1 
ATOM   1308 C CG  . LEU A 1 166 ? -5.869  2.613   14.113  1.00 13.92 ? 166  LEU A CG  1 
ATOM   1309 C CD1 . LEU A 1 166 ? -7.242  2.972   13.544  1.00 14.19 ? 166  LEU A CD1 1 
ATOM   1310 C CD2 . LEU A 1 166 ? -4.861  3.739   13.838  1.00 15.08 ? 166  LEU A CD2 1 
ATOM   1311 N N   . GLU A 1 167 ? -5.252  1.068   18.584  1.00 19.54 ? 167  GLU A N   1 
ATOM   1312 C CA  . GLU A 1 167 ? -5.283  1.120   20.027  1.00 23.09 ? 167  GLU A CA  1 
ATOM   1313 C C   . GLU A 1 167 ? -3.953  0.976   20.741  1.00 24.51 ? 167  GLU A C   1 
ATOM   1314 O O   . GLU A 1 167 ? -3.873  1.206   21.917  1.00 26.28 ? 167  GLU A O   1 
ATOM   1315 C CB  . GLU A 1 167 ? -6.085  -0.040  20.430  1.00 22.93 ? 167  GLU A CB  1 
ATOM   1316 C CG  . GLU A 1 167 ? -7.375  0.130   20.871  1.00 27.45 ? 167  GLU A CG  1 
ATOM   1317 C CD  . GLU A 1 167 ? -8.403  0.744   19.978  1.00 30.44 ? 167  GLU A CD  1 
ATOM   1318 O OE1 . GLU A 1 167 ? -8.605  1.926   20.247  1.00 33.49 ? 167  GLU A OE1 1 
ATOM   1319 O OE2 . GLU A 1 167 ? -9.158  0.032   19.259  1.00 29.59 ? 167  GLU A OE2 1 
ATOM   1320 N N   . LYS A 1 168 ? -2.927  0.531   20.035  1.00 25.67 ? 168  LYS A N   1 
ATOM   1321 C CA  . LYS A 1 168 ? -1.576  0.428   20.597  1.00 26.62 ? 168  LYS A CA  1 
ATOM   1322 C C   . LYS A 1 168 ? -0.902  1.798   20.573  1.00 26.83 ? 168  LYS A C   1 
ATOM   1323 O O   . LYS A 1 168 ? -1.209  2.622   19.710  1.00 26.60 ? 168  LYS A O   1 
ATOM   1324 C CB  . LYS A 1 168 ? -0.748  -0.582  19.799  1.00 26.76 ? 168  LYS A CB  1 
ATOM   1325 C CG  . LYS A 1 168 ? -1.059  -2.046  20.124  1.00 27.77 ? 168  LYS A CG  1 
ATOM   1326 C CD  . LYS A 1 168 ? -0.118  -3.015  19.384  1.00 28.63 ? 168  LYS A CD  1 
ATOM   1327 C CE  . LYS A 1 168 ? 1.360   -2.779  19.749  1.00 30.09 ? 168  LYS A CE  1 
ATOM   1328 N NZ  . LYS A 1 168 ? 2.299   -3.843  19.260  1.00 31.72 ? 168  LYS A NZ  1 
ATOM   1329 N N   . LYS A 1 169 ? 0.025   2.031   21.506  1.00 27.36 ? 169  LYS A N   1 
ATOM   1330 C CA  . LYS A 1 169 ? 0.788   3.286   21.582  1.00 27.45 ? 169  LYS A CA  1 
ATOM   1331 C C   . LYS A 1 169 ? 1.809   3.477   20.448  1.00 27.99 ? 169  LYS A C   1 
ATOM   1332 O O   . LYS A 1 169 ? 2.402   2.512   19.939  1.00 27.68 ? 169  LYS A O   1 
ATOM   1333 C CB  . LYS A 1 169 ? 1.486   3.391   22.945  1.00 27.73 ? 169  LYS A CB  1 
HETATM 1334 P P1  . POP B 2 .   ? -0.080  -14.321 0.088   0.50 10.92 ? 1170 POP A P1  1 
HETATM 1335 O O1  . POP B 2 .   ? 1.171   -14.935 -0.509  0.50 10.62 ? 1170 POP A O1  1 
HETATM 1336 O O2  . POP B 2 .   ? -1.010  -15.478 0.411   0.50 10.03 ? 1170 POP A O2  1 
HETATM 1337 O O3  . POP B 2 .   ? 0.222   -13.612 1.398   0.50 11.55 ? 1170 POP A O3  1 
HETATM 1338 O O   . POP B 2 .   ? -0.652  -13.308 -1.036  0.50 10.04 ? 1170 POP A O   1 
HETATM 1339 P P2  . POP B 2 .   ? 0.344   -12.050 -1.178  0.50 12.12 ? 1170 POP A P2  1 
HETATM 1340 O O4  . POP B 2 .   ? 0.387   -11.470 -2.547  0.50 5.14  ? 1170 POP A O4  1 
HETATM 1341 O O5  . POP B 2 .   ? -0.044  -11.045 -0.081  0.50 8.86  ? 1170 POP A O5  1 
HETATM 1342 O O6  . POP B 2 .   ? 1.701   -12.621 -0.855  0.50 12.69 ? 1170 POP A O6  1 
HETATM 1343 O O   . HOH C 3 .   ? 18.610  -0.206  10.457  1.00 18.13 ? 2001 HOH A O   1 
HETATM 1344 O O   . HOH C 3 .   ? 13.965  -6.258  9.911   1.00 9.55  ? 2002 HOH A O   1 
HETATM 1345 O O   . HOH C 3 .   ? 13.372  -4.313  13.126  1.00 7.89  ? 2003 HOH A O   1 
HETATM 1346 O O   . HOH C 3 .   ? 17.482  -6.475  11.771  1.00 37.09 ? 2004 HOH A O   1 
HETATM 1347 O O   . HOH C 3 .   ? 12.505  3.475   12.685  1.00 9.86  ? 2005 HOH A O   1 
HETATM 1348 O O   . HOH C 3 .   ? 7.448   21.568  -9.337  1.00 21.09 ? 2006 HOH A O   1 
HETATM 1349 O O   . HOH C 3 .   ? 10.533  5.927   -8.222  1.00 26.99 ? 2007 HOH A O   1 
HETATM 1350 O O   . HOH C 3 .   ? 18.333  4.116   8.418   1.00 30.52 ? 2008 HOH A O   1 
HETATM 1351 O O   . HOH C 3 .   ? 16.710  5.746   2.260   1.00 24.83 ? 2009 HOH A O   1 
HETATM 1352 O O   . HOH C 3 .   ? 3.155   13.585  -13.502 1.00 22.24 ? 2010 HOH A O   1 
HETATM 1353 O O   . HOH C 3 .   ? 7.665   19.294  -7.801  1.00 23.75 ? 2011 HOH A O   1 
HETATM 1354 O O   . HOH C 3 .   ? 15.218  4.329   0.411   1.00 16.19 ? 2012 HOH A O   1 
HETATM 1355 O O   . HOH C 3 .   ? 6.927   5.103   -5.580  1.00 10.59 ? 2013 HOH A O   1 
HETATM 1356 O O   . HOH C 3 .   ? 9.608   5.189   -5.720  1.00 18.25 ? 2014 HOH A O   1 
HETATM 1357 O O   . HOH C 3 .   ? 3.123   13.296  -1.003  1.00 25.74 ? 2015 HOH A O   1 
HETATM 1358 O O   . HOH C 3 .   ? 4.097   16.231  -3.534  1.00 24.89 ? 2016 HOH A O   1 
HETATM 1359 O O   . HOH C 3 .   ? 1.320   13.029  -11.455 1.00 20.01 ? 2017 HOH A O   1 
HETATM 1360 O O   . HOH C 3 .   ? 5.410   17.914  -8.259  1.00 26.43 ? 2018 HOH A O   1 
HETATM 1361 O O   . HOH C 3 .   ? 10.826  13.126  -10.177 1.00 29.03 ? 2019 HOH A O   1 
HETATM 1362 O O   . HOH C 3 .   ? -16.963 -3.942  -7.539  1.00 26.42 ? 2020 HOH A O   1 
HETATM 1363 O O   . HOH C 3 .   ? 12.759  8.007   -4.072  1.00 28.64 ? 2021 HOH A O   1 
HETATM 1364 O O   . HOH C 3 .   ? -11.085 -9.071  -4.982  1.00 23.07 ? 2022 HOH A O   1 
HETATM 1365 O O   . HOH C 3 .   ? 14.047  7.784   4.454   1.00 18.84 ? 2023 HOH A O   1 
HETATM 1366 O O   . HOH C 3 .   ? 9.412   12.752  5.231   1.00 9.95  ? 2024 HOH A O   1 
HETATM 1367 O O   . HOH C 3 .   ? -17.016 8.008   3.125   1.00 21.13 ? 2025 HOH A O   1 
HETATM 1368 O O   . HOH C 3 .   ? -17.027 9.173   7.489   1.00 21.00 ? 2026 HOH A O   1 
HETATM 1369 O O   . HOH C 3 .   ? 7.264   12.292  11.056  1.00 20.56 ? 2027 HOH A O   1 
HETATM 1370 O O   . HOH C 3 .   ? -17.146 -6.164  5.744   1.00 23.64 ? 2028 HOH A O   1 
HETATM 1371 O O   . HOH C 3 .   ? 3.367   11.097  0.810   1.00 19.42 ? 2029 HOH A O   1 
HETATM 1372 O O   . HOH C 3 .   ? -3.560  10.454  4.989   1.00 27.45 ? 2030 HOH A O   1 
HETATM 1373 O O   . HOH C 3 .   ? 14.067  5.736   12.704  1.00 18.20 ? 2031 HOH A O   1 
HETATM 1374 O O   . HOH C 3 .   ? 7.905   0.526   -13.109 1.00 40.45 ? 2032 HOH A O   1 
HETATM 1375 O O   . HOH C 3 .   ? 2.939   -5.610  -19.451 1.00 26.67 ? 2033 HOH A O   1 
HETATM 1376 O O   . HOH C 3 .   ? 11.369  -8.325  -13.271 1.00 30.67 ? 2034 HOH A O   1 
HETATM 1377 O O   . HOH C 3 .   ? 3.859   3.191   10.697  1.00 13.95 ? 2035 HOH A O   1 
HETATM 1378 O O   . HOH C 3 .   ? 3.177   8.694   -21.208 1.00 17.78 ? 2036 HOH A O   1 
HETATM 1379 O O   . HOH C 3 .   ? 9.339   7.046   -10.362 1.00 21.67 ? 2037 HOH A O   1 
HETATM 1380 O O   . HOH C 3 .   ? -6.674  -7.268  -9.799  1.00 15.29 ? 2038 HOH A O   1 
HETATM 1381 O O   . HOH C 3 .   ? -13.123 -2.519  -11.157 1.00 11.40 ? 2039 HOH A O   1 
HETATM 1382 O O   . HOH C 3 .   ? -11.019 -8.208  -14.749 1.00 31.23 ? 2040 HOH A O   1 
HETATM 1383 O O   . HOH C 3 .   ? -8.853  -8.001  -13.782 1.00 29.54 ? 2041 HOH A O   1 
HETATM 1384 O O   . HOH C 3 .   ? -15.420 -6.296  -11.330 1.00 24.67 ? 2042 HOH A O   1 
HETATM 1385 O O   . HOH C 3 .   ? -14.339 -4.382  -7.867  1.00 15.83 ? 2043 HOH A O   1 
HETATM 1386 O O   . HOH C 3 .   ? 10.480  0.166   -11.369 1.00 20.63 ? 2044 HOH A O   1 
HETATM 1387 O O   . HOH C 3 .   ? -17.721 -2.770  -9.764  1.00 39.53 ? 2045 HOH A O   1 
HETATM 1388 O O   . HOH C 3 .   ? 11.300  3.507   -9.057  1.00 27.18 ? 2046 HOH A O   1 
HETATM 1389 O O   . HOH C 3 .   ? -12.067 -8.671  -2.188  1.00 21.69 ? 2047 HOH A O   1 
HETATM 1390 O O   . HOH C 3 .   ? 11.191  -11.304 10.774  1.00 25.14 ? 2048 HOH A O   1 
HETATM 1391 O O   . HOH C 3 .   ? -4.353  2.274   -9.476  1.00 8.64  ? 2049 HOH A O   1 
HETATM 1392 O O   . HOH C 3 .   ? -17.547 -1.679  -5.506  1.00 27.64 ? 2050 HOH A O   1 
HETATM 1393 O O   . HOH C 3 .   ? -15.535 5.322   -1.033  1.00 9.96  ? 2051 HOH A O   1 
HETATM 1394 O O   . HOH C 3 .   ? -16.328 -6.873  1.799   1.00 21.44 ? 2052 HOH A O   1 
HETATM 1395 O O   . HOH C 3 .   ? -17.761 -2.819  -1.139  1.00 25.61 ? 2053 HOH A O   1 
HETATM 1396 O O   . HOH C 3 .   ? -14.647 9.905   0.633   1.00 19.58 ? 2054 HOH A O   1 
HETATM 1397 O O   . HOH C 3 .   ? -16.367 7.302   5.715   1.00 14.59 ? 2055 HOH A O   1 
HETATM 1398 O O   . HOH C 3 .   ? -15.752 7.365   0.955   1.00 16.02 ? 2056 HOH A O   1 
HETATM 1399 O O   . HOH C 3 .   ? -5.242  6.897   5.279   1.00 15.23 ? 2057 HOH A O   1 
HETATM 1400 O O   . HOH C 3 .   ? -8.125  13.412  4.181   1.00 19.46 ? 2058 HOH A O   1 
HETATM 1401 O O   . HOH C 3 .   ? -11.629 11.669  2.729   1.00 13.23 ? 2059 HOH A O   1 
HETATM 1402 O O   . HOH C 3 .   ? -11.978 12.365  7.363   1.00 20.26 ? 2060 HOH A O   1 
HETATM 1403 O O   . HOH C 3 .   ? -17.745 -3.384  6.739   1.00 18.19 ? 2061 HOH A O   1 
HETATM 1404 O O   . HOH C 3 .   ? -4.205  11.400  12.405  1.00 18.63 ? 2062 HOH A O   1 
HETATM 1405 O O   . HOH C 3 .   ? -11.043 10.433  10.328  1.00 12.82 ? 2063 HOH A O   1 
HETATM 1406 O O   . HOH C 3 .   ? 0.442   11.780  7.209   1.00 25.71 ? 2064 HOH A O   1 
HETATM 1407 O O   . HOH C 3 .   ? -1.921  8.116   3.827   1.00 19.49 ? 2065 HOH A O   1 
HETATM 1408 O O   . HOH C 3 .   ? -0.477  -4.758  -12.765 1.00 6.75  ? 2066 HOH A O   1 
HETATM 1409 O O   . HOH C 3 .   ? 1.712   -1.955  -20.015 1.00 22.32 ? 2067 HOH A O   1 
HETATM 1410 O O   . HOH C 3 .   ? 2.317   -7.088  -16.603 1.00 20.44 ? 2068 HOH A O   1 
HETATM 1411 O O   . HOH C 3 .   ? 5.405   -1.959  -12.383 1.00 14.69 ? 2069 HOH A O   1 
HETATM 1412 O O   . HOH C 3 .   ? 3.425   -11.263 -12.237 1.00 24.56 ? 2070 HOH A O   1 
HETATM 1413 O O   . HOH C 3 .   ? 8.520   -7.314  -14.402 1.00 28.85 ? 2071 HOH A O   1 
HETATM 1414 O O   . HOH C 3 .   ? 1.062   -11.036 -15.450 1.00 18.75 ? 2072 HOH A O   1 
HETATM 1415 O O   . HOH C 3 .   ? -4.655  -8.410  -18.277 1.00 16.17 ? 2073 HOH A O   1 
HETATM 1416 O O   . HOH C 3 .   ? -1.167  -3.002  -20.568 1.00 19.13 ? 2074 HOH A O   1 
HETATM 1417 O O   . HOH C 3 .   ? -4.658  -3.440  -19.138 1.00 24.28 ? 2075 HOH A O   1 
HETATM 1418 O O   . HOH C 3 .   ? -7.129  -8.715  -12.518 1.00 22.29 ? 2076 HOH A O   1 
HETATM 1419 O O   . HOH C 3 .   ? -2.890  2.466   -15.416 1.00 9.92  ? 2077 HOH A O   1 
HETATM 1420 O O   . HOH C 3 .   ? 2.688   0.791   -20.068 1.00 17.45 ? 2078 HOH A O   1 
HETATM 1421 O O   . HOH C 3 .   ? -0.454  3.903   -21.212 1.00 13.16 ? 2079 HOH A O   1 
HETATM 1422 O O   . HOH C 3 .   ? 3.009   4.648   -19.293 1.00 17.28 ? 2080 HOH A O   1 
HETATM 1423 O O   . HOH C 3 .   ? 1.709   6.445   -20.820 1.00 16.11 ? 2081 HOH A O   1 
HETATM 1424 O O   . HOH C 3 .   ? 7.422   5.444   -11.863 1.00 17.94 ? 2082 HOH A O   1 
HETATM 1425 O O   . HOH C 3 .   ? 2.927   11.454  -15.574 1.00 14.01 ? 2083 HOH A O   1 
HETATM 1426 O O   . HOH C 3 .   ? -3.099  14.310  -13.076 1.00 16.76 ? 2084 HOH A O   1 
HETATM 1427 O O   . HOH C 3 .   ? -2.881  11.659  -21.493 1.00 26.88 ? 2085 HOH A O   1 
HETATM 1428 O O   . HOH C 3 .   ? -0.554  7.568   -19.694 1.00 16.67 ? 2086 HOH A O   1 
HETATM 1429 O O   . HOH C 3 .   ? -2.999  11.815  -5.443  1.00 22.38 ? 2087 HOH A O   1 
HETATM 1430 O O   . HOH C 3 .   ? -14.707 6.081   -3.507  1.00 15.57 ? 2088 HOH A O   1 
HETATM 1431 O O   . HOH C 3 .   ? -13.383 11.666  -1.532  1.00 14.01 ? 2089 HOH A O   1 
HETATM 1432 O O   . HOH C 3 .   ? -5.525  11.322  -5.398  1.00 41.37 ? 2090 HOH A O   1 
HETATM 1433 O O   . HOH C 3 .   ? -8.248  15.388  1.951   1.00 12.76 ? 2091 HOH A O   1 
HETATM 1434 O O   . HOH C 3 .   ? -3.416  11.930  2.479   1.00 18.08 ? 2092 HOH A O   1 
HETATM 1435 O O   . HOH C 3 .   ? -0.426  11.620  4.782   1.00 21.23 ? 2093 HOH A O   1 
HETATM 1436 O O   . HOH C 3 .   ? 7.615   9.916   -10.852 1.00 26.50 ? 2094 HOH A O   1 
HETATM 1437 O O   . HOH C 3 .   ? 5.613   -10.626 -10.732 1.00 14.82 ? 2095 HOH A O   1 
HETATM 1438 O O   . HOH C 3 .   ? 11.843  -8.591  -4.923  1.00 11.35 ? 2096 HOH A O   1 
HETATM 1439 O O   . HOH C 3 .   ? 10.295  -11.436 -6.296  1.00 18.17 ? 2097 HOH A O   1 
HETATM 1440 O O   . HOH C 3 .   ? 12.076  -6.565  -10.808 1.00 10.23 ? 2098 HOH A O   1 
HETATM 1441 O O   . HOH C 3 .   ? 10.777  -0.723  -8.675  1.00 9.58  ? 2099 HOH A O   1 
HETATM 1442 O O   . HOH C 3 .   ? 11.437  1.548   -7.292  1.00 9.66  ? 2100 HOH A O   1 
HETATM 1443 O O   . HOH C 3 .   ? 12.126  4.139   -4.364  1.00 17.39 ? 2101 HOH A O   1 
HETATM 1444 O O   . HOH C 3 .   ? 12.656  2.680   -1.283  1.00 10.95 ? 2102 HOH A O   1 
HETATM 1445 O O   . HOH C 3 .   ? 14.569  0.694   -4.337  1.00 14.89 ? 2103 HOH A O   1 
HETATM 1446 O O   . HOH C 3 .   ? 15.770  -2.718  -5.133  1.00 17.47 ? 2104 HOH A O   1 
HETATM 1447 O O   . HOH C 3 .   ? 1.113   -4.518  -1.024  1.00 9.91  ? 2105 HOH A O   1 
HETATM 1448 O O   . HOH C 3 .   ? 12.464  -9.733  0.067   1.00 16.35 ? 2106 HOH A O   1 
HETATM 1449 O O   . HOH C 3 .   ? 16.279  -9.458  -4.808  1.00 34.81 ? 2107 HOH A O   1 
HETATM 1450 O O   . HOH C 3 .   ? 9.461   -12.247 -3.421  1.00 22.09 ? 2108 HOH A O   1 
HETATM 1451 O O   . HOH C 3 .   ? 14.425  -7.267  6.977   1.00 25.60 ? 2109 HOH A O   1 
HETATM 1452 O O   . HOH C 3 .   ? 8.752   -10.000 10.807  1.00 20.96 ? 2110 HOH A O   1 
HETATM 1453 O O   . HOH C 3 .   ? 6.987   -7.311  13.166  1.00 21.78 ? 2111 HOH A O   1 
HETATM 1454 O O   . HOH C 3 .   ? 1.122   -12.365 7.859   1.00 24.56 ? 2112 HOH A O   1 
HETATM 1455 O O   . HOH C 3 .   ? 7.236   -14.196 7.788   1.00 20.46 ? 2113 HOH A O   1 
HETATM 1456 O O   . HOH C 3 .   ? 3.158   -13.465 6.671   1.00 18.73 ? 2114 HOH A O   1 
HETATM 1457 O O   . HOH C 3 .   ? 10.124  -16.966 -2.630  1.00 25.51 ? 2115 HOH A O   1 
HETATM 1458 O O   . HOH C 3 .   ? 5.058   -16.834 -7.292  1.00 21.84 ? 2116 HOH A O   1 
HETATM 1459 O O   . HOH C 3 .   ? 3.483   -13.315 -8.685  1.00 14.57 ? 2117 HOH A O   1 
HETATM 1460 O O   . HOH C 3 .   ? -6.822  -8.113  -7.151  1.00 9.35  ? 2118 HOH A O   1 
HETATM 1461 O O   . HOH C 3 .   ? -0.727  -3.977  -8.441  1.00 7.41  ? 2119 HOH A O   1 
HETATM 1462 O O   . HOH C 3 .   ? 5.967   -2.335  17.483  1.00 15.95 ? 2120 HOH A O   1 
HETATM 1463 O O   . HOH C 3 .   ? 6.068   -5.575  15.647  1.00 19.67 ? 2121 HOH A O   1 
HETATM 1464 O O   . HOH C 3 .   ? -2.136  8.734   15.269  1.00 22.19 ? 2122 HOH A O   1 
HETATM 1465 O O   . HOH C 3 .   ? 0.675   0.013   16.389  1.00 11.90 ? 2123 HOH A O   1 
HETATM 1466 O O   . HOH C 3 .   ? -3.527  -12.670 6.282   1.00 20.64 ? 2124 HOH A O   1 
HETATM 1467 O O   . HOH C 3 .   ? -7.231  -15.372 0.417   1.00 12.10 ? 2125 HOH A O   1 
HETATM 1468 O O   . HOH C 3 .   ? -4.290  -13.582 3.435   1.00 15.84 ? 2126 HOH A O   1 
HETATM 1469 O O   . HOH C 3 .   ? -8.577  -7.927  -5.054  1.00 13.50 ? 2127 HOH A O   1 
HETATM 1470 O O   . HOH C 3 .   ? -5.675  -13.697 -3.614  1.00 10.29 ? 2128 HOH A O   1 
HETATM 1471 O O   . HOH C 3 .   ? -14.941 -5.632  8.929   1.00 20.78 ? 2129 HOH A O   1 
HETATM 1472 O O   . HOH C 3 .   ? -8.979  -7.784  10.614  1.00 14.83 ? 2130 HOH A O   1 
HETATM 1473 O O   . HOH C 3 .   ? -12.299 -10.671 1.714   1.00 23.05 ? 2131 HOH A O   1 
HETATM 1474 O O   . HOH C 3 .   ? -15.708 -2.765  8.547   1.00 14.75 ? 2132 HOH A O   1 
HETATM 1475 O O   . HOH C 3 .   ? -13.691 1.339   13.167  1.00 8.25  ? 2133 HOH A O   1 
HETATM 1476 O O   . HOH C 3 .   ? -12.228 -6.801  10.020  1.00 15.99 ? 2134 HOH A O   1 
HETATM 1477 O O   . HOH C 3 .   ? -7.508  -7.949  15.136  1.00 25.10 ? 2135 HOH A O   1 
HETATM 1478 O O   . HOH C 3 .   ? -5.577  -3.109  20.876  1.00 27.74 ? 2136 HOH A O   1 
HETATM 1479 O O   . HOH C 3 .   ? -3.295  -6.454  14.320  1.00 26.83 ? 2137 HOH A O   1 
HETATM 1480 O O   . HOH C 3 .   ? -10.657 -1.993  19.233  1.00 30.01 ? 2138 HOH A O   1 
HETATM 1481 O O   . HOH C 3 .   ? 2.568   -4.343  16.794  1.00 17.66 ? 2139 HOH A O   1 
HETATM 1482 O O   . HOH C 3 .   ? 1.167   -14.727 3.536   1.00 27.77 ? 2140 HOH A O   1 
# 
loop_
_pdbx_poly_seq_scheme.asym_id 
_pdbx_poly_seq_scheme.entity_id 
_pdbx_poly_seq_scheme.seq_id 
_pdbx_poly_seq_scheme.mon_id 
_pdbx_poly_seq_scheme.ndb_seq_num 
_pdbx_poly_seq_scheme.pdb_seq_num 
_pdbx_poly_seq_scheme.auth_seq_num 
_pdbx_poly_seq_scheme.pdb_mon_id 
_pdbx_poly_seq_scheme.auth_mon_id 
_pdbx_poly_seq_scheme.pdb_strand_id 
_pdbx_poly_seq_scheme.pdb_ins_code 
_pdbx_poly_seq_scheme.hetero 
A 1 1   MET 1   1   ?   ?   ?   A . n 
A 1 2   SER 2   2   ?   ?   ?   A . n 
A 1 3   SER 3   3   ?   ?   ?   A . n 
A 1 4   SER 4   4   ?   ?   ?   A . n 
A 1 5   HIS 5   5   ?   ?   ?   A . n 
A 1 6   LYS 6   6   ?   ?   ?   A . n 
A 1 7   SER 7   7   7   SER SER A . n 
A 1 8   TRP 8   8   8   TRP TRP A . n 
A 1 9   ASN 9   9   9   ASN ASN A . n 
A 1 10  SER 10  10  10  SER SER A . n 
A 1 11  ILE 11  11  11  ILE ILE A . n 
A 1 12  TYR 12  12  12  TYR TYR A . n 
A 1 13  GLU 13  13  13  GLU GLU A . n 
A 1 14  PHE 14  14  14  PHE PHE A . n 
A 1 15  THR 15  15  15  THR THR A . n 
A 1 16  VAL 16  16  16  VAL VAL A . n 
A 1 17  LYS 17  17  17  LYS LYS A . n 
A 1 18  ASP 18  18  18  ASP ASP A . n 
A 1 19  ILE 19  19  19  ILE ILE A . n 
A 1 20  ASN 20  20  20  ASN ASN A . n 
A 1 21  GLY 21  21  21  GLY GLY A . n 
A 1 22  VAL 22  22  22  VAL VAL A . n 
A 1 23  ASP 23  23  23  ASP ASP A . n 
A 1 24  VAL 24  24  24  VAL VAL A . n 
A 1 25  SER 25  25  25  SER SER A . n 
A 1 26  LEU 26  26  26  LEU LEU A . n 
A 1 27  GLU 27  27  27  GLU GLU A . n 
A 1 28  LYS 28  28  28  LYS LYS A . n 
A 1 29  TYR 29  29  29  TYR TYR A . n 
A 1 30  ARG 30  30  30  ARG ARG A . n 
A 1 31  GLY 31  31  31  GLY GLY A . n 
A 1 32  HIS 32  32  32  HIS HIS A . n 
A 1 33  VAL 33  33  33  VAL VAL A . n 
A 1 34  CYS 34  34  34  CYS CYS A . n 
A 1 35  LEU 35  35  35  LEU LEU A . n 
A 1 36  ILE 36  36  36  ILE ILE A . n 
A 1 37  VAL 37  37  37  VAL VAL A . n 
A 1 38  ASN 38  38  38  ASN ASN A . n 
A 1 39  VAL 39  39  39  VAL VAL A . n 
A 1 40  ALA 40  40  40  ALA ALA A . n 
A 1 41  CYS 41  41  41  CYS CYS A . n 
A 1 42  LYS 42  42  42  LYS LYS A . n 
A 1 43  SER 43  43  43  SER SER A . n 
A 1 44  GLY 44  44  44  GLY GLY A . n 
A 1 45  ALA 45  45  45  ALA ALA A . n 
A 1 46  THR 46  46  46  THR THR A . n 
A 1 47  ASP 47  47  47  ASP ASP A . n 
A 1 48  LYS 48  48  48  LYS LYS A . n 
A 1 49  ASN 49  49  49  ASN ASN A . n 
A 1 50  TYR 50  50  50  TYR TYR A . n 
A 1 51  ARG 51  51  51  ARG ARG A . n 
A 1 52  GLN 52  52  52  GLN GLN A . n 
A 1 53  LEU 53  53  53  LEU LEU A . n 
A 1 54  GLN 54  54  54  GLN GLN A . n 
A 1 55  GLU 55  55  55  GLU GLU A . n 
A 1 56  MET 56  56  56  MET MET A . n 
A 1 57  HIS 57  57  57  HIS HIS A . n 
A 1 58  THR 58  58  58  THR THR A . n 
A 1 59  ARG 59  59  59  ARG ARG A . n 
A 1 60  LEU 60  60  60  LEU LEU A . n 
A 1 61  VAL 61  61  61  VAL VAL A . n 
A 1 62  GLY 62  62  62  GLY GLY A . n 
A 1 63  LYS 63  63  63  LYS LYS A . n 
A 1 64  GLY 64  64  64  GLY GLY A . n 
A 1 65  LEU 65  65  65  LEU LEU A . n 
A 1 66  ARG 66  66  66  ARG ARG A . n 
A 1 67  ILE 67  67  67  ILE ILE A . n 
A 1 68  LEU 68  68  68  LEU LEU A . n 
A 1 69  ALA 69  69  69  ALA ALA A . n 
A 1 70  PHE 70  70  70  PHE PHE A . n 
A 1 71  PRO 71  71  71  PRO PRO A . n 
A 1 72  CYS 72  72  72  CYS CYS A . n 
A 1 73  ASN 73  73  73  ASN ASN A . n 
A 1 74  GLN 74  74  74  GLN GLN A . n 
A 1 75  PHE 75  75  75  PHE PHE A . n 
A 1 76  GLY 76  76  76  GLY GLY A . n 
A 1 77  GLY 77  77  77  GLY GLY A . n 
A 1 78  GLN 78  78  78  GLN GLN A . n 
A 1 79  GLU 79  79  79  GLU GLU A . n 
A 1 80  PRO 80  80  80  PRO PRO A . n 
A 1 81  TRP 81  81  81  TRP TRP A . n 
A 1 82  ALA 82  82  82  ALA ALA A . n 
A 1 83  GLU 83  83  83  GLU GLU A . n 
A 1 84  ALA 84  84  84  ALA ALA A . n 
A 1 85  GLU 85  85  85  GLU GLU A . n 
A 1 86  ILE 86  86  86  ILE ILE A . n 
A 1 87  LYS 87  87  87  LYS LYS A . n 
A 1 88  LYS 88  88  88  LYS LYS A . n 
A 1 89  PHE 89  89  89  PHE PHE A . n 
A 1 90  VAL 90  90  90  VAL VAL A . n 
A 1 91  THR 91  91  91  THR THR A . n 
A 1 92  GLU 92  92  92  GLU GLU A . n 
A 1 93  LYS 93  93  93  LYS LYS A . n 
A 1 94  TYR 94  94  94  TYR TYR A . n 
A 1 95  GLY 95  95  95  GLY GLY A . n 
A 1 96  VAL 96  96  96  VAL VAL A . n 
A 1 97  GLN 97  97  97  GLN GLN A . n 
A 1 98  PHE 98  98  98  PHE PHE A . n 
A 1 99  ASP 99  99  99  ASP ASP A . n 
A 1 100 MET 100 100 100 MET MET A . n 
A 1 101 PHE 101 101 101 PHE PHE A . n 
A 1 102 SER 102 102 102 SER SER A . n 
A 1 103 LYS 103 103 103 LYS LYS A . n 
A 1 104 ILE 104 104 104 ILE ILE A . n 
A 1 105 LYS 105 105 105 LYS LYS A . n 
A 1 106 VAL 106 106 106 VAL VAL A . n 
A 1 107 ASN 107 107 107 ASN ASN A . n 
A 1 108 GLY 108 108 108 GLY GLY A . n 
A 1 109 SER 109 109 109 SER SER A . n 
A 1 110 ASP 110 110 110 ASP ASP A . n 
A 1 111 ALA 111 111 111 ALA ALA A . n 
A 1 112 ASP 112 112 112 ASP ASP A . n 
A 1 113 ASP 113 113 113 ASP ASP A . n 
A 1 114 LEU 114 114 114 LEU LEU A . n 
A 1 115 TYR 115 115 115 TYR TYR A . n 
A 1 116 LYS 116 116 116 LYS LYS A . n 
A 1 117 PHE 117 117 117 PHE PHE A . n 
A 1 118 LEU 118 118 118 LEU LEU A . n 
A 1 119 LYS 119 119 119 LYS LYS A . n 
A 1 120 SER 120 120 120 SER SER A . n 
A 1 121 ARG 121 121 121 ARG ARG A . n 
A 1 122 GLN 122 122 122 GLN GLN A . n 
A 1 123 HIS 123 123 123 HIS HIS A . n 
A 1 124 GLY 124 124 124 GLY GLY A . n 
A 1 125 THR 125 125 125 THR THR A . n 
A 1 126 LEU 126 126 126 LEU LEU A . n 
A 1 127 THR 127 127 127 THR THR A . n 
A 1 128 ASN 128 128 128 ASN ASN A . n 
A 1 129 ASN 129 129 129 ASN ASN A . n 
A 1 130 ILE 130 130 130 ILE ILE A . n 
A 1 131 LYS 131 131 131 LYS LYS A . n 
A 1 132 TRP 132 132 132 TRP TRP A . n 
A 1 133 ASN 133 133 133 ASN ASN A . n 
A 1 134 PHE 134 134 134 PHE PHE A . n 
A 1 135 SER 135 135 135 SER SER A . n 
A 1 136 LYS 136 136 136 LYS LYS A . n 
A 1 137 PHE 137 137 137 PHE PHE A . n 
A 1 138 LEU 138 138 138 LEU LEU A . n 
A 1 139 VAL 139 139 139 VAL VAL A . n 
A 1 140 ASP 140 140 140 ASP ASP A . n 
A 1 141 ARG 141 141 141 ARG ARG A . n 
A 1 142 GLN 142 142 142 GLN GLN A . n 
A 1 143 GLY 143 143 143 GLY GLY A . n 
A 1 144 GLN 144 144 144 GLN GLN A . n 
A 1 145 PRO 145 145 145 PRO PRO A . n 
A 1 146 VAL 146 146 146 VAL VAL A . n 
A 1 147 LYS 147 147 147 LYS LYS A . n 
A 1 148 ARG 148 148 148 ARG ARG A . n 
A 1 149 TYR 149 149 149 TYR TYR A . n 
A 1 150 SER 150 150 150 SER SER A . n 
A 1 151 PRO 151 151 151 PRO PRO A . n 
A 1 152 THR 152 152 152 THR THR A . n 
A 1 153 THR 153 153 153 THR THR A . n 
A 1 154 ALA 154 154 154 ALA ALA A . n 
A 1 155 PRO 155 155 155 PRO PRO A . n 
A 1 156 TYR 156 156 156 TYR TYR A . n 
A 1 157 ASP 157 157 157 ASP ASP A . n 
A 1 158 ILE 158 158 158 ILE ILE A . n 
A 1 159 GLU 159 159 159 GLU GLU A . n 
A 1 160 GLY 160 160 160 GLY GLY A . n 
A 1 161 ASP 161 161 161 ASP ASP A . n 
A 1 162 ILE 162 162 162 ILE ILE A . n 
A 1 163 MET 163 163 163 MET MET A . n 
A 1 164 GLU 164 164 164 GLU GLU A . n 
A 1 165 LEU 165 165 165 LEU LEU A . n 
A 1 166 LEU 166 166 166 LEU LEU A . n 
A 1 167 GLU 167 167 167 GLU GLU A . n 
A 1 168 LYS 168 168 168 LYS LYS A . n 
A 1 169 LYS 169 169 169 LYS LYS A . n 
# 
loop_
_pdbx_nonpoly_scheme.asym_id 
_pdbx_nonpoly_scheme.entity_id 
_pdbx_nonpoly_scheme.mon_id 
_pdbx_nonpoly_scheme.ndb_seq_num 
_pdbx_nonpoly_scheme.pdb_seq_num 
_pdbx_nonpoly_scheme.auth_seq_num 
_pdbx_nonpoly_scheme.pdb_mon_id 
_pdbx_nonpoly_scheme.auth_mon_id 
_pdbx_nonpoly_scheme.pdb_strand_id 
_pdbx_nonpoly_scheme.pdb_ins_code 
B 2 POP 1   1170 1170 POP POP A . 
C 3 HOH 1   2001 2001 HOH HOH A . 
C 3 HOH 2   2002 2002 HOH HOH A . 
C 3 HOH 3   2003 2003 HOH HOH A . 
C 3 HOH 4   2004 2004 HOH HOH A . 
C 3 HOH 5   2005 2005 HOH HOH A . 
C 3 HOH 6   2006 2006 HOH HOH A . 
C 3 HOH 7   2007 2007 HOH HOH A . 
C 3 HOH 8   2008 2008 HOH HOH A . 
C 3 HOH 9   2009 2009 HOH HOH A . 
C 3 HOH 10  2010 2010 HOH HOH A . 
C 3 HOH 11  2011 2011 HOH HOH A . 
C 3 HOH 12  2012 2012 HOH HOH A . 
C 3 HOH 13  2013 2013 HOH HOH A . 
C 3 HOH 14  2014 2014 HOH HOH A . 
C 3 HOH 15  2015 2015 HOH HOH A . 
C 3 HOH 16  2016 2016 HOH HOH A . 
C 3 HOH 17  2017 2017 HOH HOH A . 
C 3 HOH 18  2018 2018 HOH HOH A . 
C 3 HOH 19  2019 2019 HOH HOH A . 
C 3 HOH 20  2020 2020 HOH HOH A . 
C 3 HOH 21  2021 2021 HOH HOH A . 
C 3 HOH 22  2022 2022 HOH HOH A . 
C 3 HOH 23  2023 2023 HOH HOH A . 
C 3 HOH 24  2024 2024 HOH HOH A . 
C 3 HOH 25  2025 2025 HOH HOH A . 
C 3 HOH 26  2026 2026 HOH HOH A . 
C 3 HOH 27  2027 2027 HOH HOH A . 
C 3 HOH 28  2028 2028 HOH HOH A . 
C 3 HOH 29  2029 2029 HOH HOH A . 
C 3 HOH 30  2030 2030 HOH HOH A . 
C 3 HOH 31  2031 2031 HOH HOH A . 
C 3 HOH 32  2032 2032 HOH HOH A . 
C 3 HOH 33  2033 2033 HOH HOH A . 
C 3 HOH 34  2034 2034 HOH HOH A . 
C 3 HOH 35  2035 2035 HOH HOH A . 
C 3 HOH 36  2036 2036 HOH HOH A . 
C 3 HOH 37  2037 2037 HOH HOH A . 
C 3 HOH 38  2038 2038 HOH HOH A . 
C 3 HOH 39  2039 2039 HOH HOH A . 
C 3 HOH 40  2040 2040 HOH HOH A . 
C 3 HOH 41  2041 2041 HOH HOH A . 
C 3 HOH 42  2042 2042 HOH HOH A . 
C 3 HOH 43  2043 2043 HOH HOH A . 
C 3 HOH 44  2044 2044 HOH HOH A . 
C 3 HOH 45  2045 2045 HOH HOH A . 
C 3 HOH 46  2046 2046 HOH HOH A . 
C 3 HOH 47  2047 2047 HOH HOH A . 
C 3 HOH 48  2048 2048 HOH HOH A . 
C 3 HOH 49  2049 2049 HOH HOH A . 
C 3 HOH 50  2050 2050 HOH HOH A . 
C 3 HOH 51  2051 2051 HOH HOH A . 
C 3 HOH 52  2052 2052 HOH HOH A . 
C 3 HOH 53  2053 2053 HOH HOH A . 
C 3 HOH 54  2054 2054 HOH HOH A . 
C 3 HOH 55  2055 2055 HOH HOH A . 
C 3 HOH 56  2056 2056 HOH HOH A . 
C 3 HOH 57  2057 2057 HOH HOH A . 
C 3 HOH 58  2058 2058 HOH HOH A . 
C 3 HOH 59  2059 2059 HOH HOH A . 
C 3 HOH 60  2060 2060 HOH HOH A . 
C 3 HOH 61  2061 2061 HOH HOH A . 
C 3 HOH 62  2062 2062 HOH HOH A . 
C 3 HOH 63  2063 2063 HOH HOH A . 
C 3 HOH 64  2064 2064 HOH HOH A . 
C 3 HOH 65  2065 2065 HOH HOH A . 
C 3 HOH 66  2066 2066 HOH HOH A . 
C 3 HOH 67  2067 2067 HOH HOH A . 
C 3 HOH 68  2068 2068 HOH HOH A . 
C 3 HOH 69  2069 2069 HOH HOH A . 
C 3 HOH 70  2070 2070 HOH HOH A . 
C 3 HOH 71  2071 2071 HOH HOH A . 
C 3 HOH 72  2072 2072 HOH HOH A . 
C 3 HOH 73  2073 2073 HOH HOH A . 
C 3 HOH 74  2074 2074 HOH HOH A . 
C 3 HOH 75  2075 2075 HOH HOH A . 
C 3 HOH 76  2076 2076 HOH HOH A . 
C 3 HOH 77  2077 2077 HOH HOH A . 
C 3 HOH 78  2078 2078 HOH HOH A . 
C 3 HOH 79  2079 2079 HOH HOH A . 
C 3 HOH 80  2080 2080 HOH HOH A . 
C 3 HOH 81  2081 2081 HOH HOH A . 
C 3 HOH 82  2082 2082 HOH HOH A . 
C 3 HOH 83  2083 2083 HOH HOH A . 
C 3 HOH 84  2084 2084 HOH HOH A . 
C 3 HOH 85  2085 2085 HOH HOH A . 
C 3 HOH 86  2086 2086 HOH HOH A . 
C 3 HOH 87  2087 2087 HOH HOH A . 
C 3 HOH 88  2088 2088 HOH HOH A . 
C 3 HOH 89  2089 2089 HOH HOH A . 
C 3 HOH 90  2090 2090 HOH HOH A . 
C 3 HOH 91  2091 2091 HOH HOH A . 
C 3 HOH 92  2092 2092 HOH HOH A . 
C 3 HOH 93  2093 2093 HOH HOH A . 
C 3 HOH 94  2094 2094 HOH HOH A . 
C 3 HOH 95  2095 2095 HOH HOH A . 
C 3 HOH 96  2096 2096 HOH HOH A . 
C 3 HOH 97  2097 2097 HOH HOH A . 
C 3 HOH 98  2098 2098 HOH HOH A . 
C 3 HOH 99  2099 2099 HOH HOH A . 
C 3 HOH 100 2100 2100 HOH HOH A . 
C 3 HOH 101 2101 2101 HOH HOH A . 
C 3 HOH 102 2102 2102 HOH HOH A . 
C 3 HOH 103 2103 2103 HOH HOH A . 
C 3 HOH 104 2104 2104 HOH HOH A . 
C 3 HOH 105 2105 2105 HOH HOH A . 
C 3 HOH 106 2106 2106 HOH HOH A . 
C 3 HOH 107 2107 2107 HOH HOH A . 
C 3 HOH 108 2108 2108 HOH HOH A . 
C 3 HOH 109 2109 2109 HOH HOH A . 
C 3 HOH 110 2110 2110 HOH HOH A . 
C 3 HOH 111 2111 2111 HOH HOH A . 
C 3 HOH 112 2112 2112 HOH HOH A . 
C 3 HOH 113 2113 2113 HOH HOH A . 
C 3 HOH 114 2114 2114 HOH HOH A . 
C 3 HOH 115 2115 2115 HOH HOH A . 
C 3 HOH 116 2116 2116 HOH HOH A . 
C 3 HOH 117 2117 2117 HOH HOH A . 
C 3 HOH 118 2118 2118 HOH HOH A . 
C 3 HOH 119 2119 2119 HOH HOH A . 
C 3 HOH 120 2120 2120 HOH HOH A . 
C 3 HOH 121 2121 2121 HOH HOH A . 
C 3 HOH 122 2122 2122 HOH HOH A . 
C 3 HOH 123 2123 2123 HOH HOH A . 
C 3 HOH 124 2124 2124 HOH HOH A . 
C 3 HOH 125 2125 2125 HOH HOH A . 
C 3 HOH 126 2126 2126 HOH HOH A . 
C 3 HOH 127 2127 2127 HOH HOH A . 
C 3 HOH 128 2128 2128 HOH HOH A . 
C 3 HOH 129 2129 2129 HOH HOH A . 
C 3 HOH 130 2130 2130 HOH HOH A . 
C 3 HOH 131 2131 2131 HOH HOH A . 
C 3 HOH 132 2132 2132 HOH HOH A . 
C 3 HOH 133 2133 2133 HOH HOH A . 
C 3 HOH 134 2134 2134 HOH HOH A . 
C 3 HOH 135 2135 2135 HOH HOH A . 
C 3 HOH 136 2136 2136 HOH HOH A . 
C 3 HOH 137 2137 2137 HOH HOH A . 
C 3 HOH 138 2138 2138 HOH HOH A . 
C 3 HOH 139 2139 2139 HOH HOH A . 
C 3 HOH 140 2140 2140 HOH HOH A . 
# 
_pdbx_struct_assembly.id                   1 
_pdbx_struct_assembly.details              author_and_software_defined_assembly 
_pdbx_struct_assembly.method_details       PISA 
_pdbx_struct_assembly.oligomeric_details   monomeric 
_pdbx_struct_assembly.oligomeric_count     1 
# 
_pdbx_struct_assembly_gen.assembly_id       1 
_pdbx_struct_assembly_gen.oper_expression   1 
_pdbx_struct_assembly_gen.asym_id_list      A,B,C 
# 
_pdbx_struct_oper_list.id                   1 
_pdbx_struct_oper_list.type                 'identity operation' 
_pdbx_struct_oper_list.name                 1_555 
_pdbx_struct_oper_list.symmetry_operation   x,y,z 
_pdbx_struct_oper_list.matrix[1][1]         1.0000000000 
_pdbx_struct_oper_list.matrix[1][2]         0.0000000000 
_pdbx_struct_oper_list.matrix[1][3]         0.0000000000 
_pdbx_struct_oper_list.vector[1]            0.0000000000 
_pdbx_struct_oper_list.matrix[2][1]         0.0000000000 
_pdbx_struct_oper_list.matrix[2][2]         1.0000000000 
_pdbx_struct_oper_list.matrix[2][3]         0.0000000000 
_pdbx_struct_oper_list.vector[2]            0.0000000000 
_pdbx_struct_oper_list.matrix[3][1]         0.0000000000 
_pdbx_struct_oper_list.matrix[3][2]         0.0000000000 
_pdbx_struct_oper_list.matrix[3][3]         1.0000000000 
_pdbx_struct_oper_list.vector[3]            0.0000000000 
# 
loop_
_pdbx_audit_revision_history.ordinal 
_pdbx_audit_revision_history.data_content_type 
_pdbx_audit_revision_history.major_revision 
_pdbx_audit_revision_history.minor_revision 
_pdbx_audit_revision_history.revision_date 
1 'Structure model' 1 0 2009-09-08 
2 'Structure model' 1 1 2014-01-29 
3 'Structure model' 1 2 2023-12-13 
# 
_pdbx_audit_revision_details.ordinal             1 
_pdbx_audit_revision_details.revision_ordinal    1 
_pdbx_audit_revision_details.data_content_type   'Structure model' 
_pdbx_audit_revision_details.provider            repository 
_pdbx_audit_revision_details.type                'Initial release' 
_pdbx_audit_revision_details.description         ? 
_pdbx_audit_revision_details.details             ? 
# 
loop_
_pdbx_audit_revision_group.ordinal 
_pdbx_audit_revision_group.revision_ordinal 
_pdbx_audit_revision_group.data_content_type 
_pdbx_audit_revision_group.group 
1 2 'Structure model' 'Database references'       
2 2 'Structure model' 'Structure summary'         
3 2 'Structure model' 'Version format compliance' 
4 3 'Structure model' 'Data collection'           
5 3 'Structure model' 'Database references'       
6 3 'Structure model' 'Derived calculations'      
7 3 'Structure model' Other                       
8 3 'Structure model' 'Refinement description'    
# 
loop_
_pdbx_audit_revision_category.ordinal 
_pdbx_audit_revision_category.revision_ordinal 
_pdbx_audit_revision_category.data_content_type 
_pdbx_audit_revision_category.category 
1 3 'Structure model' chem_comp_atom                
2 3 'Structure model' chem_comp_bond                
3 3 'Structure model' database_2                    
4 3 'Structure model' pdbx_database_status          
5 3 'Structure model' pdbx_initial_refinement_model 
6 3 'Structure model' struct_site                   
# 
loop_
_pdbx_audit_revision_item.ordinal 
_pdbx_audit_revision_item.revision_ordinal 
_pdbx_audit_revision_item.data_content_type 
_pdbx_audit_revision_item.item 
1 3 'Structure model' '_database_2.pdbx_DOI'                 
2 3 'Structure model' '_database_2.pdbx_database_accession'  
3 3 'Structure model' '_pdbx_database_status.status_code_sf' 
4 3 'Structure model' '_struct_site.pdbx_auth_asym_id'       
5 3 'Structure model' '_struct_site.pdbx_auth_comp_id'       
6 3 'Structure model' '_struct_site.pdbx_auth_seq_id'        
# 
loop_
_software.name 
_software.classification 
_software.version 
_software.citation_id 
_software.pdbx_ordinal 
REFMAC refinement       5.2.0019 ? 1 
MOSFLM 'data reduction' .        ? 2 
CCP4   'data scaling'   SUITE    ? 3 
MOLREP phasing          .        ? 4 
# 
_pdbx_entry_details.entry_id                 2WGR 
_pdbx_entry_details.compound_details         'ENGINEERED RESIDUE IN CHAIN A, SEC  43 TO SER' 
_pdbx_entry_details.source_details           ? 
_pdbx_entry_details.nonpolymer_details       ? 
_pdbx_entry_details.sequence_details         'U43S MUTATION IN U43S SMGPX' 
_pdbx_entry_details.has_ligand_of_interest   ? 
# 
_pdbx_validate_close_contact.id               1 
_pdbx_validate_close_contact.PDB_model_num    1 
_pdbx_validate_close_contact.auth_atom_id_1   NH2 
_pdbx_validate_close_contact.auth_asym_id_1   A 
_pdbx_validate_close_contact.auth_comp_id_1   ARG 
_pdbx_validate_close_contact.auth_seq_id_1    148 
_pdbx_validate_close_contact.PDB_ins_code_1   ? 
_pdbx_validate_close_contact.label_alt_id_1   ? 
_pdbx_validate_close_contact.auth_atom_id_2   O6 
_pdbx_validate_close_contact.auth_asym_id_2   A 
_pdbx_validate_close_contact.auth_comp_id_2   POP 
_pdbx_validate_close_contact.auth_seq_id_2    1170 
_pdbx_validate_close_contact.PDB_ins_code_2   ? 
_pdbx_validate_close_contact.label_alt_id_2   ? 
_pdbx_validate_close_contact.dist             2.07 
# 
_pdbx_validate_rmsd_bond.id                        1 
_pdbx_validate_rmsd_bond.PDB_model_num             1 
_pdbx_validate_rmsd_bond.auth_atom_id_1            CB 
_pdbx_validate_rmsd_bond.auth_asym_id_1            A 
_pdbx_validate_rmsd_bond.auth_comp_id_1            GLU 
_pdbx_validate_rmsd_bond.auth_seq_id_1             167 
_pdbx_validate_rmsd_bond.PDB_ins_code_1            ? 
_pdbx_validate_rmsd_bond.label_alt_id_1            ? 
_pdbx_validate_rmsd_bond.auth_atom_id_2            CG 
_pdbx_validate_rmsd_bond.auth_asym_id_2            A 
_pdbx_validate_rmsd_bond.auth_comp_id_2            GLU 
_pdbx_validate_rmsd_bond.auth_seq_id_2             167 
_pdbx_validate_rmsd_bond.PDB_ins_code_2            ? 
_pdbx_validate_rmsd_bond.label_alt_id_2            ? 
_pdbx_validate_rmsd_bond.bond_value                1.374 
_pdbx_validate_rmsd_bond.bond_target_value         1.517 
_pdbx_validate_rmsd_bond.bond_deviation            -0.143 
_pdbx_validate_rmsd_bond.bond_standard_deviation   0.019 
_pdbx_validate_rmsd_bond.linker_flag               N 
# 
_pdbx_validate_torsion.id              1 
_pdbx_validate_torsion.PDB_model_num   1 
_pdbx_validate_torsion.auth_comp_id    THR 
_pdbx_validate_torsion.auth_asym_id    A 
_pdbx_validate_torsion.auth_seq_id     127 
_pdbx_validate_torsion.PDB_ins_code    ? 
_pdbx_validate_torsion.label_alt_id    ? 
_pdbx_validate_torsion.phi             151.77 
_pdbx_validate_torsion.psi             154.78 
# 
_pdbx_distant_solvent_atoms.id                                1 
_pdbx_distant_solvent_atoms.PDB_model_num                     1 
_pdbx_distant_solvent_atoms.auth_atom_id                      O 
_pdbx_distant_solvent_atoms.label_alt_id                      ? 
_pdbx_distant_solvent_atoms.auth_asym_id                      A 
_pdbx_distant_solvent_atoms.auth_comp_id                      HOH 
_pdbx_distant_solvent_atoms.auth_seq_id                       2006 
_pdbx_distant_solvent_atoms.PDB_ins_code                      ? 
_pdbx_distant_solvent_atoms.neighbor_macromolecule_distance   6.78 
_pdbx_distant_solvent_atoms.neighbor_ligand_distance          . 
# 
loop_
_pdbx_unobs_or_zero_occ_atoms.id 
_pdbx_unobs_or_zero_occ_atoms.PDB_model_num 
_pdbx_unobs_or_zero_occ_atoms.polymer_flag 
_pdbx_unobs_or_zero_occ_atoms.occupancy_flag 
_pdbx_unobs_or_zero_occ_atoms.auth_asym_id 
_pdbx_unobs_or_zero_occ_atoms.auth_comp_id 
_pdbx_unobs_or_zero_occ_atoms.auth_seq_id 
_pdbx_unobs_or_zero_occ_atoms.PDB_ins_code 
_pdbx_unobs_or_zero_occ_atoms.auth_atom_id 
_pdbx_unobs_or_zero_occ_atoms.label_alt_id 
_pdbx_unobs_or_zero_occ_atoms.label_asym_id 
_pdbx_unobs_or_zero_occ_atoms.label_comp_id 
_pdbx_unobs_or_zero_occ_atoms.label_seq_id 
_pdbx_unobs_or_zero_occ_atoms.label_atom_id 
1 1 Y 1 A LYS 169 ? CG ? A LYS 169 CG 
2 1 Y 1 A LYS 169 ? CD ? A LYS 169 CD 
3 1 Y 1 A LYS 169 ? CE ? A LYS 169 CE 
4 1 Y 1 A LYS 169 ? NZ ? A LYS 169 NZ 
# 
loop_
_pdbx_unobs_or_zero_occ_residues.id 
_pdbx_unobs_or_zero_occ_residues.PDB_model_num 
_pdbx_unobs_or_zero_occ_residues.polymer_flag 
_pdbx_unobs_or_zero_occ_residues.occupancy_flag 
_pdbx_unobs_or_zero_occ_residues.auth_asym_id 
_pdbx_unobs_or_zero_occ_residues.auth_comp_id 
_pdbx_unobs_or_zero_occ_residues.auth_seq_id 
_pdbx_unobs_or_zero_occ_residues.PDB_ins_code 
_pdbx_unobs_or_zero_occ_residues.label_asym_id 
_pdbx_unobs_or_zero_occ_residues.label_comp_id 
_pdbx_unobs_or_zero_occ_residues.label_seq_id 
1 1 Y 1 A MET 1 ? A MET 1 
2 1 Y 1 A SER 2 ? A SER 2 
3 1 Y 1 A SER 3 ? A SER 3 
4 1 Y 1 A SER 4 ? A SER 4 
5 1 Y 1 A HIS 5 ? A HIS 5 
6 1 Y 1 A LYS 6 ? A LYS 6 
# 
loop_
_chem_comp_atom.comp_id 
_chem_comp_atom.atom_id 
_chem_comp_atom.type_symbol 
_chem_comp_atom.pdbx_aromatic_flag 
_chem_comp_atom.pdbx_stereo_config 
_chem_comp_atom.pdbx_ordinal 
ALA N    N  N N 1   
ALA CA   C  N S 2   
ALA C    C  N N 3   
ALA O    O  N N 4   
ALA CB   C  N N 5   
ALA OXT  O  N N 6   
ALA H    H  N N 7   
ALA H2   H  N N 8   
ALA HA   H  N N 9   
ALA HB1  H  N N 10  
ALA HB2  H  N N 11  
ALA HB3  H  N N 12  
ALA HXT  H  N N 13  
ARG N    N  N N 14  
ARG CA   C  N S 15  
ARG C    C  N N 16  
ARG O    O  N N 17  
ARG CB   C  N N 18  
ARG CG   C  N N 19  
ARG CD   C  N N 20  
ARG NE   N  N N 21  
ARG CZ   C  N N 22  
ARG NH1  N  N N 23  
ARG NH2  N  N N 24  
ARG OXT  O  N N 25  
ARG H    H  N N 26  
ARG H2   H  N N 27  
ARG HA   H  N N 28  
ARG HB2  H  N N 29  
ARG HB3  H  N N 30  
ARG HG2  H  N N 31  
ARG HG3  H  N N 32  
ARG HD2  H  N N 33  
ARG HD3  H  N N 34  
ARG HE   H  N N 35  
ARG HH11 H  N N 36  
ARG HH12 H  N N 37  
ARG HH21 H  N N 38  
ARG HH22 H  N N 39  
ARG HXT  H  N N 40  
ASN N    N  N N 41  
ASN CA   C  N S 42  
ASN C    C  N N 43  
ASN O    O  N N 44  
ASN CB   C  N N 45  
ASN CG   C  N N 46  
ASN OD1  O  N N 47  
ASN ND2  N  N N 48  
ASN OXT  O  N N 49  
ASN H    H  N N 50  
ASN H2   H  N N 51  
ASN HA   H  N N 52  
ASN HB2  H  N N 53  
ASN HB3  H  N N 54  
ASN HD21 H  N N 55  
ASN HD22 H  N N 56  
ASN HXT  H  N N 57  
ASP N    N  N N 58  
ASP CA   C  N S 59  
ASP C    C  N N 60  
ASP O    O  N N 61  
ASP CB   C  N N 62  
ASP CG   C  N N 63  
ASP OD1  O  N N 64  
ASP OD2  O  N N 65  
ASP OXT  O  N N 66  
ASP H    H  N N 67  
ASP H2   H  N N 68  
ASP HA   H  N N 69  
ASP HB2  H  N N 70  
ASP HB3  H  N N 71  
ASP HD2  H  N N 72  
ASP HXT  H  N N 73  
CYS N    N  N N 74  
CYS CA   C  N R 75  
CYS C    C  N N 76  
CYS O    O  N N 77  
CYS CB   C  N N 78  
CYS SG   S  N N 79  
CYS OXT  O  N N 80  
CYS H    H  N N 81  
CYS H2   H  N N 82  
CYS HA   H  N N 83  
CYS HB2  H  N N 84  
CYS HB3  H  N N 85  
CYS HG   H  N N 86  
CYS HXT  H  N N 87  
GLN N    N  N N 88  
GLN CA   C  N S 89  
GLN C    C  N N 90  
GLN O    O  N N 91  
GLN CB   C  N N 92  
GLN CG   C  N N 93  
GLN CD   C  N N 94  
GLN OE1  O  N N 95  
GLN NE2  N  N N 96  
GLN OXT  O  N N 97  
GLN H    H  N N 98  
GLN H2   H  N N 99  
GLN HA   H  N N 100 
GLN HB2  H  N N 101 
GLN HB3  H  N N 102 
GLN HG2  H  N N 103 
GLN HG3  H  N N 104 
GLN HE21 H  N N 105 
GLN HE22 H  N N 106 
GLN HXT  H  N N 107 
GLU N    N  N N 108 
GLU CA   C  N S 109 
GLU C    C  N N 110 
GLU O    O  N N 111 
GLU CB   C  N N 112 
GLU CG   C  N N 113 
GLU CD   C  N N 114 
GLU OE1  O  N N 115 
GLU OE2  O  N N 116 
GLU OXT  O  N N 117 
GLU H    H  N N 118 
GLU H2   H  N N 119 
GLU HA   H  N N 120 
GLU HB2  H  N N 121 
GLU HB3  H  N N 122 
GLU HG2  H  N N 123 
GLU HG3  H  N N 124 
GLU HE2  H  N N 125 
GLU HXT  H  N N 126 
GLY N    N  N N 127 
GLY CA   C  N N 128 
GLY C    C  N N 129 
GLY O    O  N N 130 
GLY OXT  O  N N 131 
GLY H    H  N N 132 
GLY H2   H  N N 133 
GLY HA2  H  N N 134 
GLY HA3  H  N N 135 
GLY HXT  H  N N 136 
HIS N    N  N N 137 
HIS CA   C  N S 138 
HIS C    C  N N 139 
HIS O    O  N N 140 
HIS CB   C  N N 141 
HIS CG   C  Y N 142 
HIS ND1  N  Y N 143 
HIS CD2  C  Y N 144 
HIS CE1  C  Y N 145 
HIS NE2  N  Y N 146 
HIS OXT  O  N N 147 
HIS H    H  N N 148 
HIS H2   H  N N 149 
HIS HA   H  N N 150 
HIS HB2  H  N N 151 
HIS HB3  H  N N 152 
HIS HD1  H  N N 153 
HIS HD2  H  N N 154 
HIS HE1  H  N N 155 
HIS HE2  H  N N 156 
HIS HXT  H  N N 157 
HOH O    O  N N 158 
HOH H1   H  N N 159 
HOH H2   H  N N 160 
ILE N    N  N N 161 
ILE CA   C  N S 162 
ILE C    C  N N 163 
ILE O    O  N N 164 
ILE CB   C  N S 165 
ILE CG1  C  N N 166 
ILE CG2  C  N N 167 
ILE CD1  C  N N 168 
ILE OXT  O  N N 169 
ILE H    H  N N 170 
ILE H2   H  N N 171 
ILE HA   H  N N 172 
ILE HB   H  N N 173 
ILE HG12 H  N N 174 
ILE HG13 H  N N 175 
ILE HG21 H  N N 176 
ILE HG22 H  N N 177 
ILE HG23 H  N N 178 
ILE HD11 H  N N 179 
ILE HD12 H  N N 180 
ILE HD13 H  N N 181 
ILE HXT  H  N N 182 
LEU N    N  N N 183 
LEU CA   C  N S 184 
LEU C    C  N N 185 
LEU O    O  N N 186 
LEU CB   C  N N 187 
LEU CG   C  N N 188 
LEU CD1  C  N N 189 
LEU CD2  C  N N 190 
LEU OXT  O  N N 191 
LEU H    H  N N 192 
LEU H2   H  N N 193 
LEU HA   H  N N 194 
LEU HB2  H  N N 195 
LEU HB3  H  N N 196 
LEU HG   H  N N 197 
LEU HD11 H  N N 198 
LEU HD12 H  N N 199 
LEU HD13 H  N N 200 
LEU HD21 H  N N 201 
LEU HD22 H  N N 202 
LEU HD23 H  N N 203 
LEU HXT  H  N N 204 
LYS N    N  N N 205 
LYS CA   C  N S 206 
LYS C    C  N N 207 
LYS O    O  N N 208 
LYS CB   C  N N 209 
LYS CG   C  N N 210 
LYS CD   C  N N 211 
LYS CE   C  N N 212 
LYS NZ   N  N N 213 
LYS OXT  O  N N 214 
LYS H    H  N N 215 
LYS H2   H  N N 216 
LYS HA   H  N N 217 
LYS HB2  H  N N 218 
LYS HB3  H  N N 219 
LYS HG2  H  N N 220 
LYS HG3  H  N N 221 
LYS HD2  H  N N 222 
LYS HD3  H  N N 223 
LYS HE2  H  N N 224 
LYS HE3  H  N N 225 
LYS HZ1  H  N N 226 
LYS HZ2  H  N N 227 
LYS HZ3  H  N N 228 
LYS HXT  H  N N 229 
MET N    N  N N 230 
MET CA   C  N S 231 
MET C    C  N N 232 
MET O    O  N N 233 
MET CB   C  N N 234 
MET CG   C  N N 235 
MET SD   S  N N 236 
MET CE   C  N N 237 
MET OXT  O  N N 238 
MET H    H  N N 239 
MET H2   H  N N 240 
MET HA   H  N N 241 
MET HB2  H  N N 242 
MET HB3  H  N N 243 
MET HG2  H  N N 244 
MET HG3  H  N N 245 
MET HE1  H  N N 246 
MET HE2  H  N N 247 
MET HE3  H  N N 248 
MET HXT  H  N N 249 
PHE N    N  N N 250 
PHE CA   C  N S 251 
PHE C    C  N N 252 
PHE O    O  N N 253 
PHE CB   C  N N 254 
PHE CG   C  Y N 255 
PHE CD1  C  Y N 256 
PHE CD2  C  Y N 257 
PHE CE1  C  Y N 258 
PHE CE2  C  Y N 259 
PHE CZ   C  Y N 260 
PHE OXT  O  N N 261 
PHE H    H  N N 262 
PHE H2   H  N N 263 
PHE HA   H  N N 264 
PHE HB2  H  N N 265 
PHE HB3  H  N N 266 
PHE HD1  H  N N 267 
PHE HD2  H  N N 268 
PHE HE1  H  N N 269 
PHE HE2  H  N N 270 
PHE HZ   H  N N 271 
PHE HXT  H  N N 272 
POP P1   P  N N 273 
POP O1   O  N N 274 
POP O2   O  N N 275 
POP O3   O  N N 276 
POP O    O  N N 277 
POP P2   P  N N 278 
POP O4   O  N N 279 
POP O5   O  N N 280 
POP O6   O  N N 281 
POP HO2  H  N N 282 
POP HO5  H  N N 283 
PRO N    N  N N 284 
PRO CA   C  N S 285 
PRO C    C  N N 286 
PRO O    O  N N 287 
PRO CB   C  N N 288 
PRO CG   C  N N 289 
PRO CD   C  N N 290 
PRO OXT  O  N N 291 
PRO H    H  N N 292 
PRO HA   H  N N 293 
PRO HB2  H  N N 294 
PRO HB3  H  N N 295 
PRO HG2  H  N N 296 
PRO HG3  H  N N 297 
PRO HD2  H  N N 298 
PRO HD3  H  N N 299 
PRO HXT  H  N N 300 
SEC N    N  N N 301 
SEC CA   C  N R 302 
SEC CB   C  N N 303 
SEC SE   SE N N 304 
SEC C    C  N N 305 
SEC O    O  N N 306 
SEC OXT  O  N N 307 
SEC H    H  N N 308 
SEC H2   H  N N 309 
SEC HA   H  N N 310 
SEC HB2  H  N N 311 
SEC HB3  H  N N 312 
SEC HE   H  N N 313 
SEC HXT  H  N N 314 
SER N    N  N N 315 
SER CA   C  N S 316 
SER C    C  N N 317 
SER O    O  N N 318 
SER CB   C  N N 319 
SER OG   O  N N 320 
SER OXT  O  N N 321 
SER H    H  N N 322 
SER H2   H  N N 323 
SER HA   H  N N 324 
SER HB2  H  N N 325 
SER HB3  H  N N 326 
SER HG   H  N N 327 
SER HXT  H  N N 328 
THR N    N  N N 329 
THR CA   C  N S 330 
THR C    C  N N 331 
THR O    O  N N 332 
THR CB   C  N R 333 
THR OG1  O  N N 334 
THR CG2  C  N N 335 
THR OXT  O  N N 336 
THR H    H  N N 337 
THR H2   H  N N 338 
THR HA   H  N N 339 
THR HB   H  N N 340 
THR HG1  H  N N 341 
THR HG21 H  N N 342 
THR HG22 H  N N 343 
THR HG23 H  N N 344 
THR HXT  H  N N 345 
TRP N    N  N N 346 
TRP CA   C  N S 347 
TRP C    C  N N 348 
TRP O    O  N N 349 
TRP CB   C  N N 350 
TRP CG   C  Y N 351 
TRP CD1  C  Y N 352 
TRP CD2  C  Y N 353 
TRP NE1  N  Y N 354 
TRP CE2  C  Y N 355 
TRP CE3  C  Y N 356 
TRP CZ2  C  Y N 357 
TRP CZ3  C  Y N 358 
TRP CH2  C  Y N 359 
TRP OXT  O  N N 360 
TRP H    H  N N 361 
TRP H2   H  N N 362 
TRP HA   H  N N 363 
TRP HB2  H  N N 364 
TRP HB3  H  N N 365 
TRP HD1  H  N N 366 
TRP HE1  H  N N 367 
TRP HE3  H  N N 368 
TRP HZ2  H  N N 369 
TRP HZ3  H  N N 370 
TRP HH2  H  N N 371 
TRP HXT  H  N N 372 
TYR N    N  N N 373 
TYR CA   C  N S 374 
TYR C    C  N N 375 
TYR O    O  N N 376 
TYR CB   C  N N 377 
TYR CG   C  Y N 378 
TYR CD1  C  Y N 379 
TYR CD2  C  Y N 380 
TYR CE1  C  Y N 381 
TYR CE2  C  Y N 382 
TYR CZ   C  Y N 383 
TYR OH   O  N N 384 
TYR OXT  O  N N 385 
TYR H    H  N N 386 
TYR H2   H  N N 387 
TYR HA   H  N N 388 
TYR HB2  H  N N 389 
TYR HB3  H  N N 390 
TYR HD1  H  N N 391 
TYR HD2  H  N N 392 
TYR HE1  H  N N 393 
TYR HE2  H  N N 394 
TYR HH   H  N N 395 
TYR HXT  H  N N 396 
VAL N    N  N N 397 
VAL CA   C  N S 398 
VAL C    C  N N 399 
VAL O    O  N N 400 
VAL CB   C  N N 401 
VAL CG1  C  N N 402 
VAL CG2  C  N N 403 
VAL OXT  O  N N 404 
VAL H    H  N N 405 
VAL H2   H  N N 406 
VAL HA   H  N N 407 
VAL HB   H  N N 408 
VAL HG11 H  N N 409 
VAL HG12 H  N N 410 
VAL HG13 H  N N 411 
VAL HG21 H  N N 412 
VAL HG22 H  N N 413 
VAL HG23 H  N N 414 
VAL HXT  H  N N 415 
# 
loop_
_chem_comp_bond.comp_id 
_chem_comp_bond.atom_id_1 
_chem_comp_bond.atom_id_2 
_chem_comp_bond.value_order 
_chem_comp_bond.pdbx_aromatic_flag 
_chem_comp_bond.pdbx_stereo_config 
_chem_comp_bond.pdbx_ordinal 
ALA N   CA   sing N N 1   
ALA N   H    sing N N 2   
ALA N   H2   sing N N 3   
ALA CA  C    sing N N 4   
ALA CA  CB   sing N N 5   
ALA CA  HA   sing N N 6   
ALA C   O    doub N N 7   
ALA C   OXT  sing N N 8   
ALA CB  HB1  sing N N 9   
ALA CB  HB2  sing N N 10  
ALA CB  HB3  sing N N 11  
ALA OXT HXT  sing N N 12  
ARG N   CA   sing N N 13  
ARG N   H    sing N N 14  
ARG N   H2   sing N N 15  
ARG CA  C    sing N N 16  
ARG CA  CB   sing N N 17  
ARG CA  HA   sing N N 18  
ARG C   O    doub N N 19  
ARG C   OXT  sing N N 20  
ARG CB  CG   sing N N 21  
ARG CB  HB2  sing N N 22  
ARG CB  HB3  sing N N 23  
ARG CG  CD   sing N N 24  
ARG CG  HG2  sing N N 25  
ARG CG  HG3  sing N N 26  
ARG CD  NE   sing N N 27  
ARG CD  HD2  sing N N 28  
ARG CD  HD3  sing N N 29  
ARG NE  CZ   sing N N 30  
ARG NE  HE   sing N N 31  
ARG CZ  NH1  sing N N 32  
ARG CZ  NH2  doub N N 33  
ARG NH1 HH11 sing N N 34  
ARG NH1 HH12 sing N N 35  
ARG NH2 HH21 sing N N 36  
ARG NH2 HH22 sing N N 37  
ARG OXT HXT  sing N N 38  
ASN N   CA   sing N N 39  
ASN N   H    sing N N 40  
ASN N   H2   sing N N 41  
ASN CA  C    sing N N 42  
ASN CA  CB   sing N N 43  
ASN CA  HA   sing N N 44  
ASN C   O    doub N N 45  
ASN C   OXT  sing N N 46  
ASN CB  CG   sing N N 47  
ASN CB  HB2  sing N N 48  
ASN CB  HB3  sing N N 49  
ASN CG  OD1  doub N N 50  
ASN CG  ND2  sing N N 51  
ASN ND2 HD21 sing N N 52  
ASN ND2 HD22 sing N N 53  
ASN OXT HXT  sing N N 54  
ASP N   CA   sing N N 55  
ASP N   H    sing N N 56  
ASP N   H2   sing N N 57  
ASP CA  C    sing N N 58  
ASP CA  CB   sing N N 59  
ASP CA  HA   sing N N 60  
ASP C   O    doub N N 61  
ASP C   OXT  sing N N 62  
ASP CB  CG   sing N N 63  
ASP CB  HB2  sing N N 64  
ASP CB  HB3  sing N N 65  
ASP CG  OD1  doub N N 66  
ASP CG  OD2  sing N N 67  
ASP OD2 HD2  sing N N 68  
ASP OXT HXT  sing N N 69  
CYS N   CA   sing N N 70  
CYS N   H    sing N N 71  
CYS N   H2   sing N N 72  
CYS CA  C    sing N N 73  
CYS CA  CB   sing N N 74  
CYS CA  HA   sing N N 75  
CYS C   O    doub N N 76  
CYS C   OXT  sing N N 77  
CYS CB  SG   sing N N 78  
CYS CB  HB2  sing N N 79  
CYS CB  HB3  sing N N 80  
CYS SG  HG   sing N N 81  
CYS OXT HXT  sing N N 82  
GLN N   CA   sing N N 83  
GLN N   H    sing N N 84  
GLN N   H2   sing N N 85  
GLN CA  C    sing N N 86  
GLN CA  CB   sing N N 87  
GLN CA  HA   sing N N 88  
GLN C   O    doub N N 89  
GLN C   OXT  sing N N 90  
GLN CB  CG   sing N N 91  
GLN CB  HB2  sing N N 92  
GLN CB  HB3  sing N N 93  
GLN CG  CD   sing N N 94  
GLN CG  HG2  sing N N 95  
GLN CG  HG3  sing N N 96  
GLN CD  OE1  doub N N 97  
GLN CD  NE2  sing N N 98  
GLN NE2 HE21 sing N N 99  
GLN NE2 HE22 sing N N 100 
GLN OXT HXT  sing N N 101 
GLU N   CA   sing N N 102 
GLU N   H    sing N N 103 
GLU N   H2   sing N N 104 
GLU CA  C    sing N N 105 
GLU CA  CB   sing N N 106 
GLU CA  HA   sing N N 107 
GLU C   O    doub N N 108 
GLU C   OXT  sing N N 109 
GLU CB  CG   sing N N 110 
GLU CB  HB2  sing N N 111 
GLU CB  HB3  sing N N 112 
GLU CG  CD   sing N N 113 
GLU CG  HG2  sing N N 114 
GLU CG  HG3  sing N N 115 
GLU CD  OE1  doub N N 116 
GLU CD  OE2  sing N N 117 
GLU OE2 HE2  sing N N 118 
GLU OXT HXT  sing N N 119 
GLY N   CA   sing N N 120 
GLY N   H    sing N N 121 
GLY N   H2   sing N N 122 
GLY CA  C    sing N N 123 
GLY CA  HA2  sing N N 124 
GLY CA  HA3  sing N N 125 
GLY C   O    doub N N 126 
GLY C   OXT  sing N N 127 
GLY OXT HXT  sing N N 128 
HIS N   CA   sing N N 129 
HIS N   H    sing N N 130 
HIS N   H2   sing N N 131 
HIS CA  C    sing N N 132 
HIS CA  CB   sing N N 133 
HIS CA  HA   sing N N 134 
HIS C   O    doub N N 135 
HIS C   OXT  sing N N 136 
HIS CB  CG   sing N N 137 
HIS CB  HB2  sing N N 138 
HIS CB  HB3  sing N N 139 
HIS CG  ND1  sing Y N 140 
HIS CG  CD2  doub Y N 141 
HIS ND1 CE1  doub Y N 142 
HIS ND1 HD1  sing N N 143 
HIS CD2 NE2  sing Y N 144 
HIS CD2 HD2  sing N N 145 
HIS CE1 NE2  sing Y N 146 
HIS CE1 HE1  sing N N 147 
HIS NE2 HE2  sing N N 148 
HIS OXT HXT  sing N N 149 
HOH O   H1   sing N N 150 
HOH O   H2   sing N N 151 
ILE N   CA   sing N N 152 
ILE N   H    sing N N 153 
ILE N   H2   sing N N 154 
ILE CA  C    sing N N 155 
ILE CA  CB   sing N N 156 
ILE CA  HA   sing N N 157 
ILE C   O    doub N N 158 
ILE C   OXT  sing N N 159 
ILE CB  CG1  sing N N 160 
ILE CB  CG2  sing N N 161 
ILE CB  HB   sing N N 162 
ILE CG1 CD1  sing N N 163 
ILE CG1 HG12 sing N N 164 
ILE CG1 HG13 sing N N 165 
ILE CG2 HG21 sing N N 166 
ILE CG2 HG22 sing N N 167 
ILE CG2 HG23 sing N N 168 
ILE CD1 HD11 sing N N 169 
ILE CD1 HD12 sing N N 170 
ILE CD1 HD13 sing N N 171 
ILE OXT HXT  sing N N 172 
LEU N   CA   sing N N 173 
LEU N   H    sing N N 174 
LEU N   H2   sing N N 175 
LEU CA  C    sing N N 176 
LEU CA  CB   sing N N 177 
LEU CA  HA   sing N N 178 
LEU C   O    doub N N 179 
LEU C   OXT  sing N N 180 
LEU CB  CG   sing N N 181 
LEU CB  HB2  sing N N 182 
LEU CB  HB3  sing N N 183 
LEU CG  CD1  sing N N 184 
LEU CG  CD2  sing N N 185 
LEU CG  HG   sing N N 186 
LEU CD1 HD11 sing N N 187 
LEU CD1 HD12 sing N N 188 
LEU CD1 HD13 sing N N 189 
LEU CD2 HD21 sing N N 190 
LEU CD2 HD22 sing N N 191 
LEU CD2 HD23 sing N N 192 
LEU OXT HXT  sing N N 193 
LYS N   CA   sing N N 194 
LYS N   H    sing N N 195 
LYS N   H2   sing N N 196 
LYS CA  C    sing N N 197 
LYS CA  CB   sing N N 198 
LYS CA  HA   sing N N 199 
LYS C   O    doub N N 200 
LYS C   OXT  sing N N 201 
LYS CB  CG   sing N N 202 
LYS CB  HB2  sing N N 203 
LYS CB  HB3  sing N N 204 
LYS CG  CD   sing N N 205 
LYS CG  HG2  sing N N 206 
LYS CG  HG3  sing N N 207 
LYS CD  CE   sing N N 208 
LYS CD  HD2  sing N N 209 
LYS CD  HD3  sing N N 210 
LYS CE  NZ   sing N N 211 
LYS CE  HE2  sing N N 212 
LYS CE  HE3  sing N N 213 
LYS NZ  HZ1  sing N N 214 
LYS NZ  HZ2  sing N N 215 
LYS NZ  HZ3  sing N N 216 
LYS OXT HXT  sing N N 217 
MET N   CA   sing N N 218 
MET N   H    sing N N 219 
MET N   H2   sing N N 220 
MET CA  C    sing N N 221 
MET CA  CB   sing N N 222 
MET CA  HA   sing N N 223 
MET C   O    doub N N 224 
MET C   OXT  sing N N 225 
MET CB  CG   sing N N 226 
MET CB  HB2  sing N N 227 
MET CB  HB3  sing N N 228 
MET CG  SD   sing N N 229 
MET CG  HG2  sing N N 230 
MET CG  HG3  sing N N 231 
MET SD  CE   sing N N 232 
MET CE  HE1  sing N N 233 
MET CE  HE2  sing N N 234 
MET CE  HE3  sing N N 235 
MET OXT HXT  sing N N 236 
PHE N   CA   sing N N 237 
PHE N   H    sing N N 238 
PHE N   H2   sing N N 239 
PHE CA  C    sing N N 240 
PHE CA  CB   sing N N 241 
PHE CA  HA   sing N N 242 
PHE C   O    doub N N 243 
PHE C   OXT  sing N N 244 
PHE CB  CG   sing N N 245 
PHE CB  HB2  sing N N 246 
PHE CB  HB3  sing N N 247 
PHE CG  CD1  doub Y N 248 
PHE CG  CD2  sing Y N 249 
PHE CD1 CE1  sing Y N 250 
PHE CD1 HD1  sing N N 251 
PHE CD2 CE2  doub Y N 252 
PHE CD2 HD2  sing N N 253 
PHE CE1 CZ   doub Y N 254 
PHE CE1 HE1  sing N N 255 
PHE CE2 CZ   sing Y N 256 
PHE CE2 HE2  sing N N 257 
PHE CZ  HZ   sing N N 258 
PHE OXT HXT  sing N N 259 
POP P1  O1   doub N N 260 
POP P1  O2   sing N N 261 
POP P1  O3   sing N N 262 
POP P1  O    sing N N 263 
POP O2  HO2  sing N N 264 
POP O   P2   sing N N 265 
POP P2  O4   doub N N 266 
POP P2  O5   sing N N 267 
POP P2  O6   sing N N 268 
POP O5  HO5  sing N N 269 
PRO N   CA   sing N N 270 
PRO N   CD   sing N N 271 
PRO N   H    sing N N 272 
PRO CA  C    sing N N 273 
PRO CA  CB   sing N N 274 
PRO CA  HA   sing N N 275 
PRO C   O    doub N N 276 
PRO C   OXT  sing N N 277 
PRO CB  CG   sing N N 278 
PRO CB  HB2  sing N N 279 
PRO CB  HB3  sing N N 280 
PRO CG  CD   sing N N 281 
PRO CG  HG2  sing N N 282 
PRO CG  HG3  sing N N 283 
PRO CD  HD2  sing N N 284 
PRO CD  HD3  sing N N 285 
PRO OXT HXT  sing N N 286 
SEC N   CA   sing N N 287 
SEC N   H    sing N N 288 
SEC N   H2   sing N N 289 
SEC CA  CB   sing N N 290 
SEC CA  C    sing N N 291 
SEC CA  HA   sing N N 292 
SEC CB  SE   sing N N 293 
SEC CB  HB2  sing N N 294 
SEC CB  HB3  sing N N 295 
SEC SE  HE   sing N N 296 
SEC C   O    doub N N 297 
SEC C   OXT  sing N N 298 
SEC OXT HXT  sing N N 299 
SER N   CA   sing N N 300 
SER N   H    sing N N 301 
SER N   H2   sing N N 302 
SER CA  C    sing N N 303 
SER CA  CB   sing N N 304 
SER CA  HA   sing N N 305 
SER C   O    doub N N 306 
SER C   OXT  sing N N 307 
SER CB  OG   sing N N 308 
SER CB  HB2  sing N N 309 
SER CB  HB3  sing N N 310 
SER OG  HG   sing N N 311 
SER OXT HXT  sing N N 312 
THR N   CA   sing N N 313 
THR N   H    sing N N 314 
THR N   H2   sing N N 315 
THR CA  C    sing N N 316 
THR CA  CB   sing N N 317 
THR CA  HA   sing N N 318 
THR C   O    doub N N 319 
THR C   OXT  sing N N 320 
THR CB  OG1  sing N N 321 
THR CB  CG2  sing N N 322 
THR CB  HB   sing N N 323 
THR OG1 HG1  sing N N 324 
THR CG2 HG21 sing N N 325 
THR CG2 HG22 sing N N 326 
THR CG2 HG23 sing N N 327 
THR OXT HXT  sing N N 328 
TRP N   CA   sing N N 329 
TRP N   H    sing N N 330 
TRP N   H2   sing N N 331 
TRP CA  C    sing N N 332 
TRP CA  CB   sing N N 333 
TRP CA  HA   sing N N 334 
TRP C   O    doub N N 335 
TRP C   OXT  sing N N 336 
TRP CB  CG   sing N N 337 
TRP CB  HB2  sing N N 338 
TRP CB  HB3  sing N N 339 
TRP CG  CD1  doub Y N 340 
TRP CG  CD2  sing Y N 341 
TRP CD1 NE1  sing Y N 342 
TRP CD1 HD1  sing N N 343 
TRP CD2 CE2  doub Y N 344 
TRP CD2 CE3  sing Y N 345 
TRP NE1 CE2  sing Y N 346 
TRP NE1 HE1  sing N N 347 
TRP CE2 CZ2  sing Y N 348 
TRP CE3 CZ3  doub Y N 349 
TRP CE3 HE3  sing N N 350 
TRP CZ2 CH2  doub Y N 351 
TRP CZ2 HZ2  sing N N 352 
TRP CZ3 CH2  sing Y N 353 
TRP CZ3 HZ3  sing N N 354 
TRP CH2 HH2  sing N N 355 
TRP OXT HXT  sing N N 356 
TYR N   CA   sing N N 357 
TYR N   H    sing N N 358 
TYR N   H2   sing N N 359 
TYR CA  C    sing N N 360 
TYR CA  CB   sing N N 361 
TYR CA  HA   sing N N 362 
TYR C   O    doub N N 363 
TYR C   OXT  sing N N 364 
TYR CB  CG   sing N N 365 
TYR CB  HB2  sing N N 366 
TYR CB  HB3  sing N N 367 
TYR CG  CD1  doub Y N 368 
TYR CG  CD2  sing Y N 369 
TYR CD1 CE1  sing Y N 370 
TYR CD1 HD1  sing N N 371 
TYR CD2 CE2  doub Y N 372 
TYR CD2 HD2  sing N N 373 
TYR CE1 CZ   doub Y N 374 
TYR CE1 HE1  sing N N 375 
TYR CE2 CZ   sing Y N 376 
TYR CE2 HE2  sing N N 377 
TYR CZ  OH   sing N N 378 
TYR OH  HH   sing N N 379 
TYR OXT HXT  sing N N 380 
VAL N   CA   sing N N 381 
VAL N   H    sing N N 382 
VAL N   H2   sing N N 383 
VAL CA  C    sing N N 384 
VAL CA  CB   sing N N 385 
VAL CA  HA   sing N N 386 
VAL C   O    doub N N 387 
VAL C   OXT  sing N N 388 
VAL CB  CG1  sing N N 389 
VAL CB  CG2  sing N N 390 
VAL CB  HB   sing N N 391 
VAL CG1 HG11 sing N N 392 
VAL CG1 HG12 sing N N 393 
VAL CG1 HG13 sing N N 394 
VAL CG2 HG21 sing N N 395 
VAL CG2 HG22 sing N N 396 
VAL CG2 HG23 sing N N 397 
VAL OXT HXT  sing N N 398 
# 
loop_
_pdbx_entity_nonpoly.entity_id 
_pdbx_entity_nonpoly.name 
_pdbx_entity_nonpoly.comp_id 
2 'PYROPHOSPHATE 2-' POP 
3 water              HOH 
# 
_pdbx_initial_refinement_model.id               1 
_pdbx_initial_refinement_model.entity_id_list   ? 
_pdbx_initial_refinement_model.type             'experimental model' 
_pdbx_initial_refinement_model.source_name      PDB 
_pdbx_initial_refinement_model.accession_code   2V1M 
_pdbx_initial_refinement_model.details          'PDB ENTRY 2V1M' 
# 
